data_3G39
# 
_entry.id   3G39 
# 
_audit_conform.dict_name       mmcif_pdbx.dic 
_audit_conform.dict_version    5.399 
_audit_conform.dict_location   http://mmcif.pdb.org/dictionaries/ascii/mmcif_pdbx.dic 
# 
loop_
_database_2.database_id 
_database_2.database_code 
_database_2.pdbx_database_accession 
_database_2.pdbx_DOI 
PDB   3G39         pdb_00003g39 10.2210/pdb3g39/pdb 
RCSB  RCSB051367   ?            ?                   
WWPDB D_1000051367 ?            ?                   
# 
loop_
_pdbx_audit_revision_history.ordinal 
_pdbx_audit_revision_history.data_content_type 
_pdbx_audit_revision_history.major_revision 
_pdbx_audit_revision_history.minor_revision 
_pdbx_audit_revision_history.revision_date 
1 'Structure model' 1 0 2009-06-23 
2 'Structure model' 1 1 2011-07-13 
3 'Structure model' 1 2 2023-09-06 
4 'Structure model' 1 3 2024-11-20 
# 
_pdbx_audit_revision_details.ordinal             1 
_pdbx_audit_revision_details.revision_ordinal    1 
_pdbx_audit_revision_details.data_content_type   'Structure model' 
_pdbx_audit_revision_details.provider            repository 
_pdbx_audit_revision_details.type                'Initial release' 
_pdbx_audit_revision_details.description         ? 
_pdbx_audit_revision_details.details             ? 
# 
loop_
_pdbx_audit_revision_group.ordinal 
_pdbx_audit_revision_group.revision_ordinal 
_pdbx_audit_revision_group.data_content_type 
_pdbx_audit_revision_group.group 
1 2 'Structure model' 'Version format compliance' 
2 3 'Structure model' 'Data collection'           
3 3 'Structure model' 'Database references'       
4 3 'Structure model' 'Refinement description'    
5 4 'Structure model' 'Structure summary'         
# 
loop_
_pdbx_audit_revision_category.ordinal 
_pdbx_audit_revision_category.revision_ordinal 
_pdbx_audit_revision_category.data_content_type 
_pdbx_audit_revision_category.category 
1 3 'Structure model' chem_comp_atom                
2 3 'Structure model' chem_comp_bond                
3 3 'Structure model' database_2                    
4 3 'Structure model' pdbx_initial_refinement_model 
5 4 'Structure model' pdbx_entry_details            
6 4 'Structure model' pdbx_modification_feature     
# 
loop_
_pdbx_audit_revision_item.ordinal 
_pdbx_audit_revision_item.revision_ordinal 
_pdbx_audit_revision_item.data_content_type 
_pdbx_audit_revision_item.item 
1 3 'Structure model' '_database_2.pdbx_DOI'                
2 3 'Structure model' '_database_2.pdbx_database_accession' 
# 
_pdbx_database_status.status_code                     REL 
_pdbx_database_status.entry_id                        3G39 
_pdbx_database_status.recvd_initial_deposition_date   2009-02-02 
_pdbx_database_status.deposit_site                    RCSB 
_pdbx_database_status.process_site                    RCSB 
_pdbx_database_status.status_code_sf                  REL 
_pdbx_database_status.status_code_mr                  ? 
_pdbx_database_status.SG_entry                        ? 
_pdbx_database_status.pdb_format_compatible           Y 
_pdbx_database_status.status_code_cs                  ? 
_pdbx_database_status.status_code_nmr_data            ? 
_pdbx_database_status.methods_development_category    ? 
# 
loop_
_pdbx_database_related.db_name 
_pdbx_database_related.db_id 
_pdbx_database_related.details 
_pdbx_database_related.content_type 
PDB 3G3A . unspecified 
PDB 3G3B . unspecified 
# 
loop_
_audit_author.name 
_audit_author.pdbx_ordinal 
'Deng, L.'         1 
'Velikovsky, C.A.' 2 
'Mariuzza, R.A.'   3 
# 
_citation.id                        primary 
_citation.title                     'Structure of a lamprey variable lymphocyte receptor in complex with a protein antigen.' 
_citation.journal_abbrev            Nat.Struct.Mol.Biol. 
_citation.journal_volume            16 
_citation.page_first                725 
_citation.page_last                 730 
_citation.year                      2009 
_citation.journal_id_ASTM           ? 
_citation.country                   US 
_citation.journal_id_ISSN           1545-9993 
_citation.journal_id_CSD            ? 
_citation.book_publisher            ? 
_citation.pdbx_database_id_PubMed   19543291 
_citation.pdbx_database_id_DOI      10.1038/nsmb.1619 
# 
loop_
_citation_author.citation_id 
_citation_author.name 
_citation_author.ordinal 
_citation_author.identifier_ORCID 
primary 'Velikovsky, C.A.' 1 ? 
primary 'Deng, L.'         2 ? 
primary 'Tasumi, S.'       3 ? 
primary 'Iyer, L.M.'       4 ? 
primary 'Kerzic, M.C.'     5 ? 
primary 'Aravind, L.'      6 ? 
primary 'Pancer, Z.'       7 ? 
primary 'Mariuzza, R.A.'   8 ? 
# 
loop_
_entity.id 
_entity.type 
_entity.src_method 
_entity.pdbx_description 
_entity.formula_weight 
_entity.pdbx_number_of_molecules 
_entity.pdbx_ec 
_entity.pdbx_mutation 
_entity.pdbx_fragment 
_entity.details 
1 polymer man 'Variable lymphocyte receptor VLRB.2D' 18492.904 1   ? ? Ectodomain ? 
2 water   nat water                                  18.015    120 ? ? ?          ? 
# 
_entity_poly.entity_id                      1 
_entity_poly.type                           'polypeptide(L)' 
_entity_poly.nstd_linkage                   no 
_entity_poly.nstd_monomer                   no 
_entity_poly.pdbx_seq_one_letter_code       
;MACPSQCSCSGTTVDCSGKSLASVPTGIPTTTQVLYLYDNQITKLEPGVFDRLTQLTRLDLDNNQLTVLPAGVFDKLTQL
TQLSLNDNQLKSIPRGAFDNLKSLTHIWLLNNPWDCACSDILYLSRWISQHPGLVFGYLNLDPDSARCSGTNTPVRAVTE
ASTSPSKCPG
;
_entity_poly.pdbx_seq_one_letter_code_can   
;MACPSQCSCSGTTVDCSGKSLASVPTGIPTTTQVLYLYDNQITKLEPGVFDRLTQLTRLDLDNNQLTVLPAGVFDKLTQL
TQLSLNDNQLKSIPRGAFDNLKSLTHIWLLNNPWDCACSDILYLSRWISQHPGLVFGYLNLDPDSARCSGTNTPVRAVTE
ASTSPSKCPG
;
_entity_poly.pdbx_strand_id                 A 
_entity_poly.pdbx_target_identifier         ? 
# 
_pdbx_entity_nonpoly.entity_id   2 
_pdbx_entity_nonpoly.name        water 
_pdbx_entity_nonpoly.comp_id     HOH 
# 
loop_
_entity_poly_seq.entity_id 
_entity_poly_seq.num 
_entity_poly_seq.mon_id 
_entity_poly_seq.hetero 
1 1   MET n 
1 2   ALA n 
1 3   CYS n 
1 4   PRO n 
1 5   SER n 
1 6   GLN n 
1 7   CYS n 
1 8   SER n 
1 9   CYS n 
1 10  SER n 
1 11  GLY n 
1 12  THR n 
1 13  THR n 
1 14  VAL n 
1 15  ASP n 
1 16  CYS n 
1 17  SER n 
1 18  GLY n 
1 19  LYS n 
1 20  SER n 
1 21  LEU n 
1 22  ALA n 
1 23  SER n 
1 24  VAL n 
1 25  PRO n 
1 26  THR n 
1 27  GLY n 
1 28  ILE n 
1 29  PRO n 
1 30  THR n 
1 31  THR n 
1 32  THR n 
1 33  GLN n 
1 34  VAL n 
1 35  LEU n 
1 36  TYR n 
1 37  LEU n 
1 38  TYR n 
1 39  ASP n 
1 40  ASN n 
1 41  GLN n 
1 42  ILE n 
1 43  THR n 
1 44  LYS n 
1 45  LEU n 
1 46  GLU n 
1 47  PRO n 
1 48  GLY n 
1 49  VAL n 
1 50  PHE n 
1 51  ASP n 
1 52  ARG n 
1 53  LEU n 
1 54  THR n 
1 55  GLN n 
1 56  LEU n 
1 57  THR n 
1 58  ARG n 
1 59  LEU n 
1 60  ASP n 
1 61  LEU n 
1 62  ASP n 
1 63  ASN n 
1 64  ASN n 
1 65  GLN n 
1 66  LEU n 
1 67  THR n 
1 68  VAL n 
1 69  LEU n 
1 70  PRO n 
1 71  ALA n 
1 72  GLY n 
1 73  VAL n 
1 74  PHE n 
1 75  ASP n 
1 76  LYS n 
1 77  LEU n 
1 78  THR n 
1 79  GLN n 
1 80  LEU n 
1 81  THR n 
1 82  GLN n 
1 83  LEU n 
1 84  SER n 
1 85  LEU n 
1 86  ASN n 
1 87  ASP n 
1 88  ASN n 
1 89  GLN n 
1 90  LEU n 
1 91  LYS n 
1 92  SER n 
1 93  ILE n 
1 94  PRO n 
1 95  ARG n 
1 96  GLY n 
1 97  ALA n 
1 98  PHE n 
1 99  ASP n 
1 100 ASN n 
1 101 LEU n 
1 102 LYS n 
1 103 SER n 
1 104 LEU n 
1 105 THR n 
1 106 HIS n 
1 107 ILE n 
1 108 TRP n 
1 109 LEU n 
1 110 LEU n 
1 111 ASN n 
1 112 ASN n 
1 113 PRO n 
1 114 TRP n 
1 115 ASP n 
1 116 CYS n 
1 117 ALA n 
1 118 CYS n 
1 119 SER n 
1 120 ASP n 
1 121 ILE n 
1 122 LEU n 
1 123 TYR n 
1 124 LEU n 
1 125 SER n 
1 126 ARG n 
1 127 TRP n 
1 128 ILE n 
1 129 SER n 
1 130 GLN n 
1 131 HIS n 
1 132 PRO n 
1 133 GLY n 
1 134 LEU n 
1 135 VAL n 
1 136 PHE n 
1 137 GLY n 
1 138 TYR n 
1 139 LEU n 
1 140 ASN n 
1 141 LEU n 
1 142 ASP n 
1 143 PRO n 
1 144 ASP n 
1 145 SER n 
1 146 ALA n 
1 147 ARG n 
1 148 CYS n 
1 149 SER n 
1 150 GLY n 
1 151 THR n 
1 152 ASN n 
1 153 THR n 
1 154 PRO n 
1 155 VAL n 
1 156 ARG n 
1 157 ALA n 
1 158 VAL n 
1 159 THR n 
1 160 GLU n 
1 161 ALA n 
1 162 SER n 
1 163 THR n 
1 164 SER n 
1 165 PRO n 
1 166 SER n 
1 167 LYS n 
1 168 CYS n 
1 169 PRO n 
1 170 GLY n 
# 
_entity_src_gen.entity_id                          1 
_entity_src_gen.pdbx_src_id                        1 
_entity_src_gen.pdbx_alt_source_flag               sample 
_entity_src_gen.pdbx_seq_type                      ? 
_entity_src_gen.pdbx_beg_seq_num                   ? 
_entity_src_gen.pdbx_end_seq_num                   ? 
_entity_src_gen.gene_src_common_name               'sea lamprey' 
_entity_src_gen.gene_src_genus                     ? 
_entity_src_gen.pdbx_gene_src_gene                 vlr 
_entity_src_gen.gene_src_species                   ? 
_entity_src_gen.gene_src_strain                    ? 
_entity_src_gen.gene_src_tissue                    ? 
_entity_src_gen.gene_src_tissue_fraction           ? 
_entity_src_gen.gene_src_details                   ? 
_entity_src_gen.pdbx_gene_src_fragment             ? 
_entity_src_gen.pdbx_gene_src_scientific_name      'Petromyzon marinus' 
_entity_src_gen.pdbx_gene_src_ncbi_taxonomy_id     7757 
_entity_src_gen.pdbx_gene_src_variant              ? 
_entity_src_gen.pdbx_gene_src_cell_line            ? 
_entity_src_gen.pdbx_gene_src_atcc                 ? 
_entity_src_gen.pdbx_gene_src_organ                ? 
_entity_src_gen.pdbx_gene_src_organelle            ? 
_entity_src_gen.pdbx_gene_src_cell                 ? 
_entity_src_gen.pdbx_gene_src_cellular_location    ? 
_entity_src_gen.host_org_common_name               ? 
_entity_src_gen.pdbx_host_org_scientific_name      'Escherichia coli' 
_entity_src_gen.pdbx_host_org_ncbi_taxonomy_id     562 
_entity_src_gen.host_org_genus                     ? 
_entity_src_gen.pdbx_host_org_gene                 ? 
_entity_src_gen.pdbx_host_org_organ                ? 
_entity_src_gen.host_org_species                   ? 
_entity_src_gen.pdbx_host_org_tissue               ? 
_entity_src_gen.pdbx_host_org_tissue_fraction      ? 
_entity_src_gen.pdbx_host_org_strain               'BL21-CodonPlus(DE3)-RIL' 
_entity_src_gen.pdbx_host_org_variant              ? 
_entity_src_gen.pdbx_host_org_cell_line            ? 
_entity_src_gen.pdbx_host_org_atcc                 ? 
_entity_src_gen.pdbx_host_org_culture_collection   ? 
_entity_src_gen.pdbx_host_org_cell                 ? 
_entity_src_gen.pdbx_host_org_organelle            ? 
_entity_src_gen.pdbx_host_org_cellular_location    ? 
_entity_src_gen.pdbx_host_org_vector_type          plasmid 
_entity_src_gen.pdbx_host_org_vector               ? 
_entity_src_gen.host_org_details                   ? 
_entity_src_gen.expression_system_id               ? 
_entity_src_gen.plasmid_name                       pT7.7 
_entity_src_gen.plasmid_details                    ? 
_entity_src_gen.pdbx_description                   ? 
# 
loop_
_chem_comp.id 
_chem_comp.type 
_chem_comp.mon_nstd_flag 
_chem_comp.name 
_chem_comp.pdbx_synonyms 
_chem_comp.formula 
_chem_comp.formula_weight 
ALA 'L-peptide linking' y ALANINE         ? 'C3 H7 N O2'     89.093  
ARG 'L-peptide linking' y ARGININE        ? 'C6 H15 N4 O2 1' 175.209 
ASN 'L-peptide linking' y ASPARAGINE      ? 'C4 H8 N2 O3'    132.118 
ASP 'L-peptide linking' y 'ASPARTIC ACID' ? 'C4 H7 N O4'     133.103 
CYS 'L-peptide linking' y CYSTEINE        ? 'C3 H7 N O2 S'   121.158 
GLN 'L-peptide linking' y GLUTAMINE       ? 'C5 H10 N2 O3'   146.144 
GLU 'L-peptide linking' y 'GLUTAMIC ACID' ? 'C5 H9 N O4'     147.129 
GLY 'peptide linking'   y GLYCINE         ? 'C2 H5 N O2'     75.067  
HIS 'L-peptide linking' y HISTIDINE       ? 'C6 H10 N3 O2 1' 156.162 
HOH non-polymer         . WATER           ? 'H2 O'           18.015  
ILE 'L-peptide linking' y ISOLEUCINE      ? 'C6 H13 N O2'    131.173 
LEU 'L-peptide linking' y LEUCINE         ? 'C6 H13 N O2'    131.173 
LYS 'L-peptide linking' y LYSINE          ? 'C6 H15 N2 O2 1' 147.195 
MET 'L-peptide linking' y METHIONINE      ? 'C5 H11 N O2 S'  149.211 
PHE 'L-peptide linking' y PHENYLALANINE   ? 'C9 H11 N O2'    165.189 
PRO 'L-peptide linking' y PROLINE         ? 'C5 H9 N O2'     115.130 
SER 'L-peptide linking' y SERINE          ? 'C3 H7 N O3'     105.093 
THR 'L-peptide linking' y THREONINE       ? 'C4 H9 N O3'     119.119 
TRP 'L-peptide linking' y TRYPTOPHAN      ? 'C11 H12 N2 O2'  204.225 
TYR 'L-peptide linking' y TYROSINE        ? 'C9 H11 N O3'    181.189 
VAL 'L-peptide linking' y VALINE          ? 'C5 H11 N O2'    117.146 
# 
loop_
_pdbx_poly_seq_scheme.asym_id 
_pdbx_poly_seq_scheme.entity_id 
_pdbx_poly_seq_scheme.seq_id 
_pdbx_poly_seq_scheme.mon_id 
_pdbx_poly_seq_scheme.ndb_seq_num 
_pdbx_poly_seq_scheme.pdb_seq_num 
_pdbx_poly_seq_scheme.auth_seq_num 
_pdbx_poly_seq_scheme.pdb_mon_id 
_pdbx_poly_seq_scheme.auth_mon_id 
_pdbx_poly_seq_scheme.pdb_strand_id 
_pdbx_poly_seq_scheme.pdb_ins_code 
_pdbx_poly_seq_scheme.hetero 
A 1 1   MET 1   0   ?   ?   ?   A . n 
A 1 2   ALA 2   1   1   ALA ALA A . n 
A 1 3   CYS 3   2   2   CYS CYS A . n 
A 1 4   PRO 4   3   3   PRO PRO A . n 
A 1 5   SER 5   4   ?   ?   ?   A . n 
A 1 6   GLN 6   5   5   GLN GLN A . n 
A 1 7   CYS 7   6   6   CYS CYS A . n 
A 1 8   SER 8   7   7   SER SER A . n 
A 1 9   CYS 9   8   8   CYS CYS A . n 
A 1 10  SER 10  9   9   SER SER A . n 
A 1 11  GLY 11  10  10  GLY GLY A . n 
A 1 12  THR 12  11  11  THR THR A . n 
A 1 13  THR 13  12  12  THR THR A . n 
A 1 14  VAL 14  13  13  VAL VAL A . n 
A 1 15  ASP 15  14  14  ASP ASP A . n 
A 1 16  CYS 16  15  15  CYS CYS A . n 
A 1 17  SER 17  16  16  SER SER A . n 
A 1 18  GLY 18  17  17  GLY GLY A . n 
A 1 19  LYS 19  18  18  LYS LYS A . n 
A 1 20  SER 20  19  19  SER SER A . n 
A 1 21  LEU 21  20  20  LEU LEU A . n 
A 1 22  ALA 22  21  21  ALA ALA A . n 
A 1 23  SER 23  22  22  SER SER A . n 
A 1 24  VAL 24  23  23  VAL VAL A . n 
A 1 25  PRO 25  24  24  PRO PRO A . n 
A 1 26  THR 26  25  25  THR THR A . n 
A 1 27  GLY 27  26  26  GLY GLY A . n 
A 1 28  ILE 28  27  27  ILE ILE A . n 
A 1 29  PRO 29  28  28  PRO PRO A . n 
A 1 30  THR 30  29  29  THR THR A . n 
A 1 31  THR 31  30  30  THR THR A . n 
A 1 32  THR 32  31  31  THR THR A . n 
A 1 33  GLN 33  32  32  GLN GLN A . n 
A 1 34  VAL 34  33  33  VAL VAL A . n 
A 1 35  LEU 35  34  34  LEU LEU A . n 
A 1 36  TYR 36  35  35  TYR TYR A . n 
A 1 37  LEU 37  36  36  LEU LEU A . n 
A 1 38  TYR 38  37  37  TYR TYR A . n 
A 1 39  ASP 39  38  38  ASP ASP A . n 
A 1 40  ASN 40  39  39  ASN ASN A . n 
A 1 41  GLN 41  40  40  GLN GLN A . n 
A 1 42  ILE 42  41  41  ILE ILE A . n 
A 1 43  THR 43  42  42  THR THR A . n 
A 1 44  LYS 44  43  43  LYS LYS A . n 
A 1 45  LEU 45  44  44  LEU LEU A . n 
A 1 46  GLU 46  45  45  GLU GLU A . n 
A 1 47  PRO 47  46  46  PRO PRO A . n 
A 1 48  GLY 48  47  47  GLY GLY A . n 
A 1 49  VAL 49  48  48  VAL VAL A . n 
A 1 50  PHE 50  49  49  PHE PHE A . n 
A 1 51  ASP 51  50  50  ASP ASP A . n 
A 1 52  ARG 52  51  51  ARG ARG A . n 
A 1 53  LEU 53  52  52  LEU LEU A . n 
A 1 54  THR 54  53  53  THR THR A . n 
A 1 55  GLN 55  54  54  GLN GLN A . n 
A 1 56  LEU 56  55  55  LEU LEU A . n 
A 1 57  THR 57  56  56  THR THR A . n 
A 1 58  ARG 58  57  57  ARG ARG A . n 
A 1 59  LEU 59  58  58  LEU LEU A . n 
A 1 60  ASP 60  59  59  ASP ASP A . n 
A 1 61  LEU 61  60  60  LEU LEU A . n 
A 1 62  ASP 62  61  61  ASP ASP A . n 
A 1 63  ASN 63  62  62  ASN ASN A . n 
A 1 64  ASN 64  63  63  ASN ASN A . n 
A 1 65  GLN 65  64  64  GLN GLN A . n 
A 1 66  LEU 66  65  65  LEU LEU A . n 
A 1 67  THR 67  66  66  THR THR A . n 
A 1 68  VAL 68  67  67  VAL VAL A . n 
A 1 69  LEU 69  68  68  LEU LEU A . n 
A 1 70  PRO 70  69  69  PRO PRO A . n 
A 1 71  ALA 71  70  70  ALA ALA A . n 
A 1 72  GLY 72  71  71  GLY GLY A . n 
A 1 73  VAL 73  72  72  VAL VAL A . n 
A 1 74  PHE 74  73  73  PHE PHE A . n 
A 1 75  ASP 75  74  74  ASP ASP A . n 
A 1 76  LYS 76  75  75  LYS LYS A . n 
A 1 77  LEU 77  76  76  LEU LEU A . n 
A 1 78  THR 78  77  77  THR THR A . n 
A 1 79  GLN 79  78  78  GLN GLN A . n 
A 1 80  LEU 80  79  79  LEU LEU A . n 
A 1 81  THR 81  80  80  THR THR A . n 
A 1 82  GLN 82  81  81  GLN GLN A . n 
A 1 83  LEU 83  82  82  LEU LEU A . n 
A 1 84  SER 84  83  83  SER SER A . n 
A 1 85  LEU 85  84  84  LEU LEU A . n 
A 1 86  ASN 86  85  85  ASN ASN A . n 
A 1 87  ASP 87  86  86  ASP ASP A . n 
A 1 88  ASN 88  87  87  ASN ASN A . n 
A 1 89  GLN 89  88  88  GLN GLN A . n 
A 1 90  LEU 90  89  89  LEU LEU A . n 
A 1 91  LYS 91  90  90  LYS LYS A . n 
A 1 92  SER 92  91  91  SER SER A . n 
A 1 93  ILE 93  92  92  ILE ILE A . n 
A 1 94  PRO 94  93  93  PRO PRO A . n 
A 1 95  ARG 95  94  94  ARG ARG A . n 
A 1 96  GLY 96  95  95  GLY GLY A . n 
A 1 97  ALA 97  96  96  ALA ALA A . n 
A 1 98  PHE 98  97  97  PHE PHE A . n 
A 1 99  ASP 99  98  98  ASP ASP A . n 
A 1 100 ASN 100 99  99  ASN ASN A . n 
A 1 101 LEU 101 100 100 LEU LEU A . n 
A 1 102 LYS 102 101 101 LYS LYS A . n 
A 1 103 SER 103 102 102 SER SER A . n 
A 1 104 LEU 104 103 103 LEU LEU A . n 
A 1 105 THR 105 104 104 THR THR A . n 
A 1 106 HIS 106 105 105 HIS HIS A . n 
A 1 107 ILE 107 106 106 ILE ILE A . n 
A 1 108 TRP 108 107 107 TRP TRP A . n 
A 1 109 LEU 109 108 108 LEU LEU A . n 
A 1 110 LEU 110 109 109 LEU LEU A . n 
A 1 111 ASN 111 110 110 ASN ASN A . n 
A 1 112 ASN 112 111 111 ASN ASN A . n 
A 1 113 PRO 113 112 112 PRO PRO A . n 
A 1 114 TRP 114 113 113 TRP TRP A . n 
A 1 115 ASP 115 114 114 ASP ASP A . n 
A 1 116 CYS 116 115 115 CYS CYS A . n 
A 1 117 ALA 117 116 116 ALA ALA A . n 
A 1 118 CYS 118 117 117 CYS CYS A . n 
A 1 119 SER 119 118 118 SER SER A . n 
A 1 120 ASP 120 119 119 ASP ASP A . n 
A 1 121 ILE 121 120 120 ILE ILE A . n 
A 1 122 LEU 122 121 121 LEU LEU A . n 
A 1 123 TYR 123 122 122 TYR TYR A . n 
A 1 124 LEU 124 123 123 LEU LEU A . n 
A 1 125 SER 125 124 124 SER SER A . n 
A 1 126 ARG 126 125 125 ARG ARG A . n 
A 1 127 TRP 127 126 126 TRP TRP A . n 
A 1 128 ILE 128 127 127 ILE ILE A . n 
A 1 129 SER 129 128 128 SER SER A . n 
A 1 130 GLN 130 129 129 GLN GLN A . n 
A 1 131 HIS 131 130 130 HIS HIS A . n 
A 1 132 PRO 132 131 131 PRO PRO A . n 
A 1 133 GLY 133 132 132 GLY GLY A . n 
A 1 134 LEU 134 133 133 LEU LEU A . n 
A 1 135 VAL 135 134 134 VAL VAL A . n 
A 1 136 PHE 136 135 135 PHE PHE A . n 
A 1 137 GLY 137 136 136 GLY GLY A . n 
A 1 138 TYR 138 137 137 TYR TYR A . n 
A 1 139 LEU 139 138 138 LEU LEU A . n 
A 1 140 ASN 140 139 139 ASN ASN A . n 
A 1 141 LEU 141 140 140 LEU LEU A . n 
A 1 142 ASP 142 141 141 ASP ASP A . n 
A 1 143 PRO 143 142 142 PRO PRO A . n 
A 1 144 ASP 144 143 143 ASP ASP A . n 
A 1 145 SER 145 144 144 SER SER A . n 
A 1 146 ALA 146 145 145 ALA ALA A . n 
A 1 147 ARG 147 146 146 ARG ARG A . n 
A 1 148 CYS 148 147 147 CYS CYS A . n 
A 1 149 SER 149 148 148 SER SER A . n 
A 1 150 GLY 150 149 149 GLY GLY A . n 
A 1 151 THR 151 150 ?   ?   ?   A . n 
A 1 152 ASN 152 151 151 ASN ASN A . n 
A 1 153 THR 153 152 152 THR THR A . n 
A 1 154 PRO 154 153 153 PRO PRO A . n 
A 1 155 VAL 155 154 154 VAL VAL A . n 
A 1 156 ARG 156 155 155 ARG ARG A . n 
A 1 157 ALA 157 156 156 ALA ALA A . n 
A 1 158 VAL 158 157 157 VAL VAL A . n 
A 1 159 THR 159 158 158 THR THR A . n 
A 1 160 GLU 160 159 159 GLU GLU A . n 
A 1 161 ALA 161 160 160 ALA ALA A . n 
A 1 162 SER 162 161 161 SER SER A . n 
A 1 163 THR 163 162 162 THR THR A . n 
A 1 164 SER 164 163 163 SER SER A . n 
A 1 165 PRO 165 164 164 PRO PRO A . n 
A 1 166 SER 166 165 165 SER SER A . n 
A 1 167 LYS 167 166 166 LYS LYS A . n 
A 1 168 CYS 168 167 167 CYS CYS A . n 
A 1 169 PRO 169 168 ?   ?   ?   A . n 
A 1 170 GLY 170 169 ?   ?   ?   A . n 
# 
loop_
_pdbx_nonpoly_scheme.asym_id 
_pdbx_nonpoly_scheme.entity_id 
_pdbx_nonpoly_scheme.mon_id 
_pdbx_nonpoly_scheme.ndb_seq_num 
_pdbx_nonpoly_scheme.pdb_seq_num 
_pdbx_nonpoly_scheme.auth_seq_num 
_pdbx_nonpoly_scheme.pdb_mon_id 
_pdbx_nonpoly_scheme.auth_mon_id 
_pdbx_nonpoly_scheme.pdb_strand_id 
_pdbx_nonpoly_scheme.pdb_ins_code 
B 2 HOH 1   170 1   HOH HOH A . 
B 2 HOH 2   171 2   HOH HOH A . 
B 2 HOH 3   172 3   HOH HOH A . 
B 2 HOH 4   173 4   HOH HOH A . 
B 2 HOH 5   174 5   HOH HOH A . 
B 2 HOH 6   175 6   HOH HOH A . 
B 2 HOH 7   176 7   HOH HOH A . 
B 2 HOH 8   177 8   HOH HOH A . 
B 2 HOH 9   178 9   HOH HOH A . 
B 2 HOH 10  179 10  HOH HOH A . 
B 2 HOH 11  180 11  HOH HOH A . 
B 2 HOH 12  181 12  HOH HOH A . 
B 2 HOH 13  182 13  HOH HOH A . 
B 2 HOH 14  183 14  HOH HOH A . 
B 2 HOH 15  184 15  HOH HOH A . 
B 2 HOH 16  185 16  HOH HOH A . 
B 2 HOH 17  186 17  HOH HOH A . 
B 2 HOH 18  187 18  HOH HOH A . 
B 2 HOH 19  188 19  HOH HOH A . 
B 2 HOH 20  189 20  HOH HOH A . 
B 2 HOH 21  190 21  HOH HOH A . 
B 2 HOH 22  191 22  HOH HOH A . 
B 2 HOH 23  192 23  HOH HOH A . 
B 2 HOH 24  193 24  HOH HOH A . 
B 2 HOH 25  194 25  HOH HOH A . 
B 2 HOH 26  195 26  HOH HOH A . 
B 2 HOH 27  196 27  HOH HOH A . 
B 2 HOH 28  197 28  HOH HOH A . 
B 2 HOH 29  198 29  HOH HOH A . 
B 2 HOH 30  199 30  HOH HOH A . 
B 2 HOH 31  200 31  HOH HOH A . 
B 2 HOH 32  201 32  HOH HOH A . 
B 2 HOH 33  202 33  HOH HOH A . 
B 2 HOH 34  203 34  HOH HOH A . 
B 2 HOH 35  204 35  HOH HOH A . 
B 2 HOH 36  205 36  HOH HOH A . 
B 2 HOH 37  206 37  HOH HOH A . 
B 2 HOH 38  207 38  HOH HOH A . 
B 2 HOH 39  208 39  HOH HOH A . 
B 2 HOH 40  209 40  HOH HOH A . 
B 2 HOH 41  210 41  HOH HOH A . 
B 2 HOH 42  211 42  HOH HOH A . 
B 2 HOH 43  212 43  HOH HOH A . 
B 2 HOH 44  213 44  HOH HOH A . 
B 2 HOH 45  214 45  HOH HOH A . 
B 2 HOH 46  215 46  HOH HOH A . 
B 2 HOH 47  216 47  HOH HOH A . 
B 2 HOH 48  217 48  HOH HOH A . 
B 2 HOH 49  218 49  HOH HOH A . 
B 2 HOH 50  219 50  HOH HOH A . 
B 2 HOH 51  220 51  HOH HOH A . 
B 2 HOH 52  221 52  HOH HOH A . 
B 2 HOH 53  222 53  HOH HOH A . 
B 2 HOH 54  223 54  HOH HOH A . 
B 2 HOH 55  224 55  HOH HOH A . 
B 2 HOH 56  225 56  HOH HOH A . 
B 2 HOH 57  226 57  HOH HOH A . 
B 2 HOH 58  227 58  HOH HOH A . 
B 2 HOH 59  228 59  HOH HOH A . 
B 2 HOH 60  229 60  HOH HOH A . 
B 2 HOH 61  230 61  HOH HOH A . 
B 2 HOH 62  231 62  HOH HOH A . 
B 2 HOH 63  232 63  HOH HOH A . 
B 2 HOH 64  233 64  HOH HOH A . 
B 2 HOH 65  234 65  HOH HOH A . 
B 2 HOH 66  235 66  HOH HOH A . 
B 2 HOH 67  236 67  HOH HOH A . 
B 2 HOH 68  237 68  HOH HOH A . 
B 2 HOH 69  238 69  HOH HOH A . 
B 2 HOH 70  239 70  HOH HOH A . 
B 2 HOH 71  240 71  HOH HOH A . 
B 2 HOH 72  241 72  HOH HOH A . 
B 2 HOH 73  242 73  HOH HOH A . 
B 2 HOH 74  243 74  HOH HOH A . 
B 2 HOH 75  244 75  HOH HOH A . 
B 2 HOH 76  245 76  HOH HOH A . 
B 2 HOH 77  246 77  HOH HOH A . 
B 2 HOH 78  247 78  HOH HOH A . 
B 2 HOH 79  248 79  HOH HOH A . 
B 2 HOH 80  249 80  HOH HOH A . 
B 2 HOH 81  250 81  HOH HOH A . 
B 2 HOH 82  251 82  HOH HOH A . 
B 2 HOH 83  252 83  HOH HOH A . 
B 2 HOH 84  253 84  HOH HOH A . 
B 2 HOH 85  254 85  HOH HOH A . 
B 2 HOH 86  255 86  HOH HOH A . 
B 2 HOH 87  256 87  HOH HOH A . 
B 2 HOH 88  257 88  HOH HOH A . 
B 2 HOH 89  258 89  HOH HOH A . 
B 2 HOH 90  259 90  HOH HOH A . 
B 2 HOH 91  260 91  HOH HOH A . 
B 2 HOH 92  261 92  HOH HOH A . 
B 2 HOH 93  262 93  HOH HOH A . 
B 2 HOH 94  263 94  HOH HOH A . 
B 2 HOH 95  264 95  HOH HOH A . 
B 2 HOH 96  265 96  HOH HOH A . 
B 2 HOH 97  266 97  HOH HOH A . 
B 2 HOH 98  267 98  HOH HOH A . 
B 2 HOH 99  268 99  HOH HOH A . 
B 2 HOH 100 269 100 HOH HOH A . 
B 2 HOH 101 270 101 HOH HOH A . 
B 2 HOH 102 271 102 HOH HOH A . 
B 2 HOH 103 272 103 HOH HOH A . 
B 2 HOH 104 273 104 HOH HOH A . 
B 2 HOH 105 274 105 HOH HOH A . 
B 2 HOH 106 275 106 HOH HOH A . 
B 2 HOH 107 276 107 HOH HOH A . 
B 2 HOH 108 277 108 HOH HOH A . 
B 2 HOH 109 278 109 HOH HOH A . 
B 2 HOH 110 279 110 HOH HOH A . 
B 2 HOH 111 280 111 HOH HOH A . 
B 2 HOH 112 281 112 HOH HOH A . 
B 2 HOH 113 282 113 HOH HOH A . 
B 2 HOH 114 283 114 HOH HOH A . 
B 2 HOH 115 284 115 HOH HOH A . 
B 2 HOH 116 285 116 HOH HOH A . 
B 2 HOH 117 286 117 HOH HOH A . 
B 2 HOH 118 287 118 HOH HOH A . 
B 2 HOH 119 288 119 HOH HOH A . 
B 2 HOH 120 289 120 HOH HOH A . 
# 
loop_
_software.name 
_software.classification 
_software.version 
_software.citation_id 
_software.pdbx_ordinal 
HKL-2000 'data collection' .        ? 1 
PHASER   phasing           .        ? 2 
REFMAC   refinement        5.2.0019 ? 3 
HKL-2000 'data reduction'  .        ? 4 
HKL-2000 'data scaling'    .        ? 5 
# 
_cell.entry_id           3G39 
_cell.length_a           49.543 
_cell.length_b           49.543 
_cell.length_c           97.912 
_cell.angle_alpha        90.00 
_cell.angle_beta         90.00 
_cell.angle_gamma        120.00 
_cell.Z_PDB              6 
_cell.pdbx_unique_axis   ? 
_cell.length_a_esd       ? 
_cell.length_b_esd       ? 
_cell.length_c_esd       ? 
_cell.angle_alpha_esd    ? 
_cell.angle_beta_esd     ? 
_cell.angle_gamma_esd    ? 
# 
_symmetry.entry_id                         3G39 
_symmetry.space_group_name_H-M             'P 65' 
_symmetry.pdbx_full_space_group_name_H-M   ? 
_symmetry.cell_setting                     ? 
_symmetry.Int_Tables_number                170 
_symmetry.space_group_name_Hall            ? 
# 
_exptl.entry_id          3G39 
_exptl.method            'X-RAY DIFFRACTION' 
_exptl.crystals_number   1 
# 
_exptl_crystal.id                    1 
_exptl_crystal.density_meas          ? 
_exptl_crystal.density_Matthews      1.88 
_exptl_crystal.density_percent_sol   34.43 
_exptl_crystal.description           ? 
_exptl_crystal.F_000                 ? 
_exptl_crystal.preparation           ? 
# 
_exptl_crystal_grow.crystal_id      1 
_exptl_crystal_grow.method          EVAPORATION 
_exptl_crystal_grow.temp            296 
_exptl_crystal_grow.temp_details    ? 
_exptl_crystal_grow.pH              7.5 
_exptl_crystal_grow.pdbx_details    '70% (w/v) 2-methyl-2,4-pentanediol and 0.1 M Hepes, pH 7.5, EVAPORATION, temperature 296K' 
_exptl_crystal_grow.pdbx_pH_range   ? 
# 
_diffrn.id                     1 
_diffrn.ambient_temp           100 
_diffrn.ambient_temp_details   ? 
_diffrn.crystal_id             1 
# 
_diffrn_detector.diffrn_id              1 
_diffrn_detector.detector               CCD 
_diffrn_detector.type                   'ADSC QUANTUM 315' 
_diffrn_detector.pdbx_collection_date   2008-07-01 
_diffrn_detector.details                ? 
# 
_diffrn_radiation.diffrn_id                        1 
_diffrn_radiation.wavelength_id                    1 
_diffrn_radiation.pdbx_monochromatic_or_laue_m_l   M 
_diffrn_radiation.monochromator                    ? 
_diffrn_radiation.pdbx_diffrn_protocol             'SINGLE WAVELENGTH' 
_diffrn_radiation.pdbx_scattering_type             x-ray 
# 
_diffrn_radiation_wavelength.id           1 
_diffrn_radiation_wavelength.wavelength   1.0 
_diffrn_radiation_wavelength.wt           1.0 
# 
_diffrn_source.diffrn_id                   1 
_diffrn_source.source                      SYNCHROTRON 
_diffrn_source.type                        'NSLS BEAMLINE X29A' 
_diffrn_source.pdbx_synchrotron_site       NSLS 
_diffrn_source.pdbx_synchrotron_beamline   X29A 
_diffrn_source.pdbx_wavelength             ? 
_diffrn_source.pdbx_wavelength_list        1.0 
# 
_reflns.entry_id                     3G39 
_reflns.observed_criterion_sigma_I   ? 
_reflns.observed_criterion_sigma_F   ? 
_reflns.d_resolution_low             30 
_reflns.d_resolution_high            1.55 
_reflns.number_obs                   19434 
_reflns.number_all                   ? 
_reflns.percent_possible_obs         ? 
_reflns.pdbx_Rmerge_I_obs            0.058 
_reflns.pdbx_Rsym_value              ? 
_reflns.pdbx_netI_over_sigmaI        55.8 
_reflns.B_iso_Wilson_estimate        19.9 
_reflns.pdbx_redundancy              22.2 
_reflns.R_free_details               ? 
_reflns.limit_h_max                  ? 
_reflns.limit_h_min                  ? 
_reflns.limit_k_max                  ? 
_reflns.limit_k_min                  ? 
_reflns.limit_l_max                  ? 
_reflns.limit_l_min                  ? 
_reflns.observed_criterion_F_max     ? 
_reflns.observed_criterion_F_min     ? 
_reflns.pdbx_chi_squared             ? 
_reflns.pdbx_scaling_rejects         ? 
_reflns.pdbx_diffrn_id               1 
_reflns.pdbx_ordinal                 1 
# 
_reflns_shell.d_res_high             1.55 
_reflns_shell.d_res_low              1.61 
_reflns_shell.percent_possible_all   ? 
_reflns_shell.Rmerge_I_obs           0.446 
_reflns_shell.pdbx_Rsym_value        ? 
_reflns_shell.meanI_over_sigI_obs    6.9 
_reflns_shell.pdbx_redundancy        20 
_reflns_shell.percent_possible_obs   ? 
_reflns_shell.number_unique_all      1908 
_reflns_shell.number_measured_all    ? 
_reflns_shell.number_measured_obs    ? 
_reflns_shell.number_unique_obs      ? 
_reflns_shell.pdbx_chi_squared       ? 
_reflns_shell.pdbx_diffrn_id         ? 
_reflns_shell.pdbx_ordinal           1 
# 
_refine.entry_id                                 3G39 
_refine.ls_number_reflns_obs                     18422 
_refine.ls_number_reflns_all                     ? 
_refine.pdbx_ls_sigma_I                          ? 
_refine.pdbx_ls_sigma_F                          ? 
_refine.pdbx_data_cutoff_high_absF               ? 
_refine.pdbx_data_cutoff_low_absF                ? 
_refine.pdbx_data_cutoff_high_rms_absF           ? 
_refine.ls_d_res_low                             30.00 
_refine.ls_d_res_high                            1.55 
_refine.ls_percent_reflns_obs                    98.53 
_refine.ls_R_factor_obs                          0.16454 
_refine.ls_R_factor_all                          ? 
_refine.ls_R_factor_R_work                       0.16263 
_refine.ls_R_factor_R_free                       0.19921 
_refine.ls_R_factor_R_free_error                 ? 
_refine.ls_R_factor_R_free_error_details         ? 
_refine.ls_percent_reflns_R_free                 5.1 
_refine.ls_number_reflns_R_free                  998 
_refine.ls_number_parameters                     ? 
_refine.ls_number_restraints                     ? 
_refine.occupancy_min                            ? 
_refine.occupancy_max                            ? 
_refine.correlation_coeff_Fo_to_Fc               0.970 
_refine.correlation_coeff_Fo_to_Fc_free          0.957 
_refine.B_iso_mean                               19.684 
_refine.aniso_B[1][1]                            0.39 
_refine.aniso_B[2][2]                            0.39 
_refine.aniso_B[3][3]                            -0.58 
_refine.aniso_B[1][2]                            0.19 
_refine.aniso_B[1][3]                            0.00 
_refine.aniso_B[2][3]                            0.00 
_refine.solvent_model_details                    MASK 
_refine.solvent_model_param_ksol                 ? 
_refine.solvent_model_param_bsol                 ? 
_refine.pdbx_solvent_vdw_probe_radii             1.20 
_refine.pdbx_solvent_ion_probe_radii             0.80 
_refine.pdbx_solvent_shrinkage_radii             0.80 
_refine.pdbx_ls_cross_valid_method               THROUGHOUT 
_refine.details                                  'HYDROGENS HAVE BEEN ADDED IN THE RIDING POSITIONS' 
_refine.pdbx_starting_model                      'PDB ENTRY 2O6S' 
_refine.pdbx_method_to_determine_struct          'MOLECULAR REPLACEMENT' 
_refine.pdbx_isotropic_thermal_model             ? 
_refine.pdbx_stereochemistry_target_values       'MAXIMUM LIKELIHOOD' 
_refine.pdbx_stereochem_target_val_spec_case     ? 
_refine.pdbx_R_Free_selection_details            RANDOM 
_refine.pdbx_overall_ESU_R                       0.086 
_refine.pdbx_overall_ESU_R_Free                  0.088 
_refine.overall_SU_ML                            0.052 
_refine.overall_SU_B                             1.368 
_refine.ls_redundancy_reflns_obs                 ? 
_refine.B_iso_min                                ? 
_refine.B_iso_max                                ? 
_refine.overall_SU_R_Cruickshank_DPI             ? 
_refine.overall_SU_R_free                        ? 
_refine.ls_wR_factor_R_free                      ? 
_refine.ls_wR_factor_R_work                      ? 
_refine.overall_FOM_free_R_set                   ? 
_refine.overall_FOM_work_R_set                   ? 
_refine.pdbx_overall_phase_error                 ? 
_refine.pdbx_refine_id                           'X-RAY DIFFRACTION' 
_refine.pdbx_diffrn_id                           1 
_refine.pdbx_TLS_residual_ADP_flag               ? 
_refine.pdbx_overall_SU_R_free_Cruickshank_DPI   ? 
_refine.pdbx_overall_SU_R_Blow_DPI               ? 
_refine.pdbx_overall_SU_R_free_Blow_DPI          ? 
# 
_refine_hist.pdbx_refine_id                   'X-RAY DIFFRACTION' 
_refine_hist.cycle_id                         LAST 
_refine_hist.pdbx_number_atoms_protein        1296 
_refine_hist.pdbx_number_atoms_nucleic_acid   0 
_refine_hist.pdbx_number_atoms_ligand         0 
_refine_hist.number_atoms_solvent             120 
_refine_hist.number_atoms_total               1416 
_refine_hist.d_res_high                       1.55 
_refine_hist.d_res_low                        30.00 
# 
loop_
_refine_ls_restr.type 
_refine_ls_restr.dev_ideal 
_refine_ls_restr.dev_ideal_target 
_refine_ls_restr.weight 
_refine_ls_restr.number 
_refine_ls_restr.pdbx_refine_id 
_refine_ls_restr.pdbx_restraint_function 
r_bond_refined_d             0.018  0.022  ? 1324 'X-RAY DIFFRACTION' ? 
r_bond_other_d               ?      ?      ? ?    'X-RAY DIFFRACTION' ? 
r_angle_refined_deg          1.790  1.968  ? 1814 'X-RAY DIFFRACTION' ? 
r_angle_other_deg            ?      ?      ? ?    'X-RAY DIFFRACTION' ? 
r_dihedral_angle_1_deg       6.050  5.000  ? 162  'X-RAY DIFFRACTION' ? 
r_dihedral_angle_2_deg       40.342 25.614 ? 57   'X-RAY DIFFRACTION' ? 
r_dihedral_angle_3_deg       14.051 15.000 ? 222  'X-RAY DIFFRACTION' ? 
r_dihedral_angle_4_deg       23.848 15.000 ? 6    'X-RAY DIFFRACTION' ? 
r_chiral_restr               0.122  0.200  ? 222  'X-RAY DIFFRACTION' ? 
r_gen_planes_refined         0.009  0.020  ? 976  'X-RAY DIFFRACTION' ? 
r_gen_planes_other           ?      ?      ? ?    'X-RAY DIFFRACTION' ? 
r_nbd_refined                0.221  0.200  ? 573  'X-RAY DIFFRACTION' ? 
r_nbd_other                  ?      ?      ? ?    'X-RAY DIFFRACTION' ? 
r_nbtor_refined              0.320  0.200  ? 907  'X-RAY DIFFRACTION' ? 
r_nbtor_other                ?      ?      ? ?    'X-RAY DIFFRACTION' ? 
r_xyhbond_nbd_refined        0.149  0.200  ? 97   'X-RAY DIFFRACTION' ? 
r_xyhbond_nbd_other          ?      ?      ? ?    'X-RAY DIFFRACTION' ? 
r_metal_ion_refined          ?      ?      ? ?    'X-RAY DIFFRACTION' ? 
r_metal_ion_other            ?      ?      ? ?    'X-RAY DIFFRACTION' ? 
r_symmetry_vdw_refined       0.208  0.200  ? 62   'X-RAY DIFFRACTION' ? 
r_symmetry_vdw_other         ?      ?      ? ?    'X-RAY DIFFRACTION' ? 
r_symmetry_hbond_refined     0.209  0.200  ? 18   'X-RAY DIFFRACTION' ? 
r_symmetry_hbond_other       ?      ?      ? ?    'X-RAY DIFFRACTION' ? 
r_symmetry_metal_ion_refined ?      ?      ? ?    'X-RAY DIFFRACTION' ? 
r_symmetry_metal_ion_other   ?      ?      ? ?    'X-RAY DIFFRACTION' ? 
r_mcbond_it                  1.207  1.500  ? 845  'X-RAY DIFFRACTION' ? 
r_mcbond_other               ?      ?      ? ?    'X-RAY DIFFRACTION' ? 
r_mcangle_it                 2.069  2.000  ? 1371 'X-RAY DIFFRACTION' ? 
r_scbond_it                  3.030  3.000  ? 529  'X-RAY DIFFRACTION' ? 
r_scangle_it                 4.465  4.500  ? 443  'X-RAY DIFFRACTION' ? 
r_rigid_bond_restr           ?      ?      ? ?    'X-RAY DIFFRACTION' ? 
r_sphericity_free            ?      ?      ? ?    'X-RAY DIFFRACTION' ? 
r_sphericity_bonded          ?      ?      ? ?    'X-RAY DIFFRACTION' ? 
# 
_refine_ls_shell.pdbx_total_number_of_bins_used   20 
_refine_ls_shell.d_res_high                       1.551 
_refine_ls_shell.d_res_low                        1.591 
_refine_ls_shell.number_reflns_R_work             1349 
_refine_ls_shell.R_factor_R_work                  0.215 
_refine_ls_shell.percent_reflns_obs               97.00 
_refine_ls_shell.R_factor_R_free                  0.287 
_refine_ls_shell.R_factor_R_free_error            ? 
_refine_ls_shell.percent_reflns_R_free            ? 
_refine_ls_shell.number_reflns_R_free             73 
_refine_ls_shell.number_reflns_all                ? 
_refine_ls_shell.R_factor_all                     ? 
_refine_ls_shell.number_reflns_obs                ? 
_refine_ls_shell.redundancy_reflns_obs            ? 
_refine_ls_shell.pdbx_refine_id                   'X-RAY DIFFRACTION' 
# 
_struct.entry_id                  3G39 
_struct.title                     'Structure of a lamprey variable lymphocyte receptor' 
_struct.pdbx_model_details        ? 
_struct.pdbx_CASP_flag            ? 
_struct.pdbx_model_type_details   ? 
# 
_struct_keywords.entry_id        3G39 
_struct_keywords.pdbx_keywords   'IMMUNE SYSTEM' 
_struct_keywords.text            'VLR, antibody, IMMUNE SYSTEM' 
# 
loop_
_struct_asym.id 
_struct_asym.pdbx_blank_PDB_chainid_flag 
_struct_asym.pdbx_modified 
_struct_asym.entity_id 
_struct_asym.details 
A N N 1 ? 
B N N 2 ? 
# 
_struct_ref.id                         1 
_struct_ref.db_name                    PDB 
_struct_ref.db_code                    3G39 
_struct_ref.pdbx_db_accession          3G39 
_struct_ref.entity_id                  1 
_struct_ref.pdbx_align_begin           0 
_struct_ref.pdbx_seq_one_letter_code   
;MACPSQCSCSGTTVDCSGKSLASVPTGIPTTTQVLYLYDNQITKLEPGVFDRLTQLTRLDLDNNQLTVLPAGVFDKLTQL
TQLSLNDNQLKSIPRGAFDNLKSLTHIWLLNNPWDCACSDILYLSRWISQHPGLVFGYLNLDPDSARCSGTNTPVRAVTE
ASTSPSKCPG
;
_struct_ref.pdbx_db_isoform            ? 
# 
_struct_ref_seq.align_id                      1 
_struct_ref_seq.ref_id                        1 
_struct_ref_seq.pdbx_PDB_id_code              3G39 
_struct_ref_seq.pdbx_strand_id                A 
_struct_ref_seq.seq_align_beg                 1 
_struct_ref_seq.pdbx_seq_align_beg_ins_code   ? 
_struct_ref_seq.seq_align_end                 170 
_struct_ref_seq.pdbx_seq_align_end_ins_code   ? 
_struct_ref_seq.pdbx_db_accession             3G39 
_struct_ref_seq.db_align_beg                  0 
_struct_ref_seq.pdbx_db_align_beg_ins_code    ? 
_struct_ref_seq.db_align_end                  169 
_struct_ref_seq.pdbx_db_align_end_ins_code    ? 
_struct_ref_seq.pdbx_auth_seq_align_beg       0 
_struct_ref_seq.pdbx_auth_seq_align_end       169 
# 
_pdbx_struct_assembly.id                   1 
_pdbx_struct_assembly.details              author_and_software_defined_assembly 
_pdbx_struct_assembly.method_details       PISA 
_pdbx_struct_assembly.oligomeric_details   monomeric 
_pdbx_struct_assembly.oligomeric_count     1 
# 
_pdbx_struct_assembly_gen.assembly_id       1 
_pdbx_struct_assembly_gen.oper_expression   1 
_pdbx_struct_assembly_gen.asym_id_list      A,B 
# 
_pdbx_struct_oper_list.id                   1 
_pdbx_struct_oper_list.type                 'identity operation' 
_pdbx_struct_oper_list.name                 1_555 
_pdbx_struct_oper_list.symmetry_operation   x,y,z 
_pdbx_struct_oper_list.matrix[1][1]         1.0000000000 
_pdbx_struct_oper_list.matrix[1][2]         0.0000000000 
_pdbx_struct_oper_list.matrix[1][3]         0.0000000000 
_pdbx_struct_oper_list.vector[1]            0.0000000000 
_pdbx_struct_oper_list.matrix[2][1]         0.0000000000 
_pdbx_struct_oper_list.matrix[2][2]         1.0000000000 
_pdbx_struct_oper_list.matrix[2][3]         0.0000000000 
_pdbx_struct_oper_list.vector[2]            0.0000000000 
_pdbx_struct_oper_list.matrix[3][1]         0.0000000000 
_pdbx_struct_oper_list.matrix[3][2]         0.0000000000 
_pdbx_struct_oper_list.matrix[3][3]         1.0000000000 
_pdbx_struct_oper_list.vector[3]            0.0000000000 
# 
_struct_biol.id        1 
_struct_biol.details   ? 
# 
loop_
_struct_conf.conf_type_id 
_struct_conf.id 
_struct_conf.pdbx_PDB_helix_id 
_struct_conf.beg_label_comp_id 
_struct_conf.beg_label_asym_id 
_struct_conf.beg_label_seq_id 
_struct_conf.pdbx_beg_PDB_ins_code 
_struct_conf.end_label_comp_id 
_struct_conf.end_label_asym_id 
_struct_conf.end_label_seq_id 
_struct_conf.pdbx_end_PDB_ins_code 
_struct_conf.beg_auth_comp_id 
_struct_conf.beg_auth_asym_id 
_struct_conf.beg_auth_seq_id 
_struct_conf.end_auth_comp_id 
_struct_conf.end_auth_asym_id 
_struct_conf.end_auth_seq_id 
_struct_conf.pdbx_PDB_helix_class 
_struct_conf.details 
_struct_conf.pdbx_PDB_helix_length 
HELX_P HELX_P1 1 CYS A 118 ? ASP A 120 ? CYS A 117 ASP A 119 5 ? 3  
HELX_P HELX_P2 2 ILE A 121 ? HIS A 131 ? ILE A 120 HIS A 130 1 ? 11 
HELX_P HELX_P3 3 ASP A 142 ? ALA A 146 ? ASP A 141 ALA A 145 5 ? 5  
HELX_P HELX_P4 4 PRO A 154 ? VAL A 158 ? PRO A 153 VAL A 157 5 ? 5  
HELX_P HELX_P5 5 SER A 164 ? CYS A 168 ? SER A 163 CYS A 167 5 ? 5  
# 
_struct_conf_type.id          HELX_P 
_struct_conf_type.criteria    ? 
_struct_conf_type.reference   ? 
# 
loop_
_struct_conn.id 
_struct_conn.conn_type_id 
_struct_conn.pdbx_leaving_atom_flag 
_struct_conn.pdbx_PDB_id 
_struct_conn.ptnr1_label_asym_id 
_struct_conn.ptnr1_label_comp_id 
_struct_conn.ptnr1_label_seq_id 
_struct_conn.ptnr1_label_atom_id 
_struct_conn.pdbx_ptnr1_label_alt_id 
_struct_conn.pdbx_ptnr1_PDB_ins_code 
_struct_conn.pdbx_ptnr1_standard_comp_id 
_struct_conn.ptnr1_symmetry 
_struct_conn.ptnr2_label_asym_id 
_struct_conn.ptnr2_label_comp_id 
_struct_conn.ptnr2_label_seq_id 
_struct_conn.ptnr2_label_atom_id 
_struct_conn.pdbx_ptnr2_label_alt_id 
_struct_conn.pdbx_ptnr2_PDB_ins_code 
_struct_conn.ptnr1_auth_asym_id 
_struct_conn.ptnr1_auth_comp_id 
_struct_conn.ptnr1_auth_seq_id 
_struct_conn.ptnr2_auth_asym_id 
_struct_conn.ptnr2_auth_comp_id 
_struct_conn.ptnr2_auth_seq_id 
_struct_conn.ptnr2_symmetry 
_struct_conn.pdbx_ptnr3_label_atom_id 
_struct_conn.pdbx_ptnr3_label_seq_id 
_struct_conn.pdbx_ptnr3_label_comp_id 
_struct_conn.pdbx_ptnr3_label_asym_id 
_struct_conn.pdbx_ptnr3_label_alt_id 
_struct_conn.pdbx_ptnr3_PDB_ins_code 
_struct_conn.details 
_struct_conn.pdbx_dist_value 
_struct_conn.pdbx_value_order 
_struct_conn.pdbx_role 
disulf1 disulf ? ? A CYS 3   SG ? ? ? 1_555 A CYS 9   SG ? ? A CYS 2   A CYS 8   1_555 ? ? ? ? ? ? ? 2.028 ? ? 
disulf2 disulf ? ? A CYS 7   SG ? ? ? 1_555 A CYS 16  SG ? ? A CYS 6   A CYS 15  1_555 ? ? ? ? ? ? ? 2.063 ? ? 
disulf3 disulf ? ? A CYS 116 SG ? ? ? 1_555 A CYS 148 SG ? ? A CYS 115 A CYS 147 1_555 ? ? ? ? ? ? ? 2.031 ? ? 
disulf4 disulf ? ? A CYS 118 SG ? ? ? 1_555 A CYS 168 SG ? ? A CYS 117 A CYS 167 1_555 ? ? ? ? ? ? ? 2.040 ? ? 
# 
_struct_conn_type.id          disulf 
_struct_conn_type.criteria    ? 
_struct_conn_type.reference   ? 
# 
loop_
_pdbx_modification_feature.ordinal 
_pdbx_modification_feature.label_comp_id 
_pdbx_modification_feature.label_asym_id 
_pdbx_modification_feature.label_seq_id 
_pdbx_modification_feature.label_alt_id 
_pdbx_modification_feature.modified_residue_label_comp_id 
_pdbx_modification_feature.modified_residue_label_asym_id 
_pdbx_modification_feature.modified_residue_label_seq_id 
_pdbx_modification_feature.modified_residue_label_alt_id 
_pdbx_modification_feature.auth_comp_id 
_pdbx_modification_feature.auth_asym_id 
_pdbx_modification_feature.auth_seq_id 
_pdbx_modification_feature.PDB_ins_code 
_pdbx_modification_feature.symmetry 
_pdbx_modification_feature.modified_residue_auth_comp_id 
_pdbx_modification_feature.modified_residue_auth_asym_id 
_pdbx_modification_feature.modified_residue_auth_seq_id 
_pdbx_modification_feature.modified_residue_PDB_ins_code 
_pdbx_modification_feature.modified_residue_symmetry 
_pdbx_modification_feature.comp_id_linking_atom 
_pdbx_modification_feature.modified_residue_id_linking_atom 
_pdbx_modification_feature.modified_residue_id 
_pdbx_modification_feature.ref_pcm_id 
_pdbx_modification_feature.ref_comp_id 
_pdbx_modification_feature.type 
_pdbx_modification_feature.category 
1 CYS A 3   ? CYS A 9   ? CYS A 2   ? 1_555 CYS A 8   ? 1_555 SG SG . . . None 'Disulfide bridge' 
2 CYS A 7   ? CYS A 16  ? CYS A 6   ? 1_555 CYS A 15  ? 1_555 SG SG . . . None 'Disulfide bridge' 
3 CYS A 116 ? CYS A 148 ? CYS A 115 ? 1_555 CYS A 147 ? 1_555 SG SG . . . None 'Disulfide bridge' 
4 CYS A 118 ? CYS A 168 ? CYS A 117 ? 1_555 CYS A 167 ? 1_555 SG SG . . . None 'Disulfide bridge' 
# 
_struct_sheet.id               A 
_struct_sheet.type             ? 
_struct_sheet.number_strands   7 
_struct_sheet.details          ? 
# 
loop_
_struct_sheet_order.sheet_id 
_struct_sheet_order.range_id_1 
_struct_sheet_order.range_id_2 
_struct_sheet_order.offset 
_struct_sheet_order.sense 
A 1 2 ? anti-parallel 
A 2 3 ? parallel      
A 3 4 ? parallel      
A 4 5 ? parallel      
A 5 6 ? parallel      
A 6 7 ? parallel      
# 
loop_
_struct_sheet_range.sheet_id 
_struct_sheet_range.id 
_struct_sheet_range.beg_label_comp_id 
_struct_sheet_range.beg_label_asym_id 
_struct_sheet_range.beg_label_seq_id 
_struct_sheet_range.pdbx_beg_PDB_ins_code 
_struct_sheet_range.end_label_comp_id 
_struct_sheet_range.end_label_asym_id 
_struct_sheet_range.end_label_seq_id 
_struct_sheet_range.pdbx_end_PDB_ins_code 
_struct_sheet_range.beg_auth_comp_id 
_struct_sheet_range.beg_auth_asym_id 
_struct_sheet_range.beg_auth_seq_id 
_struct_sheet_range.end_auth_comp_id 
_struct_sheet_range.end_auth_asym_id 
_struct_sheet_range.end_auth_seq_id 
A 1 SER A 8   ? SER A 10  ? SER A 7   SER A 9   
A 2 THR A 13  ? ASP A 15  ? THR A 12  ASP A 14  
A 3 VAL A 34  ? TYR A 36  ? VAL A 33  TYR A 35  
A 4 ARG A 58  ? ASP A 60  ? ARG A 57  ASP A 59  
A 5 GLN A 82  ? SER A 84  ? GLN A 81  SER A 83  
A 6 HIS A 106 ? TRP A 108 ? HIS A 105 TRP A 107 
A 7 VAL A 135 ? PHE A 136 ? VAL A 134 PHE A 135 
# 
loop_
_pdbx_struct_sheet_hbond.sheet_id 
_pdbx_struct_sheet_hbond.range_id_1 
_pdbx_struct_sheet_hbond.range_id_2 
_pdbx_struct_sheet_hbond.range_1_label_atom_id 
_pdbx_struct_sheet_hbond.range_1_label_comp_id 
_pdbx_struct_sheet_hbond.range_1_label_asym_id 
_pdbx_struct_sheet_hbond.range_1_label_seq_id 
_pdbx_struct_sheet_hbond.range_1_PDB_ins_code 
_pdbx_struct_sheet_hbond.range_1_auth_atom_id 
_pdbx_struct_sheet_hbond.range_1_auth_comp_id 
_pdbx_struct_sheet_hbond.range_1_auth_asym_id 
_pdbx_struct_sheet_hbond.range_1_auth_seq_id 
_pdbx_struct_sheet_hbond.range_2_label_atom_id 
_pdbx_struct_sheet_hbond.range_2_label_comp_id 
_pdbx_struct_sheet_hbond.range_2_label_asym_id 
_pdbx_struct_sheet_hbond.range_2_label_seq_id 
_pdbx_struct_sheet_hbond.range_2_PDB_ins_code 
_pdbx_struct_sheet_hbond.range_2_auth_atom_id 
_pdbx_struct_sheet_hbond.range_2_auth_comp_id 
_pdbx_struct_sheet_hbond.range_2_auth_asym_id 
_pdbx_struct_sheet_hbond.range_2_auth_seq_id 
A 1 2 N SER A 8   ? N SER A 7   O ASP A 15  ? O ASP A 14  
A 2 3 N VAL A 14  ? N VAL A 13  O VAL A 34  ? O VAL A 33  
A 3 4 N LEU A 35  ? N LEU A 34  O ASP A 60  ? O ASP A 59  
A 4 5 N LEU A 59  ? N LEU A 58  O SER A 84  ? O SER A 83  
A 5 6 N LEU A 83  ? N LEU A 82  O HIS A 106 ? O HIS A 105 
A 6 7 N ILE A 107 ? N ILE A 106 O PHE A 136 ? O PHE A 135 
# 
_pdbx_entry_details.entry_id                   3G39 
_pdbx_entry_details.compound_details           ? 
_pdbx_entry_details.source_details             ? 
_pdbx_entry_details.nonpolymer_details         ? 
_pdbx_entry_details.sequence_details           ? 
_pdbx_entry_details.has_ligand_of_interest     ? 
_pdbx_entry_details.has_protein_modification   Y 
# 
loop_
_pdbx_validate_torsion.id 
_pdbx_validate_torsion.PDB_model_num 
_pdbx_validate_torsion.auth_comp_id 
_pdbx_validate_torsion.auth_asym_id 
_pdbx_validate_torsion.auth_seq_id 
_pdbx_validate_torsion.PDB_ins_code 
_pdbx_validate_torsion.label_alt_id 
_pdbx_validate_torsion.phi 
_pdbx_validate_torsion.psi 
1 1 ASN A 63  ? ? -128.97 -161.53 
2 1 ASP A 141 ? ? -167.99 75.32   
3 1 GLU A 159 ? ? 106.01  -14.55  
4 1 LYS A 166 ? ? -105.10 40.89   
# 
loop_
_pdbx_unobs_or_zero_occ_residues.id 
_pdbx_unobs_or_zero_occ_residues.PDB_model_num 
_pdbx_unobs_or_zero_occ_residues.polymer_flag 
_pdbx_unobs_or_zero_occ_residues.occupancy_flag 
_pdbx_unobs_or_zero_occ_residues.auth_asym_id 
_pdbx_unobs_or_zero_occ_residues.auth_comp_id 
_pdbx_unobs_or_zero_occ_residues.auth_seq_id 
_pdbx_unobs_or_zero_occ_residues.PDB_ins_code 
_pdbx_unobs_or_zero_occ_residues.label_asym_id 
_pdbx_unobs_or_zero_occ_residues.label_comp_id 
_pdbx_unobs_or_zero_occ_residues.label_seq_id 
1 1 Y 1 A MET 0   ? A MET 1   
2 1 Y 1 A SER 4   ? A SER 5   
3 1 Y 1 A THR 150 ? A THR 151 
4 1 Y 1 A PRO 168 ? A PRO 169 
5 1 Y 1 A GLY 169 ? A GLY 170 
# 
loop_
_chem_comp_atom.comp_id 
_chem_comp_atom.atom_id 
_chem_comp_atom.type_symbol 
_chem_comp_atom.pdbx_aromatic_flag 
_chem_comp_atom.pdbx_stereo_config 
_chem_comp_atom.pdbx_ordinal 
ALA N    N N N 1   
ALA CA   C N S 2   
ALA C    C N N 3   
ALA O    O N N 4   
ALA CB   C N N 5   
ALA OXT  O N N 6   
ALA H    H N N 7   
ALA H2   H N N 8   
ALA HA   H N N 9   
ALA HB1  H N N 10  
ALA HB2  H N N 11  
ALA HB3  H N N 12  
ALA HXT  H N N 13  
ARG N    N N N 14  
ARG CA   C N S 15  
ARG C    C N N 16  
ARG O    O N N 17  
ARG CB   C N N 18  
ARG CG   C N N 19  
ARG CD   C N N 20  
ARG NE   N N N 21  
ARG CZ   C N N 22  
ARG NH1  N N N 23  
ARG NH2  N N N 24  
ARG OXT  O N N 25  
ARG H    H N N 26  
ARG H2   H N N 27  
ARG HA   H N N 28  
ARG HB2  H N N 29  
ARG HB3  H N N 30  
ARG HG2  H N N 31  
ARG HG3  H N N 32  
ARG HD2  H N N 33  
ARG HD3  H N N 34  
ARG HE   H N N 35  
ARG HH11 H N N 36  
ARG HH12 H N N 37  
ARG HH21 H N N 38  
ARG HH22 H N N 39  
ARG HXT  H N N 40  
ASN N    N N N 41  
ASN CA   C N S 42  
ASN C    C N N 43  
ASN O    O N N 44  
ASN CB   C N N 45  
ASN CG   C N N 46  
ASN OD1  O N N 47  
ASN ND2  N N N 48  
ASN OXT  O N N 49  
ASN H    H N N 50  
ASN H2   H N N 51  
ASN HA   H N N 52  
ASN HB2  H N N 53  
ASN HB3  H N N 54  
ASN HD21 H N N 55  
ASN HD22 H N N 56  
ASN HXT  H N N 57  
ASP N    N N N 58  
ASP CA   C N S 59  
ASP C    C N N 60  
ASP O    O N N 61  
ASP CB   C N N 62  
ASP CG   C N N 63  
ASP OD1  O N N 64  
ASP OD2  O N N 65  
ASP OXT  O N N 66  
ASP H    H N N 67  
ASP H2   H N N 68  
ASP HA   H N N 69  
ASP HB2  H N N 70  
ASP HB3  H N N 71  
ASP HD2  H N N 72  
ASP HXT  H N N 73  
CYS N    N N N 74  
CYS CA   C N R 75  
CYS C    C N N 76  
CYS O    O N N 77  
CYS CB   C N N 78  
CYS SG   S N N 79  
CYS OXT  O N N 80  
CYS H    H N N 81  
CYS H2   H N N 82  
CYS HA   H N N 83  
CYS HB2  H N N 84  
CYS HB3  H N N 85  
CYS HG   H N N 86  
CYS HXT  H N N 87  
GLN N    N N N 88  
GLN CA   C N S 89  
GLN C    C N N 90  
GLN O    O N N 91  
GLN CB   C N N 92  
GLN CG   C N N 93  
GLN CD   C N N 94  
GLN OE1  O N N 95  
GLN NE2  N N N 96  
GLN OXT  O N N 97  
GLN H    H N N 98  
GLN H2   H N N 99  
GLN HA   H N N 100 
GLN HB2  H N N 101 
GLN HB3  H N N 102 
GLN HG2  H N N 103 
GLN HG3  H N N 104 
GLN HE21 H N N 105 
GLN HE22 H N N 106 
GLN HXT  H N N 107 
GLU N    N N N 108 
GLU CA   C N S 109 
GLU C    C N N 110 
GLU O    O N N 111 
GLU CB   C N N 112 
GLU CG   C N N 113 
GLU CD   C N N 114 
GLU OE1  O N N 115 
GLU OE2  O N N 116 
GLU OXT  O N N 117 
GLU H    H N N 118 
GLU H2   H N N 119 
GLU HA   H N N 120 
GLU HB2  H N N 121 
GLU HB3  H N N 122 
GLU HG2  H N N 123 
GLU HG3  H N N 124 
GLU HE2  H N N 125 
GLU HXT  H N N 126 
GLY N    N N N 127 
GLY CA   C N N 128 
GLY C    C N N 129 
GLY O    O N N 130 
GLY OXT  O N N 131 
GLY H    H N N 132 
GLY H2   H N N 133 
GLY HA2  H N N 134 
GLY HA3  H N N 135 
GLY HXT  H N N 136 
HIS N    N N N 137 
HIS CA   C N S 138 
HIS C    C N N 139 
HIS O    O N N 140 
HIS CB   C N N 141 
HIS CG   C Y N 142 
HIS ND1  N Y N 143 
HIS CD2  C Y N 144 
HIS CE1  C Y N 145 
HIS NE2  N Y N 146 
HIS OXT  O N N 147 
HIS H    H N N 148 
HIS H2   H N N 149 
HIS HA   H N N 150 
HIS HB2  H N N 151 
HIS HB3  H N N 152 
HIS HD1  H N N 153 
HIS HD2  H N N 154 
HIS HE1  H N N 155 
HIS HE2  H N N 156 
HIS HXT  H N N 157 
HOH O    O N N 158 
HOH H1   H N N 159 
HOH H2   H N N 160 
ILE N    N N N 161 
ILE CA   C N S 162 
ILE C    C N N 163 
ILE O    O N N 164 
ILE CB   C N S 165 
ILE CG1  C N N 166 
ILE CG2  C N N 167 
ILE CD1  C N N 168 
ILE OXT  O N N 169 
ILE H    H N N 170 
ILE H2   H N N 171 
ILE HA   H N N 172 
ILE HB   H N N 173 
ILE HG12 H N N 174 
ILE HG13 H N N 175 
ILE HG21 H N N 176 
ILE HG22 H N N 177 
ILE HG23 H N N 178 
ILE HD11 H N N 179 
ILE HD12 H N N 180 
ILE HD13 H N N 181 
ILE HXT  H N N 182 
LEU N    N N N 183 
LEU CA   C N S 184 
LEU C    C N N 185 
LEU O    O N N 186 
LEU CB   C N N 187 
LEU CG   C N N 188 
LEU CD1  C N N 189 
LEU CD2  C N N 190 
LEU OXT  O N N 191 
LEU H    H N N 192 
LEU H2   H N N 193 
LEU HA   H N N 194 
LEU HB2  H N N 195 
LEU HB3  H N N 196 
LEU HG   H N N 197 
LEU HD11 H N N 198 
LEU HD12 H N N 199 
LEU HD13 H N N 200 
LEU HD21 H N N 201 
LEU HD22 H N N 202 
LEU HD23 H N N 203 
LEU HXT  H N N 204 
LYS N    N N N 205 
LYS CA   C N S 206 
LYS C    C N N 207 
LYS O    O N N 208 
LYS CB   C N N 209 
LYS CG   C N N 210 
LYS CD   C N N 211 
LYS CE   C N N 212 
LYS NZ   N N N 213 
LYS OXT  O N N 214 
LYS H    H N N 215 
LYS H2   H N N 216 
LYS HA   H N N 217 
LYS HB2  H N N 218 
LYS HB3  H N N 219 
LYS HG2  H N N 220 
LYS HG3  H N N 221 
LYS HD2  H N N 222 
LYS HD3  H N N 223 
LYS HE2  H N N 224 
LYS HE3  H N N 225 
LYS HZ1  H N N 226 
LYS HZ2  H N N 227 
LYS HZ3  H N N 228 
LYS HXT  H N N 229 
MET N    N N N 230 
MET CA   C N S 231 
MET C    C N N 232 
MET O    O N N 233 
MET CB   C N N 234 
MET CG   C N N 235 
MET SD   S N N 236 
MET CE   C N N 237 
MET OXT  O N N 238 
MET H    H N N 239 
MET H2   H N N 240 
MET HA   H N N 241 
MET HB2  H N N 242 
MET HB3  H N N 243 
MET HG2  H N N 244 
MET HG3  H N N 245 
MET HE1  H N N 246 
MET HE2  H N N 247 
MET HE3  H N N 248 
MET HXT  H N N 249 
PHE N    N N N 250 
PHE CA   C N S 251 
PHE C    C N N 252 
PHE O    O N N 253 
PHE CB   C N N 254 
PHE CG   C Y N 255 
PHE CD1  C Y N 256 
PHE CD2  C Y N 257 
PHE CE1  C Y N 258 
PHE CE2  C Y N 259 
PHE CZ   C Y N 260 
PHE OXT  O N N 261 
PHE H    H N N 262 
PHE H2   H N N 263 
PHE HA   H N N 264 
PHE HB2  H N N 265 
PHE HB3  H N N 266 
PHE HD1  H N N 267 
PHE HD2  H N N 268 
PHE HE1  H N N 269 
PHE HE2  H N N 270 
PHE HZ   H N N 271 
PHE HXT  H N N 272 
PRO N    N N N 273 
PRO CA   C N S 274 
PRO C    C N N 275 
PRO O    O N N 276 
PRO CB   C N N 277 
PRO CG   C N N 278 
PRO CD   C N N 279 
PRO OXT  O N N 280 
PRO H    H N N 281 
PRO HA   H N N 282 
PRO HB2  H N N 283 
PRO HB3  H N N 284 
PRO HG2  H N N 285 
PRO HG3  H N N 286 
PRO HD2  H N N 287 
PRO HD3  H N N 288 
PRO HXT  H N N 289 
SER N    N N N 290 
SER CA   C N S 291 
SER C    C N N 292 
SER O    O N N 293 
SER CB   C N N 294 
SER OG   O N N 295 
SER OXT  O N N 296 
SER H    H N N 297 
SER H2   H N N 298 
SER HA   H N N 299 
SER HB2  H N N 300 
SER HB3  H N N 301 
SER HG   H N N 302 
SER HXT  H N N 303 
THR N    N N N 304 
THR CA   C N S 305 
THR C    C N N 306 
THR O    O N N 307 
THR CB   C N R 308 
THR OG1  O N N 309 
THR CG2  C N N 310 
THR OXT  O N N 311 
THR H    H N N 312 
THR H2   H N N 313 
THR HA   H N N 314 
THR HB   H N N 315 
THR HG1  H N N 316 
THR HG21 H N N 317 
THR HG22 H N N 318 
THR HG23 H N N 319 
THR HXT  H N N 320 
TRP N    N N N 321 
TRP CA   C N S 322 
TRP C    C N N 323 
TRP O    O N N 324 
TRP CB   C N N 325 
TRP CG   C Y N 326 
TRP CD1  C Y N 327 
TRP CD2  C Y N 328 
TRP NE1  N Y N 329 
TRP CE2  C Y N 330 
TRP CE3  C Y N 331 
TRP CZ2  C Y N 332 
TRP CZ3  C Y N 333 
TRP CH2  C Y N 334 
TRP OXT  O N N 335 
TRP H    H N N 336 
TRP H2   H N N 337 
TRP HA   H N N 338 
TRP HB2  H N N 339 
TRP HB3  H N N 340 
TRP HD1  H N N 341 
TRP HE1  H N N 342 
TRP HE3  H N N 343 
TRP HZ2  H N N 344 
TRP HZ3  H N N 345 
TRP HH2  H N N 346 
TRP HXT  H N N 347 
TYR N    N N N 348 
TYR CA   C N S 349 
TYR C    C N N 350 
TYR O    O N N 351 
TYR CB   C N N 352 
TYR CG   C Y N 353 
TYR CD1  C Y N 354 
TYR CD2  C Y N 355 
TYR CE1  C Y N 356 
TYR CE2  C Y N 357 
TYR CZ   C Y N 358 
TYR OH   O N N 359 
TYR OXT  O N N 360 
TYR H    H N N 361 
TYR H2   H N N 362 
TYR HA   H N N 363 
TYR HB2  H N N 364 
TYR HB3  H N N 365 
TYR HD1  H N N 366 
TYR HD2  H N N 367 
TYR HE1  H N N 368 
TYR HE2  H N N 369 
TYR HH   H N N 370 
TYR HXT  H N N 371 
VAL N    N N N 372 
VAL CA   C N S 373 
VAL C    C N N 374 
VAL O    O N N 375 
VAL CB   C N N 376 
VAL CG1  C N N 377 
VAL CG2  C N N 378 
VAL OXT  O N N 379 
VAL H    H N N 380 
VAL H2   H N N 381 
VAL HA   H N N 382 
VAL HB   H N N 383 
VAL HG11 H N N 384 
VAL HG12 H N N 385 
VAL HG13 H N N 386 
VAL HG21 H N N 387 
VAL HG22 H N N 388 
VAL HG23 H N N 389 
VAL HXT  H N N 390 
# 
loop_
_chem_comp_bond.comp_id 
_chem_comp_bond.atom_id_1 
_chem_comp_bond.atom_id_2 
_chem_comp_bond.value_order 
_chem_comp_bond.pdbx_aromatic_flag 
_chem_comp_bond.pdbx_stereo_config 
_chem_comp_bond.pdbx_ordinal 
ALA N   CA   sing N N 1   
ALA N   H    sing N N 2   
ALA N   H2   sing N N 3   
ALA CA  C    sing N N 4   
ALA CA  CB   sing N N 5   
ALA CA  HA   sing N N 6   
ALA C   O    doub N N 7   
ALA C   OXT  sing N N 8   
ALA CB  HB1  sing N N 9   
ALA CB  HB2  sing N N 10  
ALA CB  HB3  sing N N 11  
ALA OXT HXT  sing N N 12  
ARG N   CA   sing N N 13  
ARG N   H    sing N N 14  
ARG N   H2   sing N N 15  
ARG CA  C    sing N N 16  
ARG CA  CB   sing N N 17  
ARG CA  HA   sing N N 18  
ARG C   O    doub N N 19  
ARG C   OXT  sing N N 20  
ARG CB  CG   sing N N 21  
ARG CB  HB2  sing N N 22  
ARG CB  HB3  sing N N 23  
ARG CG  CD   sing N N 24  
ARG CG  HG2  sing N N 25  
ARG CG  HG3  sing N N 26  
ARG CD  NE   sing N N 27  
ARG CD  HD2  sing N N 28  
ARG CD  HD3  sing N N 29  
ARG NE  CZ   sing N N 30  
ARG NE  HE   sing N N 31  
ARG CZ  NH1  sing N N 32  
ARG CZ  NH2  doub N N 33  
ARG NH1 HH11 sing N N 34  
ARG NH1 HH12 sing N N 35  
ARG NH2 HH21 sing N N 36  
ARG NH2 HH22 sing N N 37  
ARG OXT HXT  sing N N 38  
ASN N   CA   sing N N 39  
ASN N   H    sing N N 40  
ASN N   H2   sing N N 41  
ASN CA  C    sing N N 42  
ASN CA  CB   sing N N 43  
ASN CA  HA   sing N N 44  
ASN C   O    doub N N 45  
ASN C   OXT  sing N N 46  
ASN CB  CG   sing N N 47  
ASN CB  HB2  sing N N 48  
ASN CB  HB3  sing N N 49  
ASN CG  OD1  doub N N 50  
ASN CG  ND2  sing N N 51  
ASN ND2 HD21 sing N N 52  
ASN ND2 HD22 sing N N 53  
ASN OXT HXT  sing N N 54  
ASP N   CA   sing N N 55  
ASP N   H    sing N N 56  
ASP N   H2   sing N N 57  
ASP CA  C    sing N N 58  
ASP CA  CB   sing N N 59  
ASP CA  HA   sing N N 60  
ASP C   O    doub N N 61  
ASP C   OXT  sing N N 62  
ASP CB  CG   sing N N 63  
ASP CB  HB2  sing N N 64  
ASP CB  HB3  sing N N 65  
ASP CG  OD1  doub N N 66  
ASP CG  OD2  sing N N 67  
ASP OD2 HD2  sing N N 68  
ASP OXT HXT  sing N N 69  
CYS N   CA   sing N N 70  
CYS N   H    sing N N 71  
CYS N   H2   sing N N 72  
CYS CA  C    sing N N 73  
CYS CA  CB   sing N N 74  
CYS CA  HA   sing N N 75  
CYS C   O    doub N N 76  
CYS C   OXT  sing N N 77  
CYS CB  SG   sing N N 78  
CYS CB  HB2  sing N N 79  
CYS CB  HB3  sing N N 80  
CYS SG  HG   sing N N 81  
CYS OXT HXT  sing N N 82  
GLN N   CA   sing N N 83  
GLN N   H    sing N N 84  
GLN N   H2   sing N N 85  
GLN CA  C    sing N N 86  
GLN CA  CB   sing N N 87  
GLN CA  HA   sing N N 88  
GLN C   O    doub N N 89  
GLN C   OXT  sing N N 90  
GLN CB  CG   sing N N 91  
GLN CB  HB2  sing N N 92  
GLN CB  HB3  sing N N 93  
GLN CG  CD   sing N N 94  
GLN CG  HG2  sing N N 95  
GLN CG  HG3  sing N N 96  
GLN CD  OE1  doub N N 97  
GLN CD  NE2  sing N N 98  
GLN NE2 HE21 sing N N 99  
GLN NE2 HE22 sing N N 100 
GLN OXT HXT  sing N N 101 
GLU N   CA   sing N N 102 
GLU N   H    sing N N 103 
GLU N   H2   sing N N 104 
GLU CA  C    sing N N 105 
GLU CA  CB   sing N N 106 
GLU CA  HA   sing N N 107 
GLU C   O    doub N N 108 
GLU C   OXT  sing N N 109 
GLU CB  CG   sing N N 110 
GLU CB  HB2  sing N N 111 
GLU CB  HB3  sing N N 112 
GLU CG  CD   sing N N 113 
GLU CG  HG2  sing N N 114 
GLU CG  HG3  sing N N 115 
GLU CD  OE1  doub N N 116 
GLU CD  OE2  sing N N 117 
GLU OE2 HE2  sing N N 118 
GLU OXT HXT  sing N N 119 
GLY N   CA   sing N N 120 
GLY N   H    sing N N 121 
GLY N   H2   sing N N 122 
GLY CA  C    sing N N 123 
GLY CA  HA2  sing N N 124 
GLY CA  HA3  sing N N 125 
GLY C   O    doub N N 126 
GLY C   OXT  sing N N 127 
GLY OXT HXT  sing N N 128 
HIS N   CA   sing N N 129 
HIS N   H    sing N N 130 
HIS N   H2   sing N N 131 
HIS CA  C    sing N N 132 
HIS CA  CB   sing N N 133 
HIS CA  HA   sing N N 134 
HIS C   O    doub N N 135 
HIS C   OXT  sing N N 136 
HIS CB  CG   sing N N 137 
HIS CB  HB2  sing N N 138 
HIS CB  HB3  sing N N 139 
HIS CG  ND1  sing Y N 140 
HIS CG  CD2  doub Y N 141 
HIS ND1 CE1  doub Y N 142 
HIS ND1 HD1  sing N N 143 
HIS CD2 NE2  sing Y N 144 
HIS CD2 HD2  sing N N 145 
HIS CE1 NE2  sing Y N 146 
HIS CE1 HE1  sing N N 147 
HIS NE2 HE2  sing N N 148 
HIS OXT HXT  sing N N 149 
HOH O   H1   sing N N 150 
HOH O   H2   sing N N 151 
ILE N   CA   sing N N 152 
ILE N   H    sing N N 153 
ILE N   H2   sing N N 154 
ILE CA  C    sing N N 155 
ILE CA  CB   sing N N 156 
ILE CA  HA   sing N N 157 
ILE C   O    doub N N 158 
ILE C   OXT  sing N N 159 
ILE CB  CG1  sing N N 160 
ILE CB  CG2  sing N N 161 
ILE CB  HB   sing N N 162 
ILE CG1 CD1  sing N N 163 
ILE CG1 HG12 sing N N 164 
ILE CG1 HG13 sing N N 165 
ILE CG2 HG21 sing N N 166 
ILE CG2 HG22 sing N N 167 
ILE CG2 HG23 sing N N 168 
ILE CD1 HD11 sing N N 169 
ILE CD1 HD12 sing N N 170 
ILE CD1 HD13 sing N N 171 
ILE OXT HXT  sing N N 172 
LEU N   CA   sing N N 173 
LEU N   H    sing N N 174 
LEU N   H2   sing N N 175 
LEU CA  C    sing N N 176 
LEU CA  CB   sing N N 177 
LEU CA  HA   sing N N 178 
LEU C   O    doub N N 179 
LEU C   OXT  sing N N 180 
LEU CB  CG   sing N N 181 
LEU CB  HB2  sing N N 182 
LEU CB  HB3  sing N N 183 
LEU CG  CD1  sing N N 184 
LEU CG  CD2  sing N N 185 
LEU CG  HG   sing N N 186 
LEU CD1 HD11 sing N N 187 
LEU CD1 HD12 sing N N 188 
LEU CD1 HD13 sing N N 189 
LEU CD2 HD21 sing N N 190 
LEU CD2 HD22 sing N N 191 
LEU CD2 HD23 sing N N 192 
LEU OXT HXT  sing N N 193 
LYS N   CA   sing N N 194 
LYS N   H    sing N N 195 
LYS N   H2   sing N N 196 
LYS CA  C    sing N N 197 
LYS CA  CB   sing N N 198 
LYS CA  HA   sing N N 199 
LYS C   O    doub N N 200 
LYS C   OXT  sing N N 201 
LYS CB  CG   sing N N 202 
LYS CB  HB2  sing N N 203 
LYS CB  HB3  sing N N 204 
LYS CG  CD   sing N N 205 
LYS CG  HG2  sing N N 206 
LYS CG  HG3  sing N N 207 
LYS CD  CE   sing N N 208 
LYS CD  HD2  sing N N 209 
LYS CD  HD3  sing N N 210 
LYS CE  NZ   sing N N 211 
LYS CE  HE2  sing N N 212 
LYS CE  HE3  sing N N 213 
LYS NZ  HZ1  sing N N 214 
LYS NZ  HZ2  sing N N 215 
LYS NZ  HZ3  sing N N 216 
LYS OXT HXT  sing N N 217 
MET N   CA   sing N N 218 
MET N   H    sing N N 219 
MET N   H2   sing N N 220 
MET CA  C    sing N N 221 
MET CA  CB   sing N N 222 
MET CA  HA   sing N N 223 
MET C   O    doub N N 224 
MET C   OXT  sing N N 225 
MET CB  CG   sing N N 226 
MET CB  HB2  sing N N 227 
MET CB  HB3  sing N N 228 
MET CG  SD   sing N N 229 
MET CG  HG2  sing N N 230 
MET CG  HG3  sing N N 231 
MET SD  CE   sing N N 232 
MET CE  HE1  sing N N 233 
MET CE  HE2  sing N N 234 
MET CE  HE3  sing N N 235 
MET OXT HXT  sing N N 236 
PHE N   CA   sing N N 237 
PHE N   H    sing N N 238 
PHE N   H2   sing N N 239 
PHE CA  C    sing N N 240 
PHE CA  CB   sing N N 241 
PHE CA  HA   sing N N 242 
PHE C   O    doub N N 243 
PHE C   OXT  sing N N 244 
PHE CB  CG   sing N N 245 
PHE CB  HB2  sing N N 246 
PHE CB  HB3  sing N N 247 
PHE CG  CD1  doub Y N 248 
PHE CG  CD2  sing Y N 249 
PHE CD1 CE1  sing Y N 250 
PHE CD1 HD1  sing N N 251 
PHE CD2 CE2  doub Y N 252 
PHE CD2 HD2  sing N N 253 
PHE CE1 CZ   doub Y N 254 
PHE CE1 HE1  sing N N 255 
PHE CE2 CZ   sing Y N 256 
PHE CE2 HE2  sing N N 257 
PHE CZ  HZ   sing N N 258 
PHE OXT HXT  sing N N 259 
PRO N   CA   sing N N 260 
PRO N   CD   sing N N 261 
PRO N   H    sing N N 262 
PRO CA  C    sing N N 263 
PRO CA  CB   sing N N 264 
PRO CA  HA   sing N N 265 
PRO C   O    doub N N 266 
PRO C   OXT  sing N N 267 
PRO CB  CG   sing N N 268 
PRO CB  HB2  sing N N 269 
PRO CB  HB3  sing N N 270 
PRO CG  CD   sing N N 271 
PRO CG  HG2  sing N N 272 
PRO CG  HG3  sing N N 273 
PRO CD  HD2  sing N N 274 
PRO CD  HD3  sing N N 275 
PRO OXT HXT  sing N N 276 
SER N   CA   sing N N 277 
SER N   H    sing N N 278 
SER N   H2   sing N N 279 
SER CA  C    sing N N 280 
SER CA  CB   sing N N 281 
SER CA  HA   sing N N 282 
SER C   O    doub N N 283 
SER C   OXT  sing N N 284 
SER CB  OG   sing N N 285 
SER CB  HB2  sing N N 286 
SER CB  HB3  sing N N 287 
SER OG  HG   sing N N 288 
SER OXT HXT  sing N N 289 
THR N   CA   sing N N 290 
THR N   H    sing N N 291 
THR N   H2   sing N N 292 
THR CA  C    sing N N 293 
THR CA  CB   sing N N 294 
THR CA  HA   sing N N 295 
THR C   O    doub N N 296 
THR C   OXT  sing N N 297 
THR CB  OG1  sing N N 298 
THR CB  CG2  sing N N 299 
THR CB  HB   sing N N 300 
THR OG1 HG1  sing N N 301 
THR CG2 HG21 sing N N 302 
THR CG2 HG22 sing N N 303 
THR CG2 HG23 sing N N 304 
THR OXT HXT  sing N N 305 
TRP N   CA   sing N N 306 
TRP N   H    sing N N 307 
TRP N   H2   sing N N 308 
TRP CA  C    sing N N 309 
TRP CA  CB   sing N N 310 
TRP CA  HA   sing N N 311 
TRP C   O    doub N N 312 
TRP C   OXT  sing N N 313 
TRP CB  CG   sing N N 314 
TRP CB  HB2  sing N N 315 
TRP CB  HB3  sing N N 316 
TRP CG  CD1  doub Y N 317 
TRP CG  CD2  sing Y N 318 
TRP CD1 NE1  sing Y N 319 
TRP CD1 HD1  sing N N 320 
TRP CD2 CE2  doub Y N 321 
TRP CD2 CE3  sing Y N 322 
TRP NE1 CE2  sing Y N 323 
TRP NE1 HE1  sing N N 324 
TRP CE2 CZ2  sing Y N 325 
TRP CE3 CZ3  doub Y N 326 
TRP CE3 HE3  sing N N 327 
TRP CZ2 CH2  doub Y N 328 
TRP CZ2 HZ2  sing N N 329 
TRP CZ3 CH2  sing Y N 330 
TRP CZ3 HZ3  sing N N 331 
TRP CH2 HH2  sing N N 332 
TRP OXT HXT  sing N N 333 
TYR N   CA   sing N N 334 
TYR N   H    sing N N 335 
TYR N   H2   sing N N 336 
TYR CA  C    sing N N 337 
TYR CA  CB   sing N N 338 
TYR CA  HA   sing N N 339 
TYR C   O    doub N N 340 
TYR C   OXT  sing N N 341 
TYR CB  CG   sing N N 342 
TYR CB  HB2  sing N N 343 
TYR CB  HB3  sing N N 344 
TYR CG  CD1  doub Y N 345 
TYR CG  CD2  sing Y N 346 
TYR CD1 CE1  sing Y N 347 
TYR CD1 HD1  sing N N 348 
TYR CD2 CE2  doub Y N 349 
TYR CD2 HD2  sing N N 350 
TYR CE1 CZ   doub Y N 351 
TYR CE1 HE1  sing N N 352 
TYR CE2 CZ   sing Y N 353 
TYR CE2 HE2  sing N N 354 
TYR CZ  OH   sing N N 355 
TYR OH  HH   sing N N 356 
TYR OXT HXT  sing N N 357 
VAL N   CA   sing N N 358 
VAL N   H    sing N N 359 
VAL N   H2   sing N N 360 
VAL CA  C    sing N N 361 
VAL CA  CB   sing N N 362 
VAL CA  HA   sing N N 363 
VAL C   O    doub N N 364 
VAL C   OXT  sing N N 365 
VAL CB  CG1  sing N N 366 
VAL CB  CG2  sing N N 367 
VAL CB  HB   sing N N 368 
VAL CG1 HG11 sing N N 369 
VAL CG1 HG12 sing N N 370 
VAL CG1 HG13 sing N N 371 
VAL CG2 HG21 sing N N 372 
VAL CG2 HG22 sing N N 373 
VAL CG2 HG23 sing N N 374 
VAL OXT HXT  sing N N 375 
# 
_pdbx_initial_refinement_model.id               1 
_pdbx_initial_refinement_model.entity_id_list   ? 
_pdbx_initial_refinement_model.type             'experimental model' 
_pdbx_initial_refinement_model.source_name      PDB 
_pdbx_initial_refinement_model.accession_code   2O6S 
_pdbx_initial_refinement_model.details          'PDB ENTRY 2O6S' 
# 
_atom_sites.entry_id                    3G39 
_atom_sites.fract_transf_matrix[1][1]   -0.00637685 
_atom_sites.fract_transf_matrix[1][2]   0.00036056 
_atom_sites.fract_transf_matrix[1][3]   -0.02241462 
_atom_sites.fract_transf_matrix[2][1]   0.00639050 
_atom_sites.fract_transf_matrix[2][2]   0.01777789 
_atom_sites.fract_transf_matrix[2][3]   -0.01365007 
_atom_sites.fract_transf_matrix[3][1]   0.00854425 
_atom_sites.fract_transf_matrix[3][2]   -0.00499949 
_atom_sites.fract_transf_matrix[3][3]   -0.00251122 
_atom_sites.fract_transf_vector[1]      0.295125 
_atom_sites.fract_transf_vector[2]      0.753509 
_atom_sites.fract_transf_vector[3]      0.082327 
# 
loop_
_atom_type.symbol 
C 
N 
O 
S 
# 
loop_
_atom_site.group_PDB 
_atom_site.id 
_atom_site.type_symbol 
_atom_site.label_atom_id 
_atom_site.label_alt_id 
_atom_site.label_comp_id 
_atom_site.label_asym_id 
_atom_site.label_entity_id 
_atom_site.label_seq_id 
_atom_site.pdbx_PDB_ins_code 
_atom_site.Cartn_x 
_atom_site.Cartn_y 
_atom_site.Cartn_z 
_atom_site.occupancy 
_atom_site.B_iso_or_equiv 
_atom_site.pdbx_formal_charge 
_atom_site.auth_seq_id 
_atom_site.auth_comp_id 
_atom_site.auth_asym_id 
_atom_site.auth_atom_id 
_atom_site.pdbx_PDB_model_num 
ATOM   1    N N   . ALA A 1 2   ? -7.727  -0.995  23.637  1.00 15.00 ? 1   ALA A N   1 
ATOM   2    C CA  . ALA A 1 2   ? -7.978  -2.463  23.581  1.00 15.00 ? 1   ALA A CA  1 
ATOM   3    C C   . ALA A 1 2   ? -7.313  -3.083  22.357  1.00 15.00 ? 1   ALA A C   1 
ATOM   4    O O   . ALA A 1 2   ? -7.394  -2.491  21.267  1.00 25.12 ? 1   ALA A O   1 
ATOM   5    C CB  . ALA A 1 2   ? -9.475  -2.739  23.563  1.00 15.00 ? 1   ALA A CB  1 
ATOM   6    N N   . CYS A 1 3   ? -6.817  -4.257  22.568  1.00 25.29 ? 2   CYS A N   1 
ATOM   7    C CA  . CYS A 1 3   ? -6.389  -5.070  21.435  1.00 25.11 ? 2   CYS A CA  1 
ATOM   8    C C   . CYS A 1 3   ? -7.587  -5.639  20.689  1.00 25.73 ? 2   CYS A C   1 
ATOM   9    O O   . CYS A 1 3   ? -8.487  -6.201  21.322  1.00 25.56 ? 2   CYS A O   1 
ATOM   10   C CB  . CYS A 1 3   ? -5.572  -6.228  21.977  1.00 25.07 ? 2   CYS A CB  1 
ATOM   11   S SG  . CYS A 1 3   ? -4.661  -7.023  20.628  1.00 25.04 ? 2   CYS A SG  1 
ATOM   12   N N   . PRO A 1 4   ? -7.623  -5.527  19.325  1.00 25.74 ? 3   PRO A N   1 
ATOM   13   C CA  . PRO A 1 4   ? -8.681  -6.230  18.578  1.00 26.59 ? 3   PRO A CA  1 
ATOM   14   C C   . PRO A 1 4   ? -8.672  -7.744  18.741  1.00 26.45 ? 3   PRO A C   1 
ATOM   15   O O   . PRO A 1 4   ? -7.642  -8.313  19.088  1.00 28.79 ? 3   PRO A O   1 
ATOM   16   C CB  . PRO A 1 4   ? -8.388  -5.859  17.117  1.00 26.91 ? 3   PRO A CB  1 
ATOM   17   C CG  . PRO A 1 4   ? -7.715  -4.581  17.195  1.00 27.34 ? 3   PRO A CG  1 
ATOM   18   C CD  . PRO A 1 4   ? -6.782  -4.733  18.419  1.00 25.50 ? 3   PRO A CD  1 
ATOM   19   N N   . GLN A 1 6   ? -9.217  -10.534 17.338  1.00 15.00 ? 5   GLN A N   1 
ATOM   20   C CA  . GLN A 1 6   ? -8.526  -11.640 16.688  1.00 15.00 ? 5   GLN A CA  1 
ATOM   21   C C   . GLN A 1 6   ? -7.045  -11.327 16.502  1.00 15.00 ? 5   GLN A C   1 
ATOM   22   O O   . GLN A 1 6   ? -6.312  -12.157 15.834  1.00 28.75 ? 5   GLN A O   1 
ATOM   23   C CB  . GLN A 1 6   ? -9.166  -11.939 15.331  1.00 15.00 ? 5   GLN A CB  1 
ATOM   24   C CG  . GLN A 1 6   ? -10.613 -12.398 15.414  1.00 15.00 ? 5   GLN A CG  1 
ATOM   25   C CD  . GLN A 1 6   ? -11.228 -12.639 14.048  1.00 15.00 ? 5   GLN A CD  1 
ATOM   26   O OE1 . GLN A 1 6   ? -10.591 -12.411 13.020  1.00 15.00 ? 5   GLN A OE1 1 
ATOM   27   N NE2 . GLN A 1 6   ? -12.472 -13.101 14.033  1.00 15.00 ? 5   GLN A NE2 1 
ATOM   28   N N   . CYS A 1 7   ? -6.559  -10.242 17.034  1.00 23.74 ? 6   CYS A N   1 
ATOM   29   C CA  . CYS A 1 7   ? -5.163  -9.902  16.902  1.00 22.85 ? 6   CYS A CA  1 
ATOM   30   C C   . CYS A 1 7   ? -4.416  -10.133 18.217  1.00 22.15 ? 6   CYS A C   1 
ATOM   31   O O   . CYS A 1 7   ? -5.058  -10.317 19.254  1.00 23.34 ? 6   CYS A O   1 
ATOM   32   C CB  . CYS A 1 7   ? -5.045  -8.462  16.518  1.00 21.94 ? 6   CYS A CB  1 
ATOM   33   S SG  . CYS A 1 7   ? -6.058  -8.131  15.021  1.00 24.48 ? 6   CYS A SG  1 
ATOM   34   N N   . SER A 1 8   ? -3.083  -10.069 18.173  1.00 21.33 ? 7   SER A N   1 
ATOM   35   C CA  . SER A 1 8   ? -2.267  -10.122 19.386  1.00 22.36 ? 7   SER A CA  1 
ATOM   36   C C   . SER A 1 8   ? -1.473  -8.846  19.480  1.00 22.24 ? 7   SER A C   1 
ATOM   37   O O   . SER A 1 8   ? -0.861  -8.414  18.512  1.00 21.45 ? 7   SER A O   1 
ATOM   38   C CB  A SER A 1 8   ? -1.281  -11.284 19.274  0.65 22.79 ? 7   SER A CB  1 
ATOM   39   C CB  B SER A 1 8   ? -1.363  -11.354 19.429  0.35 22.22 ? 7   SER A CB  1 
ATOM   40   O OG  A SER A 1 8   ? -1.959  -12.459 18.863  0.65 27.43 ? 7   SER A OG  1 
ATOM   41   O OG  B SER A 1 8   ? -0.463  -11.370 18.350  0.35 20.99 ? 7   SER A OG  1 
ATOM   42   N N   . CYS A 1 9   ? -1.510  -8.225  20.652  1.00 21.78 ? 8   CYS A N   1 
ATOM   43   C CA  . CYS A 1 9   ? -0.950  -6.916  20.815  1.00 21.78 ? 8   CYS A CA  1 
ATOM   44   C C   . CYS A 1 9   ? 0.081   -7.015  21.882  1.00 22.94 ? 8   CYS A C   1 
ATOM   45   O O   . CYS A 1 9   ? -0.129  -7.690  22.897  1.00 23.99 ? 8   CYS A O   1 
ATOM   46   C CB  . CYS A 1 9   ? -2.010  -5.928  21.286  1.00 21.86 ? 8   CYS A CB  1 
ATOM   47   S SG  . CYS A 1 9   ? -3.270  -5.657  20.068  1.00 24.42 ? 8   CYS A SG  1 
ATOM   48   N N   . SER A 1 10  ? 1.172   -6.322  21.660  1.00 21.84 ? 9   SER A N   1 
ATOM   49   C CA  . SER A 1 10  ? 2.255   -6.273  22.638  1.00 23.94 ? 9   SER A CA  1 
ATOM   50   C C   . SER A 1 10  ? 2.821   -4.884  22.535  1.00 22.19 ? 9   SER A C   1 
ATOM   51   O O   . SER A 1 10  ? 3.332   -4.497  21.501  1.00 21.76 ? 9   SER A O   1 
ATOM   52   C CB  . SER A 1 10  ? 3.306   -7.353  22.325  1.00 24.98 ? 9   SER A CB  1 
ATOM   53   O OG  . SER A 1 10  ? 4.278   -7.362  23.330  1.00 32.35 ? 9   SER A OG  1 
ATOM   54   N N   . GLY A 1 11  ? 2.686   -4.097  23.582  1.00 19.14 ? 10  GLY A N   1 
ATOM   55   C CA  . GLY A 1 11  ? 3.020   -2.675  23.470  1.00 19.84 ? 10  GLY A CA  1 
ATOM   56   C C   . GLY A 1 11  ? 2.231   -1.997  22.344  1.00 18.70 ? 10  GLY A C   1 
ATOM   57   O O   . GLY A 1 11  ? 1.021   -2.214  22.202  1.00 21.00 ? 10  GLY A O   1 
ATOM   58   N N   . THR A 1 12  ? 2.932   -1.203  21.548  1.00 18.67 ? 11  THR A N   1 
ATOM   59   C CA  . THR A 1 12  ? 2.302   -0.483  20.425  1.00 17.42 ? 11  THR A CA  1 
ATOM   60   C C   . THR A 1 12  ? 2.296   -1.292  19.122  1.00 17.59 ? 11  THR A C   1 
ATOM   61   O O   . THR A 1 12  ? 2.054   -0.714  18.050  1.00 16.78 ? 11  THR A O   1 
ATOM   62   C CB  . THR A 1 12  ? 3.000   0.859   20.170  1.00 18.20 ? 11  THR A CB  1 
ATOM   63   O OG1 . THR A 1 12  ? 4.360   0.650   19.798  1.00 19.10 ? 11  THR A OG1 1 
ATOM   64   C CG2 . THR A 1 12  ? 2.952   1.701   21.464  1.00 18.50 ? 11  THR A CG2 1 
ATOM   65   N N   . THR A 1 13  ? 2.569   -2.591  19.202  1.00 16.27 ? 12  THR A N   1 
ATOM   66   C CA  . THR A 1 13  ? 2.494   -3.452  18.016  1.00 16.95 ? 12  THR A CA  1 
ATOM   67   C C   . THR A 1 13  ? 1.194   -4.180  18.041  1.00 17.33 ? 12  THR A C   1 
ATOM   68   O O   . THR A 1 13  ? 0.808   -4.772  19.068  1.00 17.88 ? 12  THR A O   1 
ATOM   69   C CB  . THR A 1 13  ? 3.638   -4.497  18.022  1.00 17.03 ? 12  THR A CB  1 
ATOM   70   O OG1 . THR A 1 13  ? 4.889   -3.805  17.980  1.00 17.90 ? 12  THR A OG1 1 
ATOM   71   C CG2 . THR A 1 13  ? 3.482   -5.527  16.851  1.00 17.81 ? 12  THR A CG2 1 
ATOM   72   N N   . VAL A 1 14  ? 0.481   -4.161  16.898  1.00 14.49 ? 13  VAL A N   1 
ATOM   73   C CA  . VAL A 1 14  ? -0.745  -4.870  16.757  1.00 15.32 ? 13  VAL A CA  1 
ATOM   74   C C   . VAL A 1 14  ? -0.526  -5.897  15.652  1.00 16.05 ? 13  VAL A C   1 
ATOM   75   O O   . VAL A 1 14  ? -0.324  -5.510  14.507  1.00 15.77 ? 13  VAL A O   1 
ATOM   76   C CB  . VAL A 1 14  ? -1.936  -3.901  16.447  1.00 15.44 ? 13  VAL A CB  1 
ATOM   77   C CG1 . VAL A 1 14  ? -3.178  -4.692  16.146  1.00 17.15 ? 13  VAL A CG1 1 
ATOM   78   C CG2 . VAL A 1 14  ? -2.191  -2.928  17.614  1.00 18.88 ? 13  VAL A CG2 1 
ATOM   79   N N   . ASP A 1 15  ? -0.560  -7.177  16.014  1.00 15.61 ? 14  ASP A N   1 
ATOM   80   C CA  . ASP A 1 15  ? -0.277  -8.240  15.052  1.00 15.87 ? 14  ASP A CA  1 
ATOM   81   C C   . ASP A 1 15  ? -1.542  -8.969  14.708  1.00 16.43 ? 14  ASP A C   1 
ATOM   82   O O   . ASP A 1 15  ? -2.054  -9.795  15.480  1.00 17.34 ? 14  ASP A O   1 
ATOM   83   C CB  . ASP A 1 15  ? 0.809   -9.195  15.584  1.00 16.84 ? 14  ASP A CB  1 
ATOM   84   C CG  . ASP A 1 15  ? 1.249   -10.207 14.549  1.00 20.79 ? 14  ASP A CG  1 
ATOM   85   O OD1 . ASP A 1 15  ? 0.643   -10.260 13.472  1.00 19.73 ? 14  ASP A OD1 1 
ATOM   86   O OD2 . ASP A 1 15  ? 2.240   -10.951 14.813  1.00 23.56 ? 14  ASP A OD2 1 
ATOM   87   N N   . CYS A 1 16  ? -2.085  -8.610  13.524  1.00 15.39 ? 15  CYS A N   1 
ATOM   88   C CA  . CYS A 1 16  ? -3.270  -9.257  12.996  1.00 16.81 ? 15  CYS A CA  1 
ATOM   89   C C   . CYS A 1 16  ? -2.961  -10.159 11.803  1.00 17.23 ? 15  CYS A C   1 
ATOM   90   O O   . CYS A 1 16  ? -3.847  -10.522 11.078  1.00 18.78 ? 15  CYS A O   1 
ATOM   91   C CB  . CYS A 1 16  ? -4.281  -8.199  12.529  1.00 17.95 ? 15  CYS A CB  1 
ATOM   92   S SG  . CYS A 1 16  ? -4.843  -7.009  13.787  1.00 20.67 ? 15  CYS A SG  1 
ATOM   93   N N   . SER A 1 17  ? -1.702  -10.573 11.676  1.00 16.73 ? 16  SER A N   1 
ATOM   94   C CA  . SER A 1 17  ? -1.232  -11.337 10.493  1.00 16.93 ? 16  SER A CA  1 
ATOM   95   C C   . SER A 1 17  ? -1.634  -12.797 10.561  1.00 18.16 ? 16  SER A C   1 
ATOM   96   O O   . SER A 1 17  ? -1.664  -13.423 11.654  1.00 19.09 ? 16  SER A O   1 
ATOM   97   C CB  . SER A 1 17  ? 0.272   -11.166 10.297  1.00 18.32 ? 16  SER A CB  1 
ATOM   98   O OG  . SER A 1 17  ? 0.980   -11.841 11.348  1.00 19.69 ? 16  SER A OG  1 
ATOM   99   N N   . GLY A 1 18  ? -1.935  -13.356 9.395   1.00 17.90 ? 17  GLY A N   1 
ATOM   100  C CA  . GLY A 1 18  ? -2.108  -14.797 9.296   1.00 19.80 ? 17  GLY A CA  1 
ATOM   101  C C   . GLY A 1 18  ? -3.293  -15.332 10.062  1.00 21.07 ? 17  GLY A C   1 
ATOM   102  O O   . GLY A 1 18  ? -3.206  -16.442 10.621  1.00 21.95 ? 17  GLY A O   1 
ATOM   103  N N   . LYS A 1 19  ? -4.391  -14.581 10.114  1.00 19.75 ? 18  LYS A N   1 
ATOM   104  C CA  . LYS A 1 19  ? -5.589  -14.940 10.883  1.00 21.85 ? 18  LYS A CA  1 
ATOM   105  C C   . LYS A 1 19  ? -6.811  -15.120 10.019  1.00 21.95 ? 18  LYS A C   1 
ATOM   106  O O   . LYS A 1 19  ? -7.940  -15.017 10.564  1.00 23.49 ? 18  LYS A O   1 
ATOM   107  C CB  . LYS A 1 19  ? -5.963  -13.856 11.898  1.00 21.96 ? 18  LYS A CB  1 
ATOM   108  C CG  . LYS A 1 19  ? -4.920  -13.511 12.931  1.00 26.29 ? 18  LYS A CG  1 
ATOM   109  C CD  . LYS A 1 19  ? -4.544  -14.687 13.799  1.00 32.87 ? 18  LYS A CD  1 
ATOM   110  C CE  . LYS A 1 19  ? -3.585  -14.201 14.881  1.00 37.74 ? 18  LYS A CE  1 
ATOM   111  N NZ  . LYS A 1 19  ? -2.358  -13.458 14.353  1.00 39.49 ? 18  LYS A NZ  1 
ATOM   112  N N   . SER A 1 20  ? -6.624  -15.302 8.700   1.00 21.71 ? 19  SER A N   1 
ATOM   113  C CA  . SER A 1 20  ? -7.741  -15.500 7.773   1.00 22.28 ? 19  SER A CA  1 
ATOM   114  C C   . SER A 1 20  ? -8.752  -14.355 7.826   1.00 21.39 ? 19  SER A C   1 
ATOM   115  O O   . SER A 1 20  ? -9.953  -14.547 7.541   1.00 23.29 ? 19  SER A O   1 
ATOM   116  C CB  . SER A 1 20  ? -8.484  -16.839 8.075   1.00 24.44 ? 19  SER A CB  1 
ATOM   117  O OG  . SER A 1 20  ? -7.543  -17.901 7.985   1.00 29.29 ? 19  SER A OG  1 
ATOM   118  N N   . LEU A 1 21  ? -8.301  -13.140 8.136   1.00 18.32 ? 20  LEU A N   1 
ATOM   119  C CA  . LEU A 1 21  ? -9.241  -12.046 8.312   1.00 17.33 ? 20  LEU A CA  1 
ATOM   120  C C   . LEU A 1 21  ? -9.762  -11.505 6.967   1.00 16.62 ? 20  LEU A C   1 
ATOM   121  O O   . LEU A 1 21  ? -9.011  -11.428 5.986   1.00 16.52 ? 20  LEU A O   1 
ATOM   122  C CB  . LEU A 1 21  ? -8.577  -10.870 9.043   1.00 18.04 ? 20  LEU A CB  1 
ATOM   123  C CG  . LEU A 1 21  ? -8.043  -11.224 10.431  1.00 19.05 ? 20  LEU A CG  1 
ATOM   124  C CD1 . LEU A 1 21  ? -7.347  -9.994  10.918  1.00 20.89 ? 20  LEU A CD1 1 
ATOM   125  C CD2 . LEU A 1 21  ? -9.116  -11.655 11.398  1.00 22.72 ? 20  LEU A CD2 1 
ATOM   126  N N   . ALA A 1 22  ? -11.044 -11.156 6.924   1.00 17.60 ? 21  ALA A N   1 
ATOM   127  C CA  . ALA A 1 22  ? -11.616 -10.602 5.716   1.00 18.45 ? 21  ALA A CA  1 
ATOM   128  C C   . ALA A 1 22  ? -11.701 -9.117  5.826   1.00 19.43 ? 21  ALA A C   1 
ATOM   129  O O   . ALA A 1 22  ? -12.038 -8.424  4.878   1.00 21.17 ? 21  ALA A O   1 
ATOM   130  C CB  . ALA A 1 22  ? -13.029 -11.162 5.445   1.00 19.48 ? 21  ALA A CB  1 
ATOM   131  N N   . SER A 1 23  ? -11.425 -8.578  7.004   1.00 19.59 ? 22  SER A N   1 
ATOM   132  C CA  . SER A 1 23  ? -11.488 -7.161  7.149   1.00 20.98 ? 22  SER A CA  1 
ATOM   133  C C   . SER A 1 23  ? -10.528 -6.669  8.203   1.00 19.68 ? 22  SER A C   1 
ATOM   134  O O   . SER A 1 23  ? -10.120 -7.417  9.062   1.00 19.11 ? 22  SER A O   1 
ATOM   135  C CB  . SER A 1 23  ? -12.891 -6.780  7.529   1.00 22.22 ? 22  SER A CB  1 
ATOM   136  O OG  . SER A 1 23  ? -13.203 -7.263  8.820   1.00 27.86 ? 22  SER A OG  1 
ATOM   137  N N   . VAL A 1 24  ? -10.138 -5.413  8.116   1.00 18.24 ? 23  VAL A N   1 
ATOM   138  C CA  . VAL A 1 24  ? -9.326  -4.813  9.197   1.00 17.39 ? 23  VAL A CA  1 
ATOM   139  C C   . VAL A 1 24  ? -10.175 -4.708  10.468  1.00 18.87 ? 23  VAL A C   1 
ATOM   140  O O   . VAL A 1 24  ? -11.287 -4.164  10.437  1.00 19.20 ? 23  VAL A O   1 
ATOM   141  C CB  . VAL A 1 24  ? -8.822  -3.425  8.808   1.00 16.44 ? 23  VAL A CB  1 
ATOM   142  C CG1 . VAL A 1 24  ? -8.007  -2.811  9.961   1.00 16.90 ? 23  VAL A CG1 1 
ATOM   143  C CG2 . VAL A 1 24  ? -8.013  -3.459  7.542   1.00 16.83 ? 23  VAL A CG2 1 
ATOM   144  N N   . PRO A 1 25  ? -9.696  -5.279  11.596  1.00 19.66 ? 24  PRO A N   1 
ATOM   145  C CA  . PRO A 1 25  ? -10.437 -5.150  12.837  1.00 21.34 ? 24  PRO A CA  1 
ATOM   146  C C   . PRO A 1 25  ? -10.671 -3.706  13.237  1.00 22.22 ? 24  PRO A C   1 
ATOM   147  O O   . PRO A 1 25  ? -9.803  -2.869  13.072  1.00 22.12 ? 24  PRO A O   1 
ATOM   148  C CB  . PRO A 1 25  ? -9.525  -5.878  13.857  1.00 22.28 ? 24  PRO A CB  1 
ATOM   149  C CG  . PRO A 1 25  ? -8.833  -6.868  13.085  1.00 20.38 ? 24  PRO A CG  1 
ATOM   150  C CD  . PRO A 1 25  ? -8.528  -6.165  11.759  1.00 20.49 ? 24  PRO A CD  1 
ATOM   151  N N   . THR A 1 26  ? -11.861 -3.433  13.752  1.00 24.65 ? 25  THR A N   1 
ATOM   152  C CA  . THR A 1 26  ? -12.137 -2.107  14.269  1.00 25.89 ? 25  THR A CA  1 
ATOM   153  C C   . THR A 1 26  ? -11.532 -1.955  15.689  1.00 25.70 ? 25  THR A C   1 
ATOM   154  O O   . THR A 1 26  ? -11.236 -2.927  16.393  1.00 26.51 ? 25  THR A O   1 
ATOM   155  C CB  . THR A 1 26  ? -13.668 -1.863  14.254  1.00 26.81 ? 25  THR A CB  1 
ATOM   156  O OG1 . THR A 1 26  ? -13.923 -0.458  14.134  1.00 30.69 ? 25  THR A OG1 1 
ATOM   157  C CG2 . THR A 1 26  ? -14.307 -2.435  15.472  1.00 28.46 ? 25  THR A CG2 1 
ATOM   158  N N   . GLY A 1 27  ? -11.353 -0.721  16.097  1.00 25.37 ? 26  GLY A N   1 
ATOM   159  C CA  . GLY A 1 27  ? -10.810 -0.466  17.417  1.00 24.84 ? 26  GLY A CA  1 
ATOM   160  C C   . GLY A 1 27  ? -9.298  -0.672  17.538  1.00 24.31 ? 26  GLY A C   1 
ATOM   161  O O   . GLY A 1 27  ? -8.782  -1.031  18.627  1.00 26.67 ? 26  GLY A O   1 
ATOM   162  N N   . ILE A 1 28  ? -8.557  -0.475  16.446  1.00 22.03 ? 27  ILE A N   1 
ATOM   163  C CA  . ILE A 1 28  ? -7.095  -0.497  16.585  1.00 20.05 ? 27  ILE A CA  1 
ATOM   164  C C   . ILE A 1 28  ? -6.679  0.737   17.413  1.00 17.95 ? 27  ILE A C   1 
ATOM   165  O O   . ILE A 1 28  ? -7.098  1.864   17.107  1.00 19.64 ? 27  ILE A O   1 
ATOM   166  C CB  . ILE A 1 28  ? -6.383  -0.622  15.204  1.00 19.99 ? 27  ILE A CB  1 
ATOM   167  C CG1 . ILE A 1 28  ? -6.685  -2.022  14.617  1.00 20.67 ? 27  ILE A CG1 1 
ATOM   168  C CG2 . ILE A 1 28  ? -4.852  -0.341  15.313  1.00 17.61 ? 27  ILE A CG2 1 
ATOM   169  C CD1 . ILE A 1 28  ? -6.389  -2.157  13.132  1.00 22.78 ? 27  ILE A CD1 1 
ATOM   170  N N   . PRO A 1 29  ? -5.874  0.519   18.468  1.00 18.12 ? 28  PRO A N   1 
ATOM   171  C CA  . PRO A 1 29  ? -5.482  1.642   19.358  1.00 17.57 ? 28  PRO A CA  1 
ATOM   172  C C   . PRO A 1 29  ? -4.748  2.778   18.638  1.00 16.55 ? 28  PRO A C   1 
ATOM   173  O O   . PRO A 1 29  ? -3.905  2.510   17.746  1.00 15.99 ? 28  PRO A O   1 
ATOM   174  C CB  . PRO A 1 29  ? -4.549  0.967   20.370  1.00 18.28 ? 28  PRO A CB  1 
ATOM   175  C CG  . PRO A 1 29  ? -4.861  -0.424  20.372  1.00 18.80 ? 28  PRO A CG  1 
ATOM   176  C CD  . PRO A 1 29  ? -5.344  -0.755  18.939  1.00 18.51 ? 28  PRO A CD  1 
ATOM   177  N N   . THR A 1 30  ? -5.008  4.032   19.018  1.00 16.35 ? 29  THR A N   1 
ATOM   178  C CA  . THR A 1 30  ? -4.327  5.161   18.364  1.00 16.34 ? 29  THR A CA  1 
ATOM   179  C C   . THR A 1 30  ? -2.853  5.293   18.696  1.00 15.21 ? 29  THR A C   1 
ATOM   180  O O   . THR A 1 30  ? -2.158  6.123   18.119  1.00 16.69 ? 29  THR A O   1 
ATOM   181  C CB  . THR A 1 30  ? -5.041  6.503   18.555  1.00 16.82 ? 29  THR A CB  1 
ATOM   182  O OG1 . THR A 1 30  ? -4.943  6.908   19.935  1.00 18.63 ? 29  THR A OG1 1 
ATOM   183  C CG2 . THR A 1 30  ? -6.513  6.341   18.225  1.00 19.18 ? 29  THR A CG2 1 
ATOM   184  N N   . THR A 1 31  ? -2.391  4.506   19.659  1.00 15.60 ? 30  THR A N   1 
ATOM   185  C CA  . THR A 1 31  ? -0.951  4.502   20.010  1.00 14.75 ? 30  THR A CA  1 
ATOM   186  C C   . THR A 1 31  ? -0.167  3.608   19.076  1.00 15.31 ? 30  THR A C   1 
ATOM   187  O O   . THR A 1 31  ? 1.069   3.534   19.188  1.00 16.74 ? 30  THR A O   1 
ATOM   188  C CB  . THR A 1 31  ? -0.716  3.964   21.451  1.00 16.32 ? 30  THR A CB  1 
ATOM   189  O OG1 . THR A 1 31  ? -1.401  2.732   21.623  1.00 18.80 ? 30  THR A OG1 1 
ATOM   190  C CG2 . THR A 1 31  ? -1.231  4.894   22.471  1.00 17.89 ? 30  THR A CG2 1 
ATOM   191  N N   . THR A 1 32  ? -0.855  2.875   18.201  1.00 13.61 ? 31  THR A N   1 
ATOM   192  C CA  . THR A 1 32  ? -0.154  1.809   17.420  1.00 14.57 ? 31  THR A CA  1 
ATOM   193  C C   . THR A 1 32  ? 0.946   2.353   16.559  1.00 13.29 ? 31  THR A C   1 
ATOM   194  O O   . THR A 1 32  ? 0.800   3.374   15.876  1.00 13.98 ? 31  THR A O   1 
ATOM   195  C CB  . THR A 1 32  ? -1.183  1.044   16.558  1.00 14.63 ? 31  THR A CB  1 
ATOM   196  O OG1 . THR A 1 32  ? -2.191  0.480   17.393  1.00 15.34 ? 31  THR A OG1 1 
ATOM   197  C CG2 . THR A 1 32  ? -0.524  -0.067  15.727  1.00 13.71 ? 31  THR A CG2 1 
ATOM   198  N N   . GLN A 1 33  ? 2.099   1.682   16.631  1.00 14.77 ? 32  GLN A N   1 
ATOM   199  C CA  . GLN A 1 33  ? 3.251   2.044   15.808  1.00 14.31 ? 32  GLN A CA  1 
ATOM   200  C C   . GLN A 1 33  ? 3.493   1.002   14.717  1.00 14.21 ? 32  GLN A C   1 
ATOM   201  O O   . GLN A 1 33  ? 3.782   1.364   13.574  1.00 15.89 ? 32  GLN A O   1 
ATOM   202  C CB  . GLN A 1 33  ? 4.516   2.201   16.677  1.00 14.98 ? 32  GLN A CB  1 
ATOM   203  C CG  . GLN A 1 33  ? 4.416   3.467   17.526  1.00 16.96 ? 32  GLN A CG  1 
ATOM   204  C CD  . GLN A 1 33  ? 5.670   3.594   18.344  1.00 18.90 ? 32  GLN A CD  1 
ATOM   205  O OE1 . GLN A 1 33  ? 5.943   2.739   19.174  1.00 23.80 ? 32  GLN A OE1 1 
ATOM   206  N NE2 . GLN A 1 33  ? 6.467   4.607   18.055  1.00 23.00 ? 32  GLN A NE2 1 
ATOM   207  N N   . VAL A 1 34  ? 3.369   -0.262  15.052  1.00 14.20 ? 33  VAL A N   1 
ATOM   208  C CA  . VAL A 1 34  ? 3.567   -1.336  14.054  1.00 13.16 ? 33  VAL A CA  1 
ATOM   209  C C   . VAL A 1 34  ? 2.270   -2.078  13.919  1.00 14.59 ? 33  VAL A C   1 
ATOM   210  O O   . VAL A 1 34  ? 1.775   -2.671  14.891  1.00 14.50 ? 33  VAL A O   1 
ATOM   211  C CB  . VAL A 1 34  ? 4.678   -2.322  14.483  1.00 14.38 ? 33  VAL A CB  1 
ATOM   212  C CG1 . VAL A 1 34  ? 4.739   -3.553  13.492  1.00 15.82 ? 33  VAL A CG1 1 
ATOM   213  C CG2 . VAL A 1 34  ? 6.037   -1.643  14.587  1.00 13.98 ? 33  VAL A CG2 1 
ATOM   214  N N   . LEU A 1 35  ? 1.722   -2.079  12.707  1.00 13.35 ? 34  LEU A N   1 
ATOM   215  C CA  . LEU A 1 35  ? 0.437   -2.768  12.453  1.00 12.76 ? 34  LEU A CA  1 
ATOM   216  C C   . LEU A 1 35  ? 0.659   -3.797  11.356  1.00 13.44 ? 34  LEU A C   1 
ATOM   217  O O   . LEU A 1 35  ? 0.849   -3.449  10.176  1.00 12.68 ? 34  LEU A O   1 
ATOM   218  C CB  . LEU A 1 35  ? -0.619  -1.748  12.036  1.00 13.07 ? 34  LEU A CB  1 
ATOM   219  C CG  . LEU A 1 35  ? -1.983  -2.317  11.632  1.00 11.88 ? 34  LEU A CG  1 
ATOM   220  C CD1 . LEU A 1 35  ? -2.658  -3.215  12.660  1.00 13.23 ? 34  LEU A CD1 1 
ATOM   221  C CD2 . LEU A 1 35  ? -2.884  -1.113  11.259  1.00 15.00 ? 34  LEU A CD2 1 
ATOM   222  N N   . TYR A 1 36  ? 0.633   -5.054  11.776  1.00 12.66 ? 35  TYR A N   1 
ATOM   223  C CA  . TYR A 1 36  ? 0.745   -6.187  10.842  1.00 12.66 ? 35  TYR A CA  1 
ATOM   224  C C   . TYR A 1 36  ? -0.634  -6.697  10.456  1.00 13.08 ? 35  TYR A C   1 
ATOM   225  O O   . TYR A 1 36  ? -1.356  -7.231  11.280  1.00 14.49 ? 35  TYR A O   1 
ATOM   226  C CB  . TYR A 1 36  ? 1.553   -7.315  11.490  1.00 13.98 ? 35  TYR A CB  1 
ATOM   227  C CG  . TYR A 1 36  ? 3.010   -7.074  11.821  1.00 14.42 ? 35  TYR A CG  1 
ATOM   228  C CD1 . TYR A 1 36  ? 3.906   -6.529  10.919  1.00 16.83 ? 35  TYR A CD1 1 
ATOM   229  C CD2 . TYR A 1 36  ? 3.509   -7.514  13.054  1.00 17.57 ? 35  TYR A CD2 1 
ATOM   230  C CE1 . TYR A 1 36  ? 5.288   -6.398  11.266  1.00 18.65 ? 35  TYR A CE1 1 
ATOM   231  C CE2 . TYR A 1 36  ? 4.859   -7.397  13.380  1.00 19.20 ? 35  TYR A CE2 1 
ATOM   232  C CZ  . TYR A 1 36  ? 5.738   -6.846  12.490  1.00 18.83 ? 35  TYR A CZ  1 
ATOM   233  O OH  . TYR A 1 36  ? 7.095   -6.719  12.806  1.00 18.57 ? 35  TYR A OH  1 
ATOM   234  N N   . LEU A 1 37  ? -0.980  -6.561  9.150   1.00 12.74 ? 36  LEU A N   1 
ATOM   235  C CA  . LEU A 1 37  ? -2.228  -7.106  8.620   1.00 12.90 ? 36  LEU A CA  1 
ATOM   236  C C   . LEU A 1 37  ? -1.951  -8.087  7.467   1.00 12.60 ? 36  LEU A C   1 
ATOM   237  O O   . LEU A 1 37  ? -2.883  -8.457  6.731   1.00 12.81 ? 36  LEU A O   1 
ATOM   238  C CB  . LEU A 1 37  ? -3.114  -5.969  8.124   1.00 11.49 ? 36  LEU A CB  1 
ATOM   239  C CG  . LEU A 1 37  ? -3.774  -5.157  9.245   1.00 12.32 ? 36  LEU A CG  1 
ATOM   240  C CD1 . LEU A 1 37  ? -4.140  -3.767  8.742   1.00 13.66 ? 36  LEU A CD1 1 
ATOM   241  C CD2 . LEU A 1 37  ? -4.994  -5.938  9.771   1.00 14.52 ? 36  LEU A CD2 1 
ATOM   242  N N   . TYR A 1 38  ? -0.696  -8.485  7.328   1.00 12.26 ? 37  TYR A N   1 
ATOM   243  C CA  . TYR A 1 38  ? -0.327  -9.350  6.188   1.00 12.82 ? 37  TYR A CA  1 
ATOM   244  C C   . TYR A 1 38  ? -0.847  -10.782 6.283   1.00 13.44 ? 37  TYR A C   1 
ATOM   245  O O   . TYR A 1 38  ? -1.183  -11.259 7.352   1.00 14.27 ? 37  TYR A O   1 
ATOM   246  C CB  . TYR A 1 38  ? 1.179   -9.318  5.986   1.00 14.61 ? 37  TYR A CB  1 
ATOM   247  C CG  . TYR A 1 38  ? 1.976   -9.906  7.109   1.00 15.74 ? 37  TYR A CG  1 
ATOM   248  C CD1 . TYR A 1 38  ? 2.244   -11.302 7.122   1.00 16.42 ? 37  TYR A CD1 1 
ATOM   249  C CD2 . TYR A 1 38  ? 2.520   -9.117  8.090   1.00 15.42 ? 37  TYR A CD2 1 
ATOM   250  C CE1 . TYR A 1 38  ? 3.036   -11.890 8.115   1.00 17.54 ? 37  TYR A CE1 1 
ATOM   251  C CE2 . TYR A 1 38  ? 3.317   -9.693  9.144   1.00 20.25 ? 37  TYR A CE2 1 
ATOM   252  C CZ  . TYR A 1 38  ? 3.573   -11.081 9.109   1.00 20.79 ? 37  TYR A CZ  1 
ATOM   253  O OH  . TYR A 1 38  ? 4.344   -11.675 10.099  1.00 23.32 ? 37  TYR A OH  1 
ATOM   254  N N   . ASP A 1 39  ? -0.892  -11.456 5.128   1.00 13.90 ? 38  ASP A N   1 
ATOM   255  C CA  . ASP A 1 39  ? -1.349  -12.858 5.066   1.00 13.74 ? 38  ASP A CA  1 
ATOM   256  C C   . ASP A 1 39  ? -2.750  -12.968 5.590   1.00 13.60 ? 38  ASP A C   1 
ATOM   257  O O   . ASP A 1 39  ? -3.012  -13.693 6.573   1.00 15.94 ? 38  ASP A O   1 
ATOM   258  C CB  A ASP A 1 39  ? -0.352  -13.808 5.738   0.65 15.03 ? 38  ASP A CB  1 
ATOM   259  C CB  B ASP A 1 39  ? -0.508  -13.779 5.990   0.35 14.97 ? 38  ASP A CB  1 
ATOM   260  C CG  A ASP A 1 39  ? -0.708  -15.251 5.521   0.65 17.30 ? 38  ASP A CG  1 
ATOM   261  C CG  B ASP A 1 39  ? 0.931   -13.946 5.555   0.35 16.27 ? 38  ASP A CG  1 
ATOM   262  O OD1 A ASP A 1 39  ? -1.319  -15.560 4.467   0.65 20.59 ? 38  ASP A OD1 1 
ATOM   263  O OD1 B ASP A 1 39  ? 1.723   -14.478 6.373   0.35 20.03 ? 38  ASP A OD1 1 
ATOM   264  O OD2 A ASP A 1 39  ? -0.392  -16.070 6.428   0.65 18.39 ? 38  ASP A OD2 1 
ATOM   265  O OD2 B ASP A 1 39  ? 1.284   -13.562 4.437   0.35 19.42 ? 38  ASP A OD2 1 
ATOM   266  N N   . ASN A 1 40  ? -3.657  -12.255 4.952   1.00 13.25 ? 39  ASN A N   1 
ATOM   267  C CA  . ASN A 1 40  ? -5.080  -12.350 5.265   1.00 12.70 ? 39  ASN A CA  1 
ATOM   268  C C   . ASN A 1 40  ? -5.850  -12.395 3.959   1.00 14.00 ? 39  ASN A C   1 
ATOM   269  O O   . ASN A 1 40  ? -5.256  -12.656 2.884   1.00 14.64 ? 39  ASN A O   1 
ATOM   270  C CB  . ASN A 1 40  ? -5.528  -11.207 6.203   1.00 12.64 ? 39  ASN A CB  1 
ATOM   271  C CG  . ASN A 1 40  ? -5.020  -11.375 7.678   1.00 16.54 ? 39  ASN A CG  1 
ATOM   272  O OD1 . ASN A 1 40  ? -4.277  -10.510 8.229   1.00 17.74 ? 39  ASN A OD1 1 
ATOM   273  N ND2 . ASN A 1 40  ? -5.452  -12.444 8.317   1.00 12.96 ? 39  ASN A ND2 1 
ATOM   274  N N   . GLN A 1 41  ? -7.159  -12.233 4.080   1.00 14.13 ? 40  GLN A N   1 
ATOM   275  C CA  . GLN A 1 41  ? -8.080  -12.296 2.892   1.00 15.04 ? 40  GLN A CA  1 
ATOM   276  C C   . GLN A 1 41  ? -8.861  -10.997 2.702   1.00 15.42 ? 40  GLN A C   1 
ATOM   277  O O   . GLN A 1 41  ? -10.042 -10.967 2.377   1.00 15.61 ? 40  GLN A O   1 
ATOM   278  C CB  A GLN A 1 41  ? -9.113  -13.450 3.106   0.65 16.74 ? 40  GLN A CB  1 
ATOM   279  C CB  B GLN A 1 41  ? -8.942  -13.568 2.847   0.35 15.57 ? 40  GLN A CB  1 
ATOM   280  C CG  A GLN A 1 41  ? -8.462  -14.791 3.251   0.65 20.68 ? 40  GLN A CG  1 
ATOM   281  C CG  B GLN A 1 41  ? -9.653  -13.867 4.122   0.35 14.46 ? 40  GLN A CG  1 
ATOM   282  C CD  A GLN A 1 41  ? -7.721  -15.192 2.012   0.65 24.53 ? 40  GLN A CD  1 
ATOM   283  C CD  B GLN A 1 41  ? -10.492 -15.129 4.039   0.35 20.12 ? 40  GLN A CD  1 
ATOM   284  O OE1 A GLN A 1 41  ? -7.993  -14.683 0.910   0.65 26.50 ? 40  GLN A OE1 1 
ATOM   285  O OE1 B GLN A 1 41  ? -11.134 -15.534 5.016   0.35 22.18 ? 40  GLN A OE1 1 
ATOM   286  N NE2 A GLN A 1 41  ? -6.756  -16.104 2.170   0.65 28.79 ? 40  GLN A NE2 1 
ATOM   287  N NE2 B GLN A 1 41  ? -10.521 -15.742 2.856   0.35 15.32 ? 40  GLN A NE2 1 
ATOM   288  N N   . ILE A 1 42  ? -8.190  -9.877  2.961   1.00 12.19 ? 41  ILE A N   1 
ATOM   289  C CA  . ILE A 1 42  ? -8.862  -8.580  2.898   1.00 12.28 ? 41  ILE A CA  1 
ATOM   290  C C   . ILE A 1 42  ? -8.961  -8.076  1.462   1.00 12.47 ? 41  ILE A C   1 
ATOM   291  O O   . ILE A 1 42  ? -7.947  -7.990  0.768   1.00 12.70 ? 41  ILE A O   1 
ATOM   292  C CB  . ILE A 1 42  ? -8.116  -7.556  3.813   1.00 12.98 ? 41  ILE A CB  1 
ATOM   293  C CG1 . ILE A 1 42  ? -8.015  -8.078  5.261   1.00 11.61 ? 41  ILE A CG1 1 
ATOM   294  C CG2 . ILE A 1 42  ? -8.802  -6.174  3.753   1.00 13.63 ? 41  ILE A CG2 1 
ATOM   295  C CD1 . ILE A 1 42  ? -6.982  -7.323  6.069   1.00 14.81 ? 41  ILE A CD1 1 
ATOM   296  N N   . THR A 1 43  ? -10.168 -7.724  1.001   1.00 13.17 ? 42  THR A N   1 
ATOM   297  C CA  . THR A 1 43  ? -10.400 -7.192  -0.338  1.00 13.33 ? 42  THR A CA  1 
ATOM   298  C C   . THR A 1 43  ? -10.625 -5.690  -0.340  1.00 13.06 ? 42  THR A C   1 
ATOM   299  O O   . THR A 1 43  ? -10.184 -4.986  -1.250  1.00 13.81 ? 42  THR A O   1 
ATOM   300  C CB  . THR A 1 43  ? -11.653 -7.854  -0.952  1.00 15.23 ? 42  THR A CB  1 
ATOM   301  O OG1 . THR A 1 43  ? -11.387 -9.261  -1.051  1.00 17.99 ? 42  THR A OG1 1 
ATOM   302  C CG2 . THR A 1 43  ? -11.968 -7.301  -2.353  1.00 16.95 ? 42  THR A CG2 1 
ATOM   303  N N   . LYS A 1 44  ? -11.350 -5.226  0.662   1.00 13.36 ? 43  LYS A N   1 
ATOM   304  C CA  . LYS A 1 44  ? -11.746 -3.785  0.785   1.00 14.36 ? 43  LYS A CA  1 
ATOM   305  C C   . LYS A 1 44  ? -11.450 -3.295  2.178   1.00 14.21 ? 43  LYS A C   1 
ATOM   306  O O   . LYS A 1 44  ? -11.557 -4.046  3.165   1.00 15.45 ? 43  LYS A O   1 
ATOM   307  C CB  . LYS A 1 44  ? -13.255 -3.562  0.522   1.00 14.61 ? 43  LYS A CB  1 
ATOM   308  C CG  . LYS A 1 44  ? -13.581 -3.890  -0.937  1.00 19.43 ? 43  LYS A CG  1 
ATOM   309  C CD  . LYS A 1 44  ? -15.001 -3.720  -1.288  1.00 22.14 ? 43  LYS A CD  1 
ATOM   310  C CE  . LYS A 1 44  ? -15.050 -3.705  -2.840  1.00 27.08 ? 43  LYS A CE  1 
ATOM   311  N NZ  . LYS A 1 44  ? -16.426 -3.596  -3.326  1.00 26.72 ? 43  LYS A NZ  1 
ATOM   312  N N   . LEU A 1 45  ? -11.041 -2.022  2.207   1.00 13.45 ? 44  LEU A N   1 
ATOM   313  C CA  . LEU A 1 45  ? -10.795 -1.273  3.449   1.00 14.88 ? 44  LEU A CA  1 
ATOM   314  C C   . LEU A 1 45  ? -11.916 -0.272  3.699   1.00 15.74 ? 44  LEU A C   1 
ATOM   315  O O   . LEU A 1 45  ? -12.446 0.318   2.746   1.00 15.56 ? 44  LEU A O   1 
ATOM   316  C CB  . LEU A 1 45  ? -9.467  -0.488  3.371   1.00 15.41 ? 44  LEU A CB  1 
ATOM   317  C CG  . LEU A 1 45  ? -8.170  -1.269  3.125   1.00 15.14 ? 44  LEU A CG  1 
ATOM   318  C CD1 . LEU A 1 45  ? -6.959  -0.370  2.957   1.00 16.15 ? 44  LEU A CD1 1 
ATOM   319  C CD2 . LEU A 1 45  ? -7.895  -2.208  4.291   1.00 14.90 ? 44  LEU A CD2 1 
ATOM   320  N N   . GLU A 1 46  ? -12.272 -0.088  4.976   1.00 14.29 ? 45  GLU A N   1 
ATOM   321  C CA  . GLU A 1 46  ? -13.201 0.999   5.292   1.00 15.23 ? 45  GLU A CA  1 
ATOM   322  C C   . GLU A 1 46  ? -12.522 2.333   4.998   1.00 17.35 ? 45  GLU A C   1 
ATOM   323  O O   . GLU A 1 46  ? -11.355 2.570   5.403   1.00 16.17 ? 45  GLU A O   1 
ATOM   324  C CB  . GLU A 1 46  ? -13.574 1.004   6.792   1.00 17.44 ? 45  GLU A CB  1 
ATOM   325  C CG  . GLU A 1 46  ? -14.478 -0.128  7.225   1.00 18.44 ? 45  GLU A CG  1 
ATOM   326  C CD  . GLU A 1 46  ? -15.986 0.089   6.920   1.00 19.14 ? 45  GLU A CD  1 
ATOM   327  O OE1 . GLU A 1 46  ? -16.392 1.132   6.362   1.00 21.82 ? 45  GLU A OE1 1 
ATOM   328  O OE2 . GLU A 1 46  ? -16.739 -0.800  7.351   1.00 21.21 ? 45  GLU A OE2 1 
ATOM   329  N N   . PRO A 1 47  ? -13.205 3.240   4.317   1.00 17.20 ? 46  PRO A N   1 
ATOM   330  C CA  . PRO A 1 47  ? -12.635 4.571   4.206   1.00 16.99 ? 46  PRO A CA  1 
ATOM   331  C C   . PRO A 1 47  ? -12.300 5.129   5.595   1.00 16.37 ? 46  PRO A C   1 
ATOM   332  O O   . PRO A 1 47  ? -13.075 4.997   6.556   1.00 18.00 ? 46  PRO A O   1 
ATOM   333  C CB  . PRO A 1 47  ? -13.752 5.386   3.509   1.00 16.67 ? 46  PRO A CB  1 
ATOM   334  C CG  . PRO A 1 47  ? -14.479 4.379   2.704   1.00 19.10 ? 46  PRO A CG  1 
ATOM   335  C CD  . PRO A 1 47  ? -14.466 3.100   3.552   1.00 18.67 ? 46  PRO A CD  1 
ATOM   336  N N   . GLY A 1 48  ? -11.126 5.724   5.697   1.00 17.02 ? 47  GLY A N   1 
ATOM   337  C CA  . GLY A 1 48  ? -10.755 6.357   6.968   1.00 16.89 ? 47  GLY A CA  1 
ATOM   338  C C   . GLY A 1 48  ? -10.230 5.410   8.028   1.00 15.57 ? 47  GLY A C   1 
ATOM   339  O O   . GLY A 1 48  ? -9.923  5.838   9.154   1.00 16.83 ? 47  GLY A O   1 
ATOM   340  N N   . VAL A 1 49  ? -10.062 4.131   7.678   1.00 14.77 ? 48  VAL A N   1 
ATOM   341  C CA  . VAL A 1 49  ? -9.701  3.102   8.664   1.00 15.27 ? 48  VAL A CA  1 
ATOM   342  C C   . VAL A 1 49  ? -8.415  3.442   9.459   1.00 15.29 ? 48  VAL A C   1 
ATOM   343  O O   . VAL A 1 49  ? -8.287  3.037   10.636  1.00 17.20 ? 48  VAL A O   1 
ATOM   344  C CB  . VAL A 1 49  ? -9.591  1.702   7.995   1.00 15.75 ? 48  VAL A CB  1 
ATOM   345  C CG1 . VAL A 1 49  ? -8.565  1.710   6.883   1.00 16.28 ? 48  VAL A CG1 1 
ATOM   346  C CG2 . VAL A 1 49  ? -9.267  0.594   9.059   1.00 18.78 ? 48  VAL A CG2 1 
ATOM   347  N N   . PHE A 1 50  ? -7.468  4.126   8.810   1.00 13.56 ? 49  PHE A N   1 
ATOM   348  C CA  . PHE A 1 50  ? -6.175  4.367   9.494   1.00 14.60 ? 49  PHE A CA  1 
ATOM   349  C C   . PHE A 1 50  ? -6.069  5.815   9.920   1.00 15.26 ? 49  PHE A C   1 
ATOM   350  O O   . PHE A 1 50  ? -5.010  6.213   10.429  1.00 16.28 ? 49  PHE A O   1 
ATOM   351  C CB  . PHE A 1 50  ? -4.967  4.040   8.614   1.00 14.40 ? 49  PHE A CB  1 
ATOM   352  C CG  . PHE A 1 50  ? -4.993  2.639   8.031   1.00 13.27 ? 49  PHE A CG  1 
ATOM   353  C CD1 . PHE A 1 50  ? -5.109  1.523   8.841   1.00 14.87 ? 49  PHE A CD1 1 
ATOM   354  C CD2 . PHE A 1 50  ? -4.851  2.467   6.658   1.00 13.04 ? 49  PHE A CD2 1 
ATOM   355  C CE1 . PHE A 1 50  ? -5.131  0.210   8.261   1.00 14.15 ? 49  PHE A CE1 1 
ATOM   356  C CE2 . PHE A 1 50  ? -4.864  1.181   6.089   1.00 13.82 ? 49  PHE A CE2 1 
ATOM   357  C CZ  . PHE A 1 50  ? -5.029  0.087   6.904   1.00 15.83 ? 49  PHE A CZ  1 
ATOM   358  N N   . ASP A 1 51  ? -7.135  6.618   9.815   1.00 16.59 ? 50  ASP A N   1 
ATOM   359  C CA  . ASP A 1 51  ? -7.010  8.068   10.070  1.00 17.41 ? 50  ASP A CA  1 
ATOM   360  C C   . ASP A 1 51  ? -6.605  8.499   11.464  1.00 17.99 ? 50  ASP A C   1 
ATOM   361  O O   . ASP A 1 51  ? -6.009  9.582   11.612  1.00 19.14 ? 50  ASP A O   1 
ATOM   362  C CB  . ASP A 1 51  ? -8.336  8.772   9.749   1.00 17.69 ? 50  ASP A CB  1 
ATOM   363  C CG  . ASP A 1 51  ? -8.597  8.861   8.290   1.00 23.12 ? 50  ASP A CG  1 
ATOM   364  O OD1 . ASP A 1 51  ? -7.724  8.418   7.502   1.00 23.83 ? 50  ASP A OD1 1 
ATOM   365  O OD2 . ASP A 1 51  ? -9.690  9.360   7.940   1.00 25.37 ? 50  ASP A OD2 1 
ATOM   366  N N   . ARG A 1 52  ? -6.914  7.641   12.436  1.00 19.21 ? 51  ARG A N   1 
ATOM   367  C CA  . ARG A 1 52  ? -6.593  7.989   13.823  1.00 20.65 ? 51  ARG A CA  1 
ATOM   368  C C   . ARG A 1 52  ? -5.224  7.427   14.217  1.00 19.31 ? 51  ARG A C   1 
ATOM   369  O O   . ARG A 1 52  ? -4.712  7.729   15.305  1.00 20.49 ? 51  ARG A O   1 
ATOM   370  C CB  . ARG A 1 52  ? -7.650  7.452   14.743  1.00 22.21 ? 51  ARG A CB  1 
ATOM   371  C CG  . ARG A 1 52  ? -9.068  8.006   14.480  1.00 26.93 ? 51  ARG A CG  1 
ATOM   372  C CD  . ARG A 1 52  ? -10.034 7.192   15.304  1.00 32.98 ? 51  ARG A CD  1 
ATOM   373  N NE  . ARG A 1 52  ? -9.951  7.501   16.731  1.00 34.66 ? 51  ARG A NE  1 
ATOM   374  C CZ  . ARG A 1 52  ? -10.129 6.603   17.702  1.00 37.34 ? 51  ARG A CZ  1 
ATOM   375  N NH1 . ARG A 1 52  ? -10.355 5.324   17.409  1.00 38.16 ? 51  ARG A NH1 1 
ATOM   376  N NH2 . ARG A 1 52  ? -10.065 6.986   18.972  1.00 38.22 ? 51  ARG A NH2 1 
ATOM   377  N N   . LEU A 1 53  ? -4.626  6.626   13.331  1.00 17.69 ? 52  LEU A N   1 
ATOM   378  C CA  . LEU A 1 53  ? -3.368  5.955   13.664  1.00 18.01 ? 52  LEU A CA  1 
ATOM   379  C C   . LEU A 1 53  ? -2.164  6.823   13.300  1.00 18.64 ? 52  LEU A C   1 
ATOM   380  O O   . LEU A 1 53  ? -1.263  6.432   12.542  1.00 20.19 ? 52  LEU A O   1 
ATOM   381  C CB  . LEU A 1 53  ? -3.348  4.590   12.965  1.00 16.69 ? 52  LEU A CB  1 
ATOM   382  C CG  . LEU A 1 53  ? -4.513  3.666   13.243  1.00 17.93 ? 52  LEU A CG  1 
ATOM   383  C CD1 . LEU A 1 53  ? -4.290  2.261   12.527  1.00 18.86 ? 52  LEU A CD1 1 
ATOM   384  C CD2 . LEU A 1 53  ? -4.788  3.542   14.750  1.00 18.87 ? 52  LEU A CD2 1 
ATOM   385  N N   . THR A 1 54  ? -2.096  8.002   13.904  1.00 17.00 ? 53  THR A N   1 
ATOM   386  C CA  . THR A 1 54  ? -1.136  8.996   13.500  1.00 19.37 ? 53  THR A CA  1 
ATOM   387  C C   . THR A 1 54  ? 0.309   8.643   13.894  1.00 18.22 ? 53  THR A C   1 
ATOM   388  O O   . THR A 1 54  ? 1.255   9.287   13.429  1.00 21.19 ? 53  THR A O   1 
ATOM   389  C CB  . THR A 1 54  ? -1.470  10.358  14.131  1.00 19.47 ? 53  THR A CB  1 
ATOM   390  O OG1 . THR A 1 54  ? -1.494  10.205  15.559  1.00 21.17 ? 53  THR A OG1 1 
ATOM   391  C CG2 . THR A 1 54  ? -2.792  10.877  13.608  1.00 21.54 ? 53  THR A CG2 1 
ATOM   392  N N   . GLN A 1 55  ? 0.450   7.656   14.780  1.00 17.91 ? 54  GLN A N   1 
ATOM   393  C CA  . GLN A 1 55  ? 1.767   7.223   15.258  1.00 18.04 ? 54  GLN A CA  1 
ATOM   394  C C   . GLN A 1 55  ? 2.367   6.086   14.467  1.00 17.91 ? 54  GLN A C   1 
ATOM   395  O O   . GLN A 1 55  ? 3.469   5.636   14.786  1.00 16.79 ? 54  GLN A O   1 
ATOM   396  C CB  . GLN A 1 55  ? 1.670   6.759   16.723  1.00 18.90 ? 54  GLN A CB  1 
ATOM   397  C CG  . GLN A 1 55  ? 0.966   7.781   17.594  1.00 22.85 ? 54  GLN A CG  1 
ATOM   398  C CD  . GLN A 1 55  ? 1.667   9.092   17.541  1.00 24.95 ? 54  GLN A CD  1 
ATOM   399  O OE1 . GLN A 1 55  ? 2.832   9.183   17.936  1.00 30.19 ? 54  GLN A OE1 1 
ATOM   400  N NE2 . GLN A 1 55  ? 0.963   10.146  17.067  1.00 26.50 ? 54  GLN A NE2 1 
ATOM   401  N N   . LEU A 1 56  ? 1.634   5.584   13.468  1.00 15.53 ? 55  LEU A N   1 
ATOM   402  C CA  . LEU A 1 56  ? 2.105   4.419   12.752  1.00 16.14 ? 55  LEU A CA  1 
ATOM   403  C C   . LEU A 1 56  ? 3.500   4.614   12.129  1.00 14.43 ? 55  LEU A C   1 
ATOM   404  O O   . LEU A 1 56  ? 3.733   5.598   11.425  1.00 14.97 ? 55  LEU A O   1 
ATOM   405  C CB  . LEU A 1 56  ? 1.099   4.078   11.632  1.00 17.07 ? 55  LEU A CB  1 
ATOM   406  C CG  . LEU A 1 56  ? 0.571   2.683   11.429  1.00 25.06 ? 55  LEU A CG  1 
ATOM   407  C CD1 . LEU A 1 56  ? 0.283   1.878   12.687  1.00 17.81 ? 55  LEU A CD1 1 
ATOM   408  C CD2 . LEU A 1 56  ? -0.705  2.805   10.621  1.00 20.09 ? 55  LEU A CD2 1 
ATOM   409  N N   . THR A 1 57  ? 4.392   3.638   12.355  1.00 15.08 ? 56  THR A N   1 
ATOM   410  C CA  . THR A 1 57  ? 5.720   3.612   11.714  1.00 16.15 ? 56  THR A CA  1 
ATOM   411  C C   . THR A 1 57  ? 5.805   2.529   10.656  1.00 15.08 ? 56  THR A C   1 
ATOM   412  O O   . THR A 1 57  ? 6.568   2.682   9.674   1.00 14.23 ? 56  THR A O   1 
ATOM   413  C CB  . THR A 1 57  ? 6.878   3.410   12.759  1.00 15.97 ? 56  THR A CB  1 
ATOM   414  O OG1 . THR A 1 57  ? 6.735   2.162   13.453  1.00 19.62 ? 56  THR A OG1 1 
ATOM   415  C CG2 . THR A 1 57  ? 6.796   4.517   13.798  1.00 19.86 ? 56  THR A CG2 1 
ATOM   416  N N   . ARG A 1 58  ? 5.092   1.435   10.856  1.00 13.49 ? 57  ARG A N   1 
ATOM   417  C CA  . ARG A 1 58  ? 5.118   0.361   9.831   1.00 14.18 ? 57  ARG A CA  1 
ATOM   418  C C   . ARG A 1 58  ? 3.700   -0.123  9.633   1.00 13.32 ? 57  ARG A C   1 
ATOM   419  O O   . ARG A 1 58  ? 2.968   -0.359  10.595  1.00 14.23 ? 57  ARG A O   1 
ATOM   420  C CB  . ARG A 1 58  ? 5.992   -0.810  10.286  1.00 15.45 ? 57  ARG A CB  1 
ATOM   421  C CG  . ARG A 1 58  ? 6.127   -1.900  9.211   1.00 21.40 ? 57  ARG A CG  1 
ATOM   422  C CD  . ARG A 1 58  ? 7.186   -2.985  9.508   1.00 19.42 ? 57  ARG A CD  1 
ATOM   423  N NE  . ARG A 1 58  ? 7.042   -4.033  8.497   1.00 26.51 ? 57  ARG A NE  1 
ATOM   424  C CZ  . ARG A 1 58  ? 7.950   -4.364  7.570   1.00 21.97 ? 57  ARG A CZ  1 
ATOM   425  N NH1 . ARG A 1 58  ? 9.156   -3.804  7.564   1.00 25.20 ? 57  ARG A NH1 1 
ATOM   426  N NH2 . ARG A 1 58  ? 7.652   -5.363  6.719   1.00 24.87 ? 57  ARG A NH2 1 
ATOM   427  N N   . LEU A 1 59  ? 3.314   -0.316  8.371   1.00 12.32 ? 58  LEU A N   1 
ATOM   428  C CA  . LEU A 1 59  ? 1.978   -0.822  8.068   1.00 11.16 ? 58  LEU A CA  1 
ATOM   429  C C   . LEU A 1 59  ? 2.201   -1.905  7.015   1.00 11.61 ? 58  LEU A C   1 
ATOM   430  O O   . LEU A 1 59  ? 2.625   -1.586  5.891   1.00 12.18 ? 58  LEU A O   1 
ATOM   431  C CB  . LEU A 1 59  ? 1.104   0.315   7.511   1.00 11.69 ? 58  LEU A CB  1 
ATOM   432  C CG  . LEU A 1 59  ? -0.284  -0.049  6.938   1.00 12.95 ? 58  LEU A CG  1 
ATOM   433  C CD1 . LEU A 1 59  ? -1.151  -0.719  8.008   1.00 12.92 ? 58  LEU A CD1 1 
ATOM   434  C CD2 . LEU A 1 59  ? -0.969  1.210   6.491   1.00 13.41 ? 58  LEU A CD2 1 
ATOM   435  N N   . ASP A 1 60  ? 1.881   -3.158  7.395   1.00 11.38 ? 59  ASP A N   1 
ATOM   436  C CA  . ASP A 1 60  ? 2.060   -4.303  6.484   1.00 13.23 ? 59  ASP A CA  1 
ATOM   437  C C   . ASP A 1 60  ? 0.710   -4.766  5.987   1.00 12.02 ? 59  ASP A C   1 
ATOM   438  O O   . ASP A 1 60  ? -0.057  -5.368  6.766   1.00 13.49 ? 59  ASP A O   1 
ATOM   439  C CB  . ASP A 1 60  ? 2.768   -5.488  7.187   1.00 14.51 ? 59  ASP A CB  1 
ATOM   440  C CG  . ASP A 1 60  ? 4.192   -5.233  7.589   1.00 23.90 ? 59  ASP A CG  1 
ATOM   441  O OD1 . ASP A 1 60  ? 4.510   -4.316  8.383   1.00 28.24 ? 59  ASP A OD1 1 
ATOM   442  O OD2 . ASP A 1 60  ? 5.015   -6.081  7.245   1.00 26.63 ? 59  ASP A OD2 1 
ATOM   443  N N   . LEU A 1 61  ? 0.410   -4.470  4.707   1.00 12.44 ? 60  LEU A N   1 
ATOM   444  C CA  . LEU A 1 61  ? -0.849  -4.896  4.069   1.00 11.87 ? 60  LEU A CA  1 
ATOM   445  C C   . LEU A 1 61  ? -0.596  -5.982  2.997   1.00 11.23 ? 60  LEU A C   1 
ATOM   446  O O   . LEU A 1 61  ? -1.544  -6.333  2.274   1.00 12.55 ? 60  LEU A O   1 
ATOM   447  C CB  . LEU A 1 61  ? -1.599  -3.684  3.426   1.00 12.13 ? 60  LEU A CB  1 
ATOM   448  C CG  . LEU A 1 61  ? -2.236  -2.790  4.523   1.00 13.55 ? 60  LEU A CG  1 
ATOM   449  C CD1 . LEU A 1 61  ? -2.570  -1.489  3.880   1.00 14.51 ? 60  LEU A CD1 1 
ATOM   450  C CD2 . LEU A 1 61  ? -3.524  -3.419  5.022   1.00 18.66 ? 60  LEU A CD2 1 
ATOM   451  N N   . ASP A 1 62  ? 0.649   -6.477  2.903   1.00 11.86 ? 61  ASP A N   1 
ATOM   452  C CA  . ASP A 1 62  ? 0.949   -7.469  1.859   1.00 12.08 ? 61  ASP A CA  1 
ATOM   453  C C   . ASP A 1 62  ? 0.214   -8.764  1.980   1.00 12.38 ? 61  ASP A C   1 
ATOM   454  O O   . ASP A 1 62  ? -0.201  -9.196  3.066   1.00 13.37 ? 61  ASP A O   1 
ATOM   455  C CB  . ASP A 1 62  ? 2.433   -7.675  1.771   1.00 13.76 ? 61  ASP A CB  1 
ATOM   456  C CG  . ASP A 1 62  ? 2.998   -8.193  3.031   1.00 16.76 ? 61  ASP A CG  1 
ATOM   457  O OD1 . ASP A 1 62  ? 3.068   -7.412  4.027   1.00 18.03 ? 61  ASP A OD1 1 
ATOM   458  O OD2 . ASP A 1 62  ? 3.354   -9.403  3.087   1.00 20.36 ? 61  ASP A OD2 1 
ATOM   459  N N   . ASN A 1 63  ? 0.095   -9.458  0.847   1.00 11.42 ? 62  ASN A N   1 
ATOM   460  C CA  . ASN A 1 63  ? -0.496  -10.790 0.867   1.00 13.37 ? 62  ASN A CA  1 
ATOM   461  C C   . ASN A 1 63  ? -1.916  -10.780 1.421   1.00 12.37 ? 62  ASN A C   1 
ATOM   462  O O   . ASN A 1 63  ? -2.252  -11.501 2.371   1.00 13.77 ? 62  ASN A O   1 
ATOM   463  C CB  . ASN A 1 63  ? 0.405   -11.791 1.600   1.00 13.17 ? 62  ASN A CB  1 
ATOM   464  C CG  . ASN A 1 63  ? 1.631   -12.124 0.774   1.00 19.19 ? 62  ASN A CG  1 
ATOM   465  O OD1 . ASN A 1 63  ? 2.744   -11.570 1.000   1.00 24.12 ? 62  ASN A OD1 1 
ATOM   466  N ND2 . ASN A 1 63  ? 1.421   -12.939 -0.264  1.00 18.78 ? 62  ASN A ND2 1 
ATOM   467  N N   . ASN A 1 64  ? -2.699  -9.954  0.765   1.00 12.20 ? 63  ASN A N   1 
ATOM   468  C CA  . ASN A 1 64  ? -4.152  -9.871  0.931   1.00 11.36 ? 63  ASN A CA  1 
ATOM   469  C C   . ASN A 1 64  ? -4.790  -9.955  -0.470  1.00 12.83 ? 63  ASN A C   1 
ATOM   470  O O   . ASN A 1 64  ? -4.125  -10.463 -1.419  1.00 13.15 ? 63  ASN A O   1 
ATOM   471  C CB  . ASN A 1 64  ? -4.525  -8.605  1.699   1.00 11.37 ? 63  ASN A CB  1 
ATOM   472  C CG  . ASN A 1 64  ? -4.352  -8.793  3.177   1.00 13.34 ? 63  ASN A CG  1 
ATOM   473  O OD1 . ASN A 1 64  ? -3.399  -8.263  3.806   1.00 15.17 ? 63  ASN A OD1 1 
ATOM   474  N ND2 . ASN A 1 64  ? -5.278  -9.485  3.768   1.00 10.50 ? 63  ASN A ND2 1 
ATOM   475  N N   . GLN A 1 65  ? -6.047  -9.527  -0.587  1.00 12.87 ? 64  GLN A N   1 
ATOM   476  C CA  . GLN A 1 65  ? -6.744  -9.578  -1.891  1.00 14.12 ? 64  GLN A CA  1 
ATOM   477  C C   . GLN A 1 65  ? -7.187  -8.164  -2.264  1.00 13.26 ? 64  GLN A C   1 
ATOM   478  O O   . GLN A 1 65  ? -8.228  -7.983  -2.902  1.00 13.79 ? 64  GLN A O   1 
ATOM   479  C CB  . GLN A 1 65  ? -7.995  -10.504 -1.799  1.00 16.15 ? 64  GLN A CB  1 
ATOM   480  C CG  . GLN A 1 65  ? -7.755  -11.869 -1.261  1.00 23.30 ? 64  GLN A CG  1 
ATOM   481  C CD  . GLN A 1 65  ? -7.378  -12.818 -2.342  1.00 30.63 ? 64  GLN A CD  1 
ATOM   482  O OE1 . GLN A 1 65  ? -7.163  -12.407 -3.485  1.00 32.94 ? 64  GLN A OE1 1 
ATOM   483  N NE2 . GLN A 1 65  ? -7.325  -14.111 -2.015  1.00 31.89 ? 64  GLN A NE2 1 
ATOM   484  N N   . LEU A 1 66  ? -6.429  -7.138  -1.831  1.00 11.69 ? 65  LEU A N   1 
ATOM   485  C CA  . LEU A 1 66  ? -6.913  -5.761  -1.913  1.00 12.57 ? 65  LEU A CA  1 
ATOM   486  C C   . LEU A 1 66  ? -7.142  -5.391  -3.352  1.00 12.58 ? 65  LEU A C   1 
ATOM   487  O O   . LEU A 1 66  ? -6.227  -5.478  -4.173  1.00 12.91 ? 65  LEU A O   1 
ATOM   488  C CB  . LEU A 1 66  ? -5.883  -4.766  -1.297  1.00 12.85 ? 65  LEU A CB  1 
ATOM   489  C CG  . LEU A 1 66  ? -5.830  -4.819  0.224   1.00 14.32 ? 65  LEU A CG  1 
ATOM   490  C CD1 . LEU A 1 66  ? -4.639  -3.887  0.621   1.00 16.49 ? 65  LEU A CD1 1 
ATOM   491  C CD2 . LEU A 1 66  ? -7.140  -4.254  0.796   1.00 18.18 ? 65  LEU A CD2 1 
ATOM   492  N N   . THR A 1 67  ? -8.346  -4.919  -3.641  1.00 13.24 ? 66  THR A N   1 
ATOM   493  C CA  . THR A 1 67  ? -8.665  -4.598  -5.013  1.00 15.28 ? 66  THR A CA  1 
ATOM   494  C C   . THR A 1 67  ? -8.534  -3.093  -5.361  1.00 15.23 ? 66  THR A C   1 
ATOM   495  O O   . THR A 1 67  ? -8.363  -2.703  -6.538  1.00 16.34 ? 66  THR A O   1 
ATOM   496  C CB  A THR A 1 67  ? -10.072 -5.136  -5.367  0.65 15.05 ? 66  THR A CB  1 
ATOM   497  C CB  B THR A 1 67  ? -10.105 -5.077  -5.299  0.35 15.19 ? 66  THR A CB  1 
ATOM   498  O OG1 A THR A 1 67  ? -10.252 -5.094  -6.776  0.65 19.16 ? 66  THR A OG1 1 
ATOM   499  O OG1 B THR A 1 67  ? -10.083 -6.506  -5.411  0.35 18.43 ? 66  THR A OG1 1 
ATOM   500  C CG2 A THR A 1 67  ? -11.115 -4.367  -4.660  0.65 13.40 ? 66  THR A CG2 1 
ATOM   501  C CG2 B THR A 1 67  ? -10.639 -4.480  -6.565  0.35 16.42 ? 66  THR A CG2 1 
ATOM   502  N N   . VAL A 1 68  ? -8.627  -2.263  -4.347  1.00 13.73 ? 67  VAL A N   1 
ATOM   503  C CA  . VAL A 1 68  ? -8.585  -0.821  -4.510  1.00 15.20 ? 67  VAL A CA  1 
ATOM   504  C C   . VAL A 1 68  ? -8.218  -0.299  -3.118  1.00 15.32 ? 67  VAL A C   1 
ATOM   505  O O   . VAL A 1 68  ? -8.488  -0.967  -2.086  1.00 17.50 ? 67  VAL A O   1 
ATOM   506  C CB  . VAL A 1 68  ? -9.937  -0.271  -5.018  1.00 16.14 ? 67  VAL A CB  1 
ATOM   507  C CG1 . VAL A 1 68  ? -10.939 -0.305  -3.886  1.00 18.90 ? 67  VAL A CG1 1 
ATOM   508  C CG2 . VAL A 1 68  ? -9.802  1.131   -5.582  1.00 17.34 ? 67  VAL A CG2 1 
ATOM   509  N N   . LEU A 1 69  ? -7.588  0.861   -3.075  1.00 13.34 ? 68  LEU A N   1 
ATOM   510  C CA  . LEU A 1 69  ? -7.429  1.576   -1.802  1.00 13.99 ? 68  LEU A CA  1 
ATOM   511  C C   . LEU A 1 69  ? -8.366  2.790   -1.784  1.00 14.76 ? 68  LEU A C   1 
ATOM   512  O O   . LEU A 1 69  ? -8.590  3.447   -2.828  1.00 16.09 ? 68  LEU A O   1 
ATOM   513  C CB  . LEU A 1 69  ? -6.013  2.119   -1.683  1.00 15.15 ? 68  LEU A CB  1 
ATOM   514  C CG  . LEU A 1 69  ? -4.890  1.086   -1.682  1.00 14.93 ? 68  LEU A CG  1 
ATOM   515  C CD1 . LEU A 1 69  ? -3.548  1.671   -1.697  1.00 16.06 ? 68  LEU A CD1 1 
ATOM   516  C CD2 . LEU A 1 69  ? -5.009  0.200   -0.443  1.00 18.20 ? 68  LEU A CD2 1 
ATOM   517  N N   . PRO A 1 70  ? -8.880  3.147   -0.607  1.00 14.31 ? 69  PRO A N   1 
ATOM   518  C CA  . PRO A 1 70  ? -9.631  4.393   -0.541  1.00 14.03 ? 69  PRO A CA  1 
ATOM   519  C C   . PRO A 1 70  ? -8.694  5.589   -0.794  1.00 15.22 ? 69  PRO A C   1 
ATOM   520  O O   . PRO A 1 70  ? -7.553  5.574   -0.361  1.00 14.51 ? 69  PRO A O   1 
ATOM   521  C CB  . PRO A 1 70  ? -10.138 4.413   0.916   1.00 13.63 ? 69  PRO A CB  1 
ATOM   522  C CG  . PRO A 1 70  ? -10.012 2.964   1.458   1.00 14.87 ? 69  PRO A CG  1 
ATOM   523  C CD  . PRO A 1 70  ? -8.798  2.428   0.684   1.00 15.14 ? 69  PRO A CD  1 
ATOM   524  N N   . ALA A 1 71  ? -9.187  6.637   -1.457  1.00 15.26 ? 70  ALA A N   1 
ATOM   525  C CA  . ALA A 1 71  ? -8.393  7.836   -1.580  1.00 15.33 ? 70  ALA A CA  1 
ATOM   526  C C   . ALA A 1 71  ? -8.146  8.390   -0.177  1.00 15.49 ? 70  ALA A C   1 
ATOM   527  O O   . ALA A 1 71  ? -8.989  8.255   0.734   1.00 17.33 ? 70  ALA A O   1 
ATOM   528  C CB  . ALA A 1 71  ? -9.175  8.859   -2.398  1.00 15.91 ? 70  ALA A CB  1 
ATOM   529  N N   . GLY A 1 72  ? -6.979  8.969   0.019   1.00 17.00 ? 71  GLY A N   1 
ATOM   530  C CA  . GLY A 1 72  ? -6.641  9.587   1.290   1.00 17.00 ? 71  GLY A CA  1 
ATOM   531  C C   . GLY A 1 72  ? -6.332  8.623   2.421   1.00 15.78 ? 71  GLY A C   1 
ATOM   532  O O   . GLY A 1 72  ? -6.131  9.048   3.565   1.00 16.61 ? 71  GLY A O   1 
ATOM   533  N N   . VAL A 1 73  ? -6.335  7.325   2.126   1.00 15.34 ? 72  VAL A N   1 
ATOM   534  C CA  . VAL A 1 73  ? -6.223  6.332   3.206   1.00 15.84 ? 72  VAL A CA  1 
ATOM   535  C C   . VAL A 1 73  ? -4.960  6.453   4.054   1.00 14.76 ? 72  VAL A C   1 
ATOM   536  O O   . VAL A 1 73  ? -4.977  6.040   5.222   1.00 14.67 ? 72  VAL A O   1 
ATOM   537  C CB  . VAL A 1 73  ? -6.357  4.908   2.624   1.00 16.14 ? 72  VAL A CB  1 
ATOM   538  C CG1 . VAL A 1 73  ? -5.179  4.575   1.720   1.00 17.76 ? 72  VAL A CG1 1 
ATOM   539  C CG2 . VAL A 1 73  ? -6.567  3.852   3.732   1.00 19.97 ? 72  VAL A CG2 1 
ATOM   540  N N   . PHE A 1 74  ? -3.880  6.993   3.481   1.00 13.18 ? 73  PHE A N   1 
ATOM   541  C CA  . PHE A 1 74  ? -2.625  7.178   4.235   1.00 13.92 ? 73  PHE A CA  1 
ATOM   542  C C   . PHE A 1 74  ? -2.353  8.611   4.605   1.00 15.78 ? 73  PHE A C   1 
ATOM   543  O O   . PHE A 1 74  ? -1.262  8.914   5.097   1.00 16.05 ? 73  PHE A O   1 
ATOM   544  C CB  . PHE A 1 74  ? -1.418  6.666   3.438   1.00 14.07 ? 73  PHE A CB  1 
ATOM   545  C CG  . PHE A 1 74  ? -1.593  5.271   2.891   1.00 12.62 ? 73  PHE A CG  1 
ATOM   546  C CD1 . PHE A 1 74  ? -1.889  4.201   3.760   1.00 13.80 ? 73  PHE A CD1 1 
ATOM   547  C CD2 . PHE A 1 74  ? -1.509  5.013   1.505   1.00 14.67 ? 73  PHE A CD2 1 
ATOM   548  C CE1 . PHE A 1 74  ? -2.040  2.863   3.283   1.00 12.90 ? 73  PHE A CE1 1 
ATOM   549  C CE2 . PHE A 1 74  ? -1.659  3.684   1.016   1.00 14.36 ? 73  PHE A CE2 1 
ATOM   550  C CZ  . PHE A 1 74  ? -1.910  2.635   1.904   1.00 12.97 ? 73  PHE A CZ  1 
ATOM   551  N N   . ASP A 1 75  ? -3.337  9.485   4.465   1.00 15.32 ? 74  ASP A N   1 
ATOM   552  C CA  . ASP A 1 75  ? -3.032  10.926  4.579   1.00 17.43 ? 74  ASP A CA  1 
ATOM   553  C C   . ASP A 1 75  ? -2.575  11.427  5.937   1.00 17.18 ? 74  ASP A C   1 
ATOM   554  O O   . ASP A 1 75  ? -1.918  12.473  6.018   1.00 18.34 ? 74  ASP A O   1 
ATOM   555  C CB  . ASP A 1 75  ? -4.263  11.738  4.183   1.00 17.72 ? 74  ASP A CB  1 
ATOM   556  C CG  . ASP A 1 75  ? -4.429  11.877  2.684   1.00 22.44 ? 74  ASP A CG  1 
ATOM   557  O OD1 . ASP A 1 75  ? -3.586  11.391  1.894   1.00 22.29 ? 74  ASP A OD1 1 
ATOM   558  O OD2 . ASP A 1 75  ? -5.407  12.541  2.278   1.00 26.34 ? 74  ASP A OD2 1 
ATOM   559  N N   . LYS A 1 76  ? -2.927  10.713  6.987   1.00 17.43 ? 75  LYS A N   1 
ATOM   560  C CA  . LYS A 1 76  ? -2.534  11.136  8.332   1.00 18.93 ? 75  LYS A CA  1 
ATOM   561  C C   . LYS A 1 76  ? -1.274  10.449  8.814   1.00 18.18 ? 75  LYS A C   1 
ATOM   562  O O   . LYS A 1 76  ? -0.812  10.720  9.934   1.00 19.75 ? 75  LYS A O   1 
ATOM   563  C CB  . LYS A 1 76  ? -3.677  10.886  9.338   1.00 20.14 ? 75  LYS A CB  1 
ATOM   564  C CG  . LYS A 1 76  ? -5.047  11.479  8.924   1.00 22.93 ? 75  LYS A CG  1 
ATOM   565  C CD  . LYS A 1 76  ? -4.981  12.975  8.838   1.00 28.17 ? 75  LYS A CD  1 
ATOM   566  C CE  . LYS A 1 76  ? -6.370  13.568  8.541   1.00 33.47 ? 75  LYS A CE  1 
ATOM   567  N NZ  . LYS A 1 76  ? -6.339  14.754  7.611   1.00 38.21 ? 75  LYS A NZ  1 
ATOM   568  N N   . LEU A 1 77  ? -0.667  9.576   7.994   1.00 16.64 ? 76  LEU A N   1 
ATOM   569  C CA  . LEU A 1 77  ? 0.395   8.727   8.527   1.00 15.75 ? 76  LEU A CA  1 
ATOM   570  C C   . LEU A 1 77  ? 1.773   9.388   8.340   1.00 17.15 ? 76  LEU A C   1 
ATOM   571  O O   . LEU A 1 77  ? 2.680   8.849   7.713   1.00 17.02 ? 76  LEU A O   1 
ATOM   572  C CB  . LEU A 1 77  ? 0.313   7.312   7.896   1.00 15.45 ? 76  LEU A CB  1 
ATOM   573  C CG  . LEU A 1 77  ? -1.092  6.728   7.960   1.00 13.27 ? 76  LEU A CG  1 
ATOM   574  C CD1 . LEU A 1 77  ? -1.068  5.297   7.401   1.00 13.99 ? 76  LEU A CD1 1 
ATOM   575  C CD2 . LEU A 1 77  ? -1.628  6.648   9.405   1.00 14.68 ? 76  LEU A CD2 1 
ATOM   576  N N   . THR A 1 78  ? 1.940   10.553  8.966   1.00 18.67 ? 77  THR A N   1 
ATOM   577  C CA  . THR A 1 78  ? 3.146   11.345  8.696   1.00 20.28 ? 77  THR A CA  1 
ATOM   578  C C   . THR A 1 78  ? 4.413   10.773  9.290   1.00 20.38 ? 77  THR A C   1 
ATOM   579  O O   . THR A 1 78  ? 5.506   11.216  8.949   1.00 20.78 ? 77  THR A O   1 
ATOM   580  C CB  . THR A 1 78  ? 2.959   12.779  9.177   1.00 21.95 ? 77  THR A CB  1 
ATOM   581  O OG1 . THR A 1 78  ? 2.684   12.750  10.567  1.00 25.00 ? 77  THR A OG1 1 
ATOM   582  C CG2 . THR A 1 78  ? 1.826   13.393  8.462   1.00 22.54 ? 77  THR A CG2 1 
ATOM   583  N N   . GLN A 1 79  ? 4.297   9.793   10.183  1.00 18.85 ? 78  GLN A N   1 
ATOM   584  C CA  . GLN A 1 79  ? 5.473   9.137   10.712  1.00 20.29 ? 78  GLN A CA  1 
ATOM   585  C C   . GLN A 1 79  ? 5.794   7.768   10.077  1.00 19.24 ? 78  GLN A C   1 
ATOM   586  O O   . GLN A 1 79  ? 6.715   7.067   10.503  1.00 18.47 ? 78  GLN A O   1 
ATOM   587  C CB  . GLN A 1 79  ? 5.332   8.914   12.230  1.00 21.25 ? 78  GLN A CB  1 
ATOM   588  C CG  A GLN A 1 79  ? 5.280   10.159  13.131  0.65 23.74 ? 78  GLN A CG  1 
ATOM   589  C CG  B GLN A 1 79  ? 4.896   10.164  13.004  0.35 23.69 ? 78  GLN A CG  1 
ATOM   590  C CD  A GLN A 1 79  ? 5.097   9.802   14.604  0.65 23.64 ? 78  GLN A CD  1 
ATOM   591  C CD  B GLN A 1 79  ? 5.959   11.254  13.009  0.35 26.05 ? 78  GLN A CD  1 
ATOM   592  O OE1 A GLN A 1 79  ? 4.173   10.284  15.262  0.65 28.21 ? 78  GLN A OE1 1 
ATOM   593  O OE1 B GLN A 1 79  ? 6.697   11.401  13.980  0.35 28.59 ? 78  GLN A OE1 1 
ATOM   594  N NE2 A GLN A 1 79  ? 5.952   8.925   15.120  0.65 26.18 ? 78  GLN A NE2 1 
ATOM   595  N NE2 B GLN A 1 79  ? 6.051   12.012  11.919  0.35 28.45 ? 78  GLN A NE2 1 
ATOM   596  N N   . LEU A 1 80  ? 4.965   7.373   9.099   1.00 17.87 ? 79  LEU A N   1 
ATOM   597  C CA  . LEU A 1 80  ? 5.118   6.042   8.502   1.00 16.43 ? 79  LEU A CA  1 
ATOM   598  C C   . LEU A 1 80  ? 6.448   5.937   7.771   1.00 15.49 ? 79  LEU A C   1 
ATOM   599  O O   . LEU A 1 80  ? 6.753   6.746   6.889   1.00 16.65 ? 79  LEU A O   1 
ATOM   600  C CB  . LEU A 1 80  ? 3.986   5.803   7.516   1.00 15.45 ? 79  LEU A CB  1 
ATOM   601  C CG  . LEU A 1 80  ? 3.788   4.341   7.089   1.00 16.71 ? 79  LEU A CG  1 
ATOM   602  C CD1 . LEU A 1 80  ? 3.243   3.534   8.216   1.00 16.53 ? 79  LEU A CD1 1 
ATOM   603  C CD2 . LEU A 1 80  ? 2.823   4.346   5.918   1.00 17.45 ? 79  LEU A CD2 1 
ATOM   604  N N   . THR A 1 81  ? 7.213   4.930   8.097   1.00 15.11 ? 80  THR A N   1 
ATOM   605  C CA  . THR A 1 81  ? 8.517   4.713   7.483   1.00 15.62 ? 80  THR A CA  1 
ATOM   606  C C   . THR A 1 81  ? 8.480   3.499   6.493   1.00 14.35 ? 80  THR A C   1 
ATOM   607  O O   . THR A 1 81  ? 9.228   3.469   5.478   1.00 14.62 ? 80  THR A O   1 
ATOM   608  C CB  A THR A 1 81  ? 9.521   4.483   8.588   0.65 17.62 ? 80  THR A CB  1 
ATOM   609  C CB  B THR A 1 81  ? 9.626   4.582   8.525   0.35 15.45 ? 80  THR A CB  1 
ATOM   610  O OG1 A THR A 1 81  ? 9.890   5.775   9.141   0.65 20.35 ? 80  THR A OG1 1 
ATOM   611  O OG1 B THR A 1 81  ? 9.575   3.297   9.123   0.35 9.77  ? 80  THR A OG1 1 
ATOM   612  C CG2 A THR A 1 81  ? 10.710  3.772   8.122   0.65 21.58 ? 80  THR A CG2 1 
ATOM   613  C CG2 B THR A 1 81  ? 9.416   5.631   9.668   0.35 13.86 ? 80  THR A CG2 1 
ATOM   614  N N   . GLN A 1 82  ? 7.612   2.532   6.774   1.00 14.35 ? 81  GLN A N   1 
ATOM   615  C CA  . GLN A 1 82  ? 7.601   1.273   5.985   1.00 12.64 ? 81  GLN A CA  1 
ATOM   616  C C   . GLN A 1 82  ? 6.177   0.938   5.631   1.00 12.78 ? 81  GLN A C   1 
ATOM   617  O O   . GLN A 1 82  ? 5.352   0.851   6.550   1.00 14.27 ? 81  GLN A O   1 
ATOM   618  C CB  . GLN A 1 82  ? 8.220   0.111   6.745   1.00 13.17 ? 81  GLN A CB  1 
ATOM   619  C CG  A GLN A 1 82  ? 9.679   0.397   7.037   0.65 16.53 ? 81  GLN A CG  1 
ATOM   620  C CG  B GLN A 1 82  ? 9.768   0.033   6.705   0.35 14.28 ? 81  GLN A CG  1 
ATOM   621  C CD  A GLN A 1 82  ? 10.418  -0.825  7.417   0.65 21.91 ? 81  GLN A CD  1 
ATOM   622  C CD  B GLN A 1 82  ? 10.470  0.580   7.949   0.35 17.18 ? 81  GLN A CD  1 
ATOM   623  O OE1 A GLN A 1 82  ? 10.078  -1.494  8.397   0.65 27.01 ? 81  GLN A OE1 1 
ATOM   624  O OE1 B GLN A 1 82  ? 11.661  0.929   7.886   0.35 18.41 ? 81  GLN A OE1 1 
ATOM   625  N NE2 A GLN A 1 82  ? 11.460  -1.120  6.671   0.65 24.66 ? 81  GLN A NE2 1 
ATOM   626  N NE2 B GLN A 1 82  ? 9.766   0.659   9.058   0.35 19.25 ? 81  GLN A NE2 1 
ATOM   627  N N   . LEU A 1 83  ? 5.896   0.734   4.336   1.00 11.17 ? 82  LEU A N   1 
ATOM   628  C CA  . LEU A 1 83  ? 4.522   0.379   3.900   1.00 10.36 ? 82  LEU A CA  1 
ATOM   629  C C   . LEU A 1 83  ? 4.590   -0.741  2.921   1.00 10.90 ? 82  LEU A C   1 
ATOM   630  O O   . LEU A 1 83  ? 5.237   -0.598  1.891   1.00 11.35 ? 82  LEU A O   1 
ATOM   631  C CB  . LEU A 1 83  ? 3.933   1.628   3.195   1.00 12.10 ? 82  LEU A CB  1 
ATOM   632  C CG  . LEU A 1 83  ? 2.583   1.404   2.577   1.00 11.54 ? 82  LEU A CG  1 
ATOM   633  C CD1 . LEU A 1 83  ? 1.521   0.929   3.555   1.00 13.79 ? 82  LEU A CD1 1 
ATOM   634  C CD2 . LEU A 1 83  ? 2.193   2.787   1.929   1.00 11.77 ? 82  LEU A CD2 1 
ATOM   635  N N   . SER A 1 84  ? 3.911   -1.846  3.212   1.00 10.70 ? 83  SER A N   1 
ATOM   636  C CA  . SER A 1 84  ? 3.950   -2.997  2.250   1.00 10.79 ? 83  SER A CA  1 
ATOM   637  C C   . SER A 1 84  ? 2.582   -3.173  1.629   1.00 10.61 ? 83  SER A C   1 
ATOM   638  O O   . SER A 1 84  ? 1.553   -3.330  2.331   1.00 12.07 ? 83  SER A O   1 
ATOM   639  C CB  A SER A 1 84  ? 4.464   -4.307  2.859   0.65 12.60 ? 83  SER A CB  1 
ATOM   640  C CB  B SER A 1 84  ? 4.306   -4.317  2.987   0.35 11.73 ? 83  SER A CB  1 
ATOM   641  O OG  A SER A 1 84  ? 3.565   -4.767  3.821   0.65 10.90 ? 83  SER A OG  1 
ATOM   642  O OG  B SER A 1 84  ? 5.437   -4.207  3.852   0.35 12.59 ? 83  SER A OG  1 
ATOM   643  N N   . LEU A 1 85  ? 2.536   -3.097  0.290   1.00 10.16 ? 84  LEU A N   1 
ATOM   644  C CA  . LEU A 1 85  ? 1.286   -3.273  -0.449  1.00 10.38 ? 84  LEU A CA  1 
ATOM   645  C C   . LEU A 1 85  ? 1.417   -4.429  -1.464  1.00 11.31 ? 84  LEU A C   1 
ATOM   646  O O   . LEU A 1 85  ? 0.509   -4.669  -2.248  1.00 11.66 ? 84  LEU A O   1 
ATOM   647  C CB  . LEU A 1 85  ? 0.928   -1.979  -1.217  1.00 11.41 ? 84  LEU A CB  1 
ATOM   648  C CG  . LEU A 1 85  ? 0.606   -0.796  -0.307  1.00 9.35  ? 84  LEU A CG  1 
ATOM   649  C CD1 . LEU A 1 85  ? 0.479   0.442   -1.157  1.00 14.11 ? 84  LEU A CD1 1 
ATOM   650  C CD2 . LEU A 1 85  ? -0.691  -0.966  0.444   1.00 14.97 ? 84  LEU A CD2 1 
ATOM   651  N N   . ASN A 1 86  ? 2.572   -5.096  -1.477  1.00 10.15 ? 85  ASN A N   1 
ATOM   652  C CA  . ASN A 1 86  ? 2.804   -6.199  -2.448  1.00 10.84 ? 85  ASN A CA  1 
ATOM   653  C C   . ASN A 1 86  ? 1.836   -7.377  -2.308  1.00 10.96 ? 85  ASN A C   1 
ATOM   654  O O   . ASN A 1 86  ? 1.212   -7.573  -1.248  1.00 10.32 ? 85  ASN A O   1 
ATOM   655  C CB  . ASN A 1 86  ? 4.255   -6.679  -2.345  1.00 11.49 ? 85  ASN A CB  1 
ATOM   656  C CG  . ASN A 1 86  ? 4.598   -7.124  -0.955  1.00 12.42 ? 85  ASN A CG  1 
ATOM   657  O OD1 . ASN A 1 86  ? 4.713   -6.305  0.004   1.00 13.24 ? 85  ASN A OD1 1 
ATOM   658  N ND2 . ASN A 1 86  ? 4.729   -8.446  -0.804  1.00 14.76 ? 85  ASN A ND2 1 
ATOM   659  N N   . ASP A 1 87  ? 1.709   -8.169  -3.377  1.00 12.01 ? 86  ASP A N   1 
ATOM   660  C CA  . ASP A 1 87  ? 0.976   -9.442  -3.276  1.00 13.54 ? 86  ASP A CA  1 
ATOM   661  C C   . ASP A 1 87  ? -0.490  -9.147  -2.900  1.00 12.28 ? 86  ASP A C   1 
ATOM   662  O O   . ASP A 1 87  ? -1.069  -9.717  -1.941  1.00 13.95 ? 86  ASP A O   1 
ATOM   663  C CB  . ASP A 1 87  ? 1.671   -10.454 -2.343  1.00 12.47 ? 86  ASP A CB  1 
ATOM   664  C CG  . ASP A 1 87  ? 2.960   -10.979 -2.963  1.00 20.02 ? 86  ASP A CG  1 
ATOM   665  O OD1 . ASP A 1 87  ? 2.893   -12.006 -3.664  1.00 24.84 ? 86  ASP A OD1 1 
ATOM   666  O OD2 . ASP A 1 87  ? 3.972   -10.294 -2.881  1.00 20.33 ? 86  ASP A OD2 1 
ATOM   667  N N   . ASN A 1 88  ? -1.051  -8.232  -3.685  1.00 12.62 ? 87  ASN A N   1 
ATOM   668  C CA  . ASN A 1 88  ? -2.487  -7.862  -3.639  1.00 11.59 ? 87  ASN A CA  1 
ATOM   669  C C   . ASN A 1 88  ? -3.071  -7.870  -5.045  1.00 11.50 ? 87  ASN A C   1 
ATOM   670  O O   . ASN A 1 88  ? -2.457  -8.501  -5.927  1.00 14.38 ? 87  ASN A O   1 
ATOM   671  C CB  . ASN A 1 88  ? -2.648  -6.507  -2.914  1.00 12.28 ? 87  ASN A CB  1 
ATOM   672  C CG  . ASN A 1 88  ? -2.608  -6.664  -1.409  1.00 12.50 ? 87  ASN A CG  1 
ATOM   673  O OD1 . ASN A 1 88  ? -1.684  -6.156  -0.696  1.00 15.89 ? 87  ASN A OD1 1 
ATOM   674  N ND2 . ASN A 1 88  ? -3.582  -7.307  -0.897  1.00 8.08  ? 87  ASN A ND2 1 
ATOM   675  N N   . GLN A 1 89  ? -4.247  -7.308  -5.216  1.00 11.73 ? 88  GLN A N   1 
ATOM   676  C CA  . GLN A 1 89  ? -4.915  -7.239  -6.504  1.00 13.26 ? 88  GLN A CA  1 
ATOM   677  C C   . GLN A 1 89  ? -5.117  -5.789  -6.949  1.00 13.40 ? 88  GLN A C   1 
ATOM   678  O O   . GLN A 1 89  ? -6.092  -5.438  -7.613  1.00 13.19 ? 88  GLN A O   1 
ATOM   679  C CB  . GLN A 1 89  ? -6.265  -8.016  -6.401  1.00 14.44 ? 88  GLN A CB  1 
ATOM   680  C CG  . GLN A 1 89  ? -6.104  -9.518  -6.282  1.00 17.34 ? 88  GLN A CG  1 
ATOM   681  C CD  . GLN A 1 89  ? -5.612  -10.160 -7.569  1.00 21.31 ? 88  GLN A CD  1 
ATOM   682  O OE1 . GLN A 1 89  ? -4.931  -11.165 -7.516  1.00 23.16 ? 88  GLN A OE1 1 
ATOM   683  N NE2 . GLN A 1 89  ? -5.875  -9.532  -8.727  1.00 23.64 ? 88  GLN A NE2 1 
ATOM   684  N N   . LEU A 1 90  ? -4.178  -4.903  -6.559  1.00 11.66 ? 89  LEU A N   1 
ATOM   685  C CA  . LEU A 1 90  ? -4.308  -3.495  -6.877  1.00 12.09 ? 89  LEU A CA  1 
ATOM   686  C C   . LEU A 1 90  ? -4.008  -3.196  -8.348  1.00 12.34 ? 89  LEU A C   1 
ATOM   687  O O   . LEU A 1 90  ? -3.059  -3.735  -8.931  1.00 12.74 ? 89  LEU A O   1 
ATOM   688  C CB  . LEU A 1 90  ? -3.354  -2.648  -6.024  1.00 12.30 ? 89  LEU A CB  1 
ATOM   689  C CG  . LEU A 1 90  ? -3.650  -2.741  -4.540  1.00 11.62 ? 89  LEU A CG  1 
ATOM   690  C CD1 . LEU A 1 90  ? -2.492  -2.117  -3.739  1.00 14.49 ? 89  LEU A CD1 1 
ATOM   691  C CD2 . LEU A 1 90  ? -4.931  -2.072  -4.166  1.00 14.84 ? 89  LEU A CD2 1 
ATOM   692  N N   . LYS A 1 91  ? -4.842  -2.351  -8.919  1.00 12.56 ? 90  LYS A N   1 
ATOM   693  C CA  . LYS A 1 91  ? -4.666  -1.904  -10.332 1.00 14.35 ? 90  LYS A CA  1 
ATOM   694  C C   . LYS A 1 91  ? -4.080  -0.525  -10.456 1.00 14.03 ? 90  LYS A C   1 
ATOM   695  O O   . LYS A 1 91  ? -3.521  -0.199  -11.514 1.00 14.28 ? 90  LYS A O   1 
ATOM   696  C CB  . LYS A 1 91  ? -5.997  -1.934  -11.067 1.00 16.75 ? 90  LYS A CB  1 
ATOM   697  C CG  . LYS A 1 91  ? -6.608  -3.342  -11.158 1.00 22.00 ? 90  LYS A CG  1 
ATOM   698  C CD  . LYS A 1 91  ? -7.971  -3.255  -11.876 1.00 29.62 ? 90  LYS A CD  1 
ATOM   699  C CE  . LYS A 1 91  ? -8.208  -4.516  -12.747 1.00 33.51 ? 90  LYS A CE  1 
ATOM   700  N NZ  . LYS A 1 91  ? -9.340  -4.388  -13.790 1.00 33.13 ? 90  LYS A NZ  1 
ATOM   701  N N   . SER A 1 92  ? -4.216  0.285   -9.406  1.00 13.64 ? 91  SER A N   1 
ATOM   702  C CA  . SER A 1 92  ? -3.715  1.680   -9.422  1.00 13.67 ? 91  SER A CA  1 
ATOM   703  C C   . SER A 1 92  ? -3.602  2.145   -7.982  1.00 13.63 ? 91  SER A C   1 
ATOM   704  O O   . SER A 1 92  ? -4.006  1.439   -7.063  1.00 14.43 ? 91  SER A O   1 
ATOM   705  C CB  A SER A 1 92  ? -4.612  2.612   -10.251 0.65 15.22 ? 91  SER A CB  1 
ATOM   706  C CB  B SER A 1 92  ? -4.758  2.537   -10.146 0.35 15.02 ? 91  SER A CB  1 
ATOM   707  O OG  A SER A 1 92  ? -5.809  2.828   -9.545  0.65 14.09 ? 91  SER A OG  1 
ATOM   708  O OG  B SER A 1 92  ? -4.169  3.677   -10.700 0.35 17.36 ? 91  SER A OG  1 
ATOM   709  N N   . ILE A 1 93  ? -3.061  3.354   -7.821  1.00 14.19 ? 92  ILE A N   1 
ATOM   710  C CA  . ILE A 1 93  ? -2.989  3.999   -6.523  1.00 14.51 ? 92  ILE A CA  1 
ATOM   711  C C   . ILE A 1 93  ? -3.741  5.322   -6.652  1.00 15.90 ? 92  ILE A C   1 
ATOM   712  O O   . ILE A 1 93  ? -3.517  6.092   -7.606  1.00 15.96 ? 92  ILE A O   1 
ATOM   713  C CB  . ILE A 1 93  ? -1.503  4.266   -6.091  1.00 14.19 ? 92  ILE A CB  1 
ATOM   714  C CG1 . ILE A 1 93  ? -0.722  2.974   -5.778  1.00 13.17 ? 92  ILE A CG1 1 
ATOM   715  C CG2 . ILE A 1 93  ? -1.423  5.235   -4.888  1.00 13.51 ? 92  ILE A CG2 1 
ATOM   716  C CD1 . ILE A 1 93  ? -1.293  2.158   -4.596  1.00 15.95 ? 92  ILE A CD1 1 
ATOM   717  N N   . PRO A 1 94  ? -4.648  5.636   -5.709  1.00 16.73 ? 93  PRO A N   1 
ATOM   718  C CA  . PRO A 1 94  ? -5.382  6.945   -5.832  1.00 16.79 ? 93  PRO A CA  1 
ATOM   719  C C   . PRO A 1 94  ? -4.431  8.163   -5.957  1.00 16.46 ? 93  PRO A C   1 
ATOM   720  O O   . PRO A 1 94  ? -3.413  8.189   -5.262  1.00 16.18 ? 93  PRO A O   1 
ATOM   721  C CB  . PRO A 1 94  ? -6.182  7.000   -4.525  1.00 17.86 ? 93  PRO A CB  1 
ATOM   722  C CG  . PRO A 1 94  ? -6.302  5.530   -4.094  1.00 17.93 ? 93  PRO A CG  1 
ATOM   723  C CD  . PRO A 1 94  ? -5.028  4.861   -4.501  1.00 16.14 ? 93  PRO A CD  1 
ATOM   724  N N   . ARG A 1 95  ? -4.791  9.150   -6.800  1.00 17.63 ? 94  ARG A N   1 
ATOM   725  C CA  . ARG A 1 95  ? -4.003  10.351  -6.981  1.00 19.90 ? 94  ARG A CA  1 
ATOM   726  C C   . ARG A 1 95  ? -3.705  10.958  -5.621  1.00 17.55 ? 94  ARG A C   1 
ATOM   727  O O   . ARG A 1 95  ? -4.621  11.154  -4.782  1.00 17.16 ? 94  ARG A O   1 
ATOM   728  C CB  . ARG A 1 95  ? -4.730  11.360  -7.931  1.00 20.34 ? 94  ARG A CB  1 
ATOM   729  C CG  . ARG A 1 95  ? -4.701  10.847  -9.362  1.00 26.57 ? 94  ARG A CG  1 
ATOM   730  C CD  . ARG A 1 95  ? -5.385  11.742  -10.442 1.00 27.09 ? 94  ARG A CD  1 
ATOM   731  N NE  . ARG A 1 95  ? -5.431  13.139  -10.054 1.00 33.93 ? 94  ARG A NE  1 
ATOM   732  C CZ  . ARG A 1 95  ? -5.322  14.193  -10.875 1.00 33.02 ? 94  ARG A CZ  1 
ATOM   733  N NH1 . ARG A 1 95  ? -5.120  14.060  -12.176 1.00 32.08 ? 94  ARG A NH1 1 
ATOM   734  N NH2 . ARG A 1 95  ? -5.425  15.402  -10.363 1.00 29.80 ? 94  ARG A NH2 1 
ATOM   735  N N   . GLY A 1 96  ? -2.446  11.206  -5.369  1.00 17.60 ? 95  GLY A N   1 
ATOM   736  C CA  . GLY A 1 96  ? -1.972  11.819  -4.166  1.00 17.77 ? 95  GLY A CA  1 
ATOM   737  C C   . GLY A 1 96  ? -1.811  10.939  -2.941  1.00 15.87 ? 95  GLY A C   1 
ATOM   738  O O   . GLY A 1 96  ? -1.432  11.392  -1.896  1.00 17.24 ? 95  GLY A O   1 
ATOM   739  N N   . ALA A 1 97  ? -2.048  9.640   -3.102  1.00 16.07 ? 96  ALA A N   1 
ATOM   740  C CA  . ALA A 1 97  ? -2.070  8.783   -1.907  1.00 15.95 ? 96  ALA A CA  1 
ATOM   741  C C   . ALA A 1 97  ? -0.835  8.785   -0.982  1.00 15.29 ? 96  ALA A C   1 
ATOM   742  O O   . ALA A 1 97  ? -0.930  8.528   0.252   1.00 14.73 ? 96  ALA A O   1 
ATOM   743  C CB  . ALA A 1 97  ? -2.322  7.346   -2.312  1.00 16.23 ? 96  ALA A CB  1 
ATOM   744  N N   . PHE A 1 98  ? 0.358   9.019   -1.568  1.00 15.95 ? 97  PHE A N   1 
ATOM   745  C CA  . PHE A 1 98  ? 1.595   8.967   -0.830  1.00 15.54 ? 97  PHE A CA  1 
ATOM   746  C C   . PHE A 1 98  ? 2.141   10.365  -0.513  1.00 17.36 ? 97  PHE A C   1 
ATOM   747  O O   . PHE A 1 98  ? 3.231   10.462  0.083   1.00 18.12 ? 97  PHE A O   1 
ATOM   748  C CB  . PHE A 1 98  ? 2.693   8.184   -1.589  1.00 15.74 ? 97  PHE A CB  1 
ATOM   749  C CG  . PHE A 1 98  ? 2.295   6.783   -2.003  1.00 14.75 ? 97  PHE A CG  1 
ATOM   750  C CD1 . PHE A 1 98  ? 1.535   5.986   -1.171  1.00 16.59 ? 97  PHE A CD1 1 
ATOM   751  C CD2 . PHE A 1 98  ? 2.743   6.266   -3.208  1.00 12.66 ? 97  PHE A CD2 1 
ATOM   752  C CE1 . PHE A 1 98  ? 1.160   4.674   -1.586  1.00 14.12 ? 97  PHE A CE1 1 
ATOM   753  C CE2 . PHE A 1 98  ? 2.434   5.017   -3.592  1.00 14.10 ? 97  PHE A CE2 1 
ATOM   754  C CZ  . PHE A 1 98  ? 1.623   4.207   -2.792  1.00 14.45 ? 97  PHE A CZ  1 
ATOM   755  N N   . ASP A 1 99  ? 1.361   11.403  -0.870  1.00 18.58 ? 98  ASP A N   1 
ATOM   756  C CA  . ASP A 1 99  ? 1.905   12.795  -0.841  1.00 19.45 ? 98  ASP A CA  1 
ATOM   757  C C   . ASP A 1 99  ? 2.280   13.252  0.557   1.00 19.87 ? 98  ASP A C   1 
ATOM   758  O O   . ASP A 1 99  ? 3.225   14.067  0.715   1.00 21.58 ? 98  ASP A O   1 
ATOM   759  C CB  . ASP A 1 99  ? 0.981   13.785  -1.545  1.00 20.40 ? 98  ASP A CB  1 
ATOM   760  C CG  . ASP A 1 99  ? 0.936   13.577  -3.096  1.00 20.00 ? 98  ASP A CG  1 
ATOM   761  O OD1 . ASP A 1 99  ? 1.727   12.736  -3.629  1.00 26.05 ? 98  ASP A OD1 1 
ATOM   762  O OD2 . ASP A 1 99  ? 0.097   14.235  -3.734  1.00 27.93 ? 98  ASP A OD2 1 
ATOM   763  N N   . ASN A 1 100 ? 1.588   12.752  1.584   1.00 19.80 ? 99  ASN A N   1 
ATOM   764  C CA  . ASN A 1 100 ? 1.880   13.169  2.954   1.00 19.27 ? 99  ASN A CA  1 
ATOM   765  C C   . ASN A 1 100 ? 2.855   12.257  3.687   1.00 20.56 ? 99  ASN A C   1 
ATOM   766  O O   . ASN A 1 100 ? 3.110   12.447  4.869   1.00 21.20 ? 99  ASN A O   1 
ATOM   767  C CB  . ASN A 1 100 ? 0.593   13.295  3.796   1.00 19.34 ? 99  ASN A CB  1 
ATOM   768  C CG  . ASN A 1 100 ? -0.368  14.370  3.287   1.00 21.56 ? 99  ASN A CG  1 
ATOM   769  O OD1 . ASN A 1 100 ? 0.005   15.256  2.467   1.00 22.53 ? 99  ASN A OD1 1 
ATOM   770  N ND2 . ASN A 1 100 ? -1.621  14.294  3.747   1.00 23.84 ? 99  ASN A ND2 1 
ATOM   771  N N   . LEU A 1 101 ? 3.395   11.259  2.986   1.00 18.61 ? 100 LEU A N   1 
ATOM   772  C CA  . LEU A 1 101 ? 4.219   10.258  3.660   1.00 19.00 ? 100 LEU A CA  1 
ATOM   773  C C   . LEU A 1 101 ? 5.673   10.721  3.859   1.00 20.94 ? 100 LEU A C   1 
ATOM   774  O O   . LEU A 1 101 ? 6.613   10.156  3.289   1.00 21.14 ? 100 LEU A O   1 
ATOM   775  C CB  . LEU A 1 101 ? 4.156   8.919   2.886   1.00 18.46 ? 100 LEU A CB  1 
ATOM   776  C CG  . LEU A 1 101 ? 2.746   8.295   2.927   1.00 19.30 ? 100 LEU A CG  1 
ATOM   777  C CD1 . LEU A 1 101 ? 2.799   6.892   2.300   1.00 17.83 ? 100 LEU A CD1 1 
ATOM   778  C CD2 . LEU A 1 101 ? 2.161   8.219   4.379   1.00 19.99 ? 100 LEU A CD2 1 
ATOM   779  N N   . LYS A 1 102 ? 5.844   11.774  4.661   1.00 22.77 ? 101 LYS A N   1 
ATOM   780  C CA  . LYS A 1 102 ? 7.140   12.481  4.706   1.00 24.90 ? 101 LYS A CA  1 
ATOM   781  C C   . LYS A 1 102 ? 8.275   11.700  5.379   1.00 24.05 ? 101 LYS A C   1 
ATOM   782  O O   . LYS A 1 102 ? 9.460   12.093  5.289   1.00 24.96 ? 101 LYS A O   1 
ATOM   783  C CB  . LYS A 1 102 ? 6.981   13.860  5.363   1.00 26.41 ? 101 LYS A CB  1 
ATOM   784  C CG  . LYS A 1 102 ? 6.220   13.812  6.647   1.00 28.68 ? 101 LYS A CG  1 
ATOM   785  C CD  . LYS A 1 102 ? 6.207   15.212  7.342   1.00 28.09 ? 101 LYS A CD  1 
ATOM   786  C CE  . LYS A 1 102 ? 5.878   15.040  8.828   1.00 34.34 ? 101 LYS A CE  1 
ATOM   787  N NZ  . LYS A 1 102 ? 6.771   15.796  9.750   1.00 36.90 ? 101 LYS A NZ  1 
ATOM   788  N N   . SER A 1 103 ? 7.940   10.617  6.070   1.00 21.23 ? 102 SER A N   1 
ATOM   789  C CA  . SER A 1 103 ? 8.951   9.796   6.763   1.00 19.62 ? 102 SER A CA  1 
ATOM   790  C C   . SER A 1 103 ? 9.270   8.490   6.008   1.00 17.65 ? 102 SER A C   1 
ATOM   791  O O   . SER A 1 103 ? 10.036  7.685   6.506   1.00 17.84 ? 102 SER A O   1 
ATOM   792  C CB  . SER A 1 103 ? 8.481   9.440   8.181   1.00 21.25 ? 102 SER A CB  1 
ATOM   793  O OG  . SER A 1 103 ? 8.307   10.622  9.028   1.00 24.36 ? 102 SER A OG  1 
ATOM   794  N N   . LEU A 1 104 ? 8.648   8.299   4.832   1.00 17.19 ? 103 LEU A N   1 
ATOM   795  C CA  . LEU A 1 104 ? 8.744   7.003   4.149   1.00 16.57 ? 103 LEU A CA  1 
ATOM   796  C C   . LEU A 1 104 ? 10.155  6.666   3.730   1.00 15.59 ? 103 LEU A C   1 
ATOM   797  O O   . LEU A 1 104 ? 10.843  7.500   3.103   1.00 17.14 ? 103 LEU A O   1 
ATOM   798  C CB  . LEU A 1 104 ? 7.766   6.983   2.979   1.00 15.70 ? 103 LEU A CB  1 
ATOM   799  C CG  . LEU A 1 104 ? 7.488   5.603   2.381   1.00 16.41 ? 103 LEU A CG  1 
ATOM   800  C CD1 . LEU A 1 104 ? 6.661   4.748   3.292   1.00 16.24 ? 103 LEU A CD1 1 
ATOM   801  C CD2 . LEU A 1 104 ? 6.765   5.805   1.051   1.00 16.84 ? 103 LEU A CD2 1 
ATOM   802  N N   . THR A 1 105 ? 10.610  5.458   4.076   1.00 14.51 ? 104 THR A N   1 
ATOM   803  C CA  . THR A 1 105 ? 11.901  4.993   3.629   1.00 15.17 ? 104 THR A CA  1 
ATOM   804  C C   . THR A 1 105 ? 11.810  3.676   2.812   1.00 14.29 ? 104 THR A C   1 
ATOM   805  O O   . THR A 1 105 ? 12.715  3.387   1.998   1.00 14.52 ? 104 THR A O   1 
ATOM   806  C CB  . THR A 1 105 ? 12.867  4.712   4.785   1.00 16.03 ? 104 THR A CB  1 
ATOM   807  O OG1 . THR A 1 105 ? 12.295  3.746   5.687   1.00 16.50 ? 104 THR A OG1 1 
ATOM   808  C CG2 . THR A 1 105 ? 13.120  6.043   5.583   1.00 16.63 ? 104 THR A CG2 1 
ATOM   809  N N   . HIS A 1 106 ? 10.723  2.898   3.000   1.00 12.96 ? 105 HIS A N   1 
ATOM   810  C CA  . HIS A 1 106 ? 10.589  1.605   2.273   1.00 12.64 ? 105 HIS A CA  1 
ATOM   811  C C   . HIS A 1 106 ? 9.158   1.422   1.899   1.00 12.13 ? 105 HIS A C   1 
ATOM   812  O O   . HIS A 1 106 ? 8.265   1.499   2.745   1.00 12.31 ? 105 HIS A O   1 
ATOM   813  C CB  . HIS A 1 106 ? 10.896  0.376   3.192   1.00 12.54 ? 105 HIS A CB  1 
ATOM   814  C CG  . HIS A 1 106 ? 12.289  0.346   3.739   1.00 14.16 ? 105 HIS A CG  1 
ATOM   815  N ND1 . HIS A 1 106 ? 12.766  1.267   4.660   1.00 17.46 ? 105 HIS A ND1 1 
ATOM   816  C CD2 . HIS A 1 106 ? 13.329  -0.465  3.443   1.00 18.27 ? 105 HIS A CD2 1 
ATOM   817  C CE1 . HIS A 1 106 ? 14.034  0.988   4.928   1.00 16.99 ? 105 HIS A CE1 1 
ATOM   818  N NE2 . HIS A 1 106 ? 14.401  -0.050  4.202   1.00 19.20 ? 105 HIS A NE2 1 
ATOM   819  N N   . ILE A 1 107 ? 8.915   1.146   0.632   1.00 10.97 ? 106 ILE A N   1 
ATOM   820  C CA  . ILE A 1 107 ? 7.575   0.731   0.182   1.00 10.92 ? 106 ILE A CA  1 
ATOM   821  C C   . ILE A 1 107 ? 7.757   -0.489  -0.721  1.00 11.24 ? 106 ILE A C   1 
ATOM   822  O O   . ILE A 1 107 ? 8.720   -0.558  -1.463  1.00 11.16 ? 106 ILE A O   1 
ATOM   823  C CB  . ILE A 1 107 ? 6.793   1.861   -0.545  1.00 11.16 ? 106 ILE A CB  1 
ATOM   824  C CG1 . ILE A 1 107 ? 5.303   1.474   -0.734  1.00 11.68 ? 106 ILE A CG1 1 
ATOM   825  C CG2 . ILE A 1 107 ? 7.533   2.306   -1.816  1.00 12.54 ? 106 ILE A CG2 1 
ATOM   826  C CD1 . ILE A 1 107 ? 4.445   2.681   -1.218  1.00 13.09 ? 106 ILE A CD1 1 
ATOM   827  N N   . TRP A 1 108 ? 6.831   -1.444  -0.605  1.00 10.92 ? 107 TRP A N   1 
ATOM   828  C CA  . TRP A 1 108 ? 6.803   -2.607  -1.483  1.00 9.45  ? 107 TRP A CA  1 
ATOM   829  C C   . TRP A 1 108 ? 5.537   -2.601  -2.302  1.00 10.35 ? 107 TRP A C   1 
ATOM   830  O O   . TRP A 1 108 ? 4.426   -2.464  -1.753  1.00 11.81 ? 107 TRP A O   1 
ATOM   831  C CB  . TRP A 1 108 ? 6.845   -3.872  -0.626  1.00 10.50 ? 107 TRP A CB  1 
ATOM   832  C CG  . TRP A 1 108 ? 8.129   -4.115  0.111   1.00 11.46 ? 107 TRP A CG  1 
ATOM   833  C CD1 . TRP A 1 108 ? 9.148   -4.948  -0.317  1.00 12.64 ? 107 TRP A CD1 1 
ATOM   834  C CD2 . TRP A 1 108 ? 8.549   -3.589  1.378   1.00 11.66 ? 107 TRP A CD2 1 
ATOM   835  N NE1 . TRP A 1 108 ? 10.151  -4.963  0.588   1.00 13.88 ? 107 TRP A NE1 1 
ATOM   836  C CE2 . TRP A 1 108 ? 9.848   -4.143  1.644   1.00 13.00 ? 107 TRP A CE2 1 
ATOM   837  C CE3 . TRP A 1 108 ? 7.986   -2.686  2.316   1.00 12.21 ? 107 TRP A CE3 1 
ATOM   838  C CZ2 . TRP A 1 108 ? 10.572  -3.838  2.823   1.00 13.80 ? 107 TRP A CZ2 1 
ATOM   839  C CZ3 . TRP A 1 108 ? 8.714   -2.399  3.497   1.00 12.73 ? 107 TRP A CZ3 1 
ATOM   840  C CH2 . TRP A 1 108 ? 9.989   -2.979  3.728   1.00 13.50 ? 107 TRP A CH2 1 
ATOM   841  N N   . LEU A 1 109 ? 5.710   -2.716  -3.622  1.00 10.93 ? 108 LEU A N   1 
ATOM   842  C CA  . LEU A 1 109 ? 4.578   -2.546  -4.576  1.00 10.23 ? 108 LEU A CA  1 
ATOM   843  C C   . LEU A 1 109 ? 4.413   -3.701  -5.557  1.00 11.61 ? 108 LEU A C   1 
ATOM   844  O O   . LEU A 1 109 ? 3.419   -3.803  -6.296  1.00 11.95 ? 108 LEU A O   1 
ATOM   845  C CB  . LEU A 1 109 ? 4.784   -1.231  -5.370  1.00 11.41 ? 108 LEU A CB  1 
ATOM   846  C CG  . LEU A 1 109 ? 4.694   0.049   -4.540  1.00 10.81 ? 108 LEU A CG  1 
ATOM   847  C CD1 . LEU A 1 109 ? 5.326   1.228   -5.297  1.00 13.13 ? 108 LEU A CD1 1 
ATOM   848  C CD2 . LEU A 1 109 ? 3.271   0.341   -4.198  1.00 13.38 ? 108 LEU A CD2 1 
ATOM   849  N N   . LEU A 1 110 ? 5.419   -4.573  -5.546  1.00 11.83 ? 109 LEU A N   1 
ATOM   850  C CA  . LEU A 1 110 ? 5.496   -5.651  -6.506  1.00 12.80 ? 109 LEU A CA  1 
ATOM   851  C C   . LEU A 1 110 ? 4.386   -6.702  -6.353  1.00 12.49 ? 109 LEU A C   1 
ATOM   852  O O   . LEU A 1 110 ? 3.645   -6.763  -5.335  1.00 12.26 ? 109 LEU A O   1 
ATOM   853  C CB  . LEU A 1 110 ? 6.911   -6.256  -6.470  1.00 14.87 ? 109 LEU A CB  1 
ATOM   854  C CG  . LEU A 1 110 ? 7.238   -7.159  -5.273  1.00 16.29 ? 109 LEU A CG  1 
ATOM   855  C CD1 . LEU A 1 110 ? 8.584   -7.864  -5.638  1.00 20.19 ? 109 LEU A CD1 1 
ATOM   856  C CD2 . LEU A 1 110 ? 7.463   -6.467  -3.947  1.00 18.85 ? 109 LEU A CD2 1 
ATOM   857  N N   . ASN A 1 111 ? 4.198   -7.497  -7.411  1.00 13.00 ? 110 ASN A N   1 
ATOM   858  C CA  . ASN A 1 111 ? 3.189   -8.556  -7.414  1.00 12.94 ? 110 ASN A CA  1 
ATOM   859  C C   . ASN A 1 111 ? 1.774   -8.002  -7.174  1.00 12.95 ? 110 ASN A C   1 
ATOM   860  O O   . ASN A 1 111 ? 0.994   -8.523  -6.392  1.00 14.74 ? 110 ASN A O   1 
ATOM   861  C CB  A ASN A 1 111 ? 3.496   -9.617  -6.316  0.65 15.10 ? 110 ASN A CB  1 
ATOM   862  C CB  B ASN A 1 111 ? 3.553   -9.732  -6.499  0.35 12.75 ? 110 ASN A CB  1 
ATOM   863  C CG  A ASN A 1 111 ? 4.449   -10.695 -6.757  0.65 19.26 ? 110 ASN A CG  1 
ATOM   864  C CG  B ASN A 1 111 ? 2.907   -10.999 -6.950  0.35 11.90 ? 110 ASN A CG  1 
ATOM   865  O OD1 A ASN A 1 111 ? 4.568   -11.716 -6.052  0.65 27.88 ? 110 ASN A OD1 1 
ATOM   866  O OD1 B ASN A 1 111 ? 2.832   -11.984 -6.206  0.35 12.69 ? 110 ASN A OD1 1 
ATOM   867  N ND2 A ASN A 1 111 ? 5.146   -10.501 -7.870  0.65 22.83 ? 110 ASN A ND2 1 
ATOM   868  N ND2 B ASN A 1 111 ? 2.422   -10.997 -8.189  0.35 13.15 ? 110 ASN A ND2 1 
ATOM   869  N N   . ASN A 1 112 ? 1.471   -6.923  -7.884  1.00 11.11 ? 111 ASN A N   1 
ATOM   870  C CA  . ASN A 1 112 ? 0.121   -6.433  -8.111  1.00 10.97 ? 111 ASN A CA  1 
ATOM   871  C C   . ASN A 1 112 ? -0.134  -6.284  -9.612  1.00 11.68 ? 111 ASN A C   1 
ATOM   872  O O   . ASN A 1 112 ? 0.821   -6.037  -10.370 1.00 11.67 ? 111 ASN A O   1 
ATOM   873  C CB  . ASN A 1 112 ? -0.033  -5.032  -7.497  1.00 12.01 ? 111 ASN A CB  1 
ATOM   874  C CG  . ASN A 1 112 ? -0.212  -5.098  -5.973  1.00 11.59 ? 111 ASN A CG  1 
ATOM   875  O OD1 . ASN A 1 112 ? 0.747   -4.776  -5.207  1.00 13.87 ? 111 ASN A OD1 1 
ATOM   876  N ND2 . ASN A 1 112 ? -1.384  -5.457  -5.532  1.00 9.25  ? 111 ASN A ND2 1 
ATOM   877  N N   . PRO A 1 113 ? -1.390  -6.495  -10.039 1.00 11.92 ? 112 PRO A N   1 
ATOM   878  C CA  . PRO A 1 113 ? -1.725  -6.437  -11.490 1.00 11.86 ? 112 PRO A CA  1 
ATOM   879  C C   . PRO A 1 113 ? -1.914  -4.969  -11.933 1.00 11.61 ? 112 PRO A C   1 
ATOM   880  O O   . PRO A 1 113 ? -3.026  -4.554  -12.362 1.00 13.49 ? 112 PRO A O   1 
ATOM   881  C CB  . PRO A 1 113 ? -3.045  -7.257  -11.543 1.00 12.27 ? 112 PRO A CB  1 
ATOM   882  C CG  . PRO A 1 113 ? -3.682  -6.919  -10.185 1.00 13.97 ? 112 PRO A CG  1 
ATOM   883  C CD  . PRO A 1 113 ? -2.527  -6.949  -9.218  1.00 13.14 ? 112 PRO A CD  1 
ATOM   884  N N   . TRP A 1 114 ? -0.842  -4.171  -11.864 1.00 10.90 ? 113 TRP A N   1 
ATOM   885  C CA  . TRP A 1 114 ? -0.983  -2.737  -12.198 1.00 11.94 ? 113 TRP A CA  1 
ATOM   886  C C   . TRP A 1 114 ? -1.544  -2.564  -13.598 1.00 13.02 ? 113 TRP A C   1 
ATOM   887  O O   . TRP A 1 114 ? -1.008  -3.177  -14.500 1.00 13.88 ? 113 TRP A O   1 
ATOM   888  C CB  . TRP A 1 114 ? 0.370   -2.006  -12.041 1.00 12.51 ? 113 TRP A CB  1 
ATOM   889  C CG  . TRP A 1 114 ? 0.926   -2.159  -10.646 1.00 11.96 ? 113 TRP A CG  1 
ATOM   890  C CD1 . TRP A 1 114 ? 2.052   -2.846  -10.280 1.00 12.14 ? 113 TRP A CD1 1 
ATOM   891  C CD2 . TRP A 1 114 ? 0.378   -1.587  -9.439  1.00 11.38 ? 113 TRP A CD2 1 
ATOM   892  N NE1 . TRP A 1 114 ? 2.252   -2.738  -8.909  1.00 11.11 ? 113 TRP A NE1 1 
ATOM   893  C CE2 . TRP A 1 114 ? 1.239   -1.981  -8.378  1.00 9.78  ? 113 TRP A CE2 1 
ATOM   894  C CE3 . TRP A 1 114 ? -0.756  -0.802  -9.144  1.00 10.73 ? 113 TRP A CE3 1 
ATOM   895  C CZ2 . TRP A 1 114 ? 1.003   -1.613  -7.044  1.00 10.35 ? 113 TRP A CZ2 1 
ATOM   896  C CZ3 . TRP A 1 114 ? -1.001  -0.462  -7.810  1.00 10.16 ? 113 TRP A CZ3 1 
ATOM   897  C CH2 . TRP A 1 114 ? -0.104  -0.857  -6.780  1.00 10.46 ? 113 TRP A CH2 1 
ATOM   898  N N   . ASP A 1 115 ? -2.547  -1.700  -13.777 1.00 13.61 ? 114 ASP A N   1 
ATOM   899  C CA  . ASP A 1 115 ? -3.200  -1.537  -15.094 1.00 15.71 ? 114 ASP A CA  1 
ATOM   900  C C   . ASP A 1 115 ? -2.629  -0.302  -15.760 1.00 16.41 ? 114 ASP A C   1 
ATOM   901  O O   . ASP A 1 115 ? -3.069  0.840   -15.540 1.00 17.13 ? 114 ASP A O   1 
ATOM   902  C CB  . ASP A 1 115 ? -4.718  -1.477  -14.925 1.00 17.25 ? 114 ASP A CB  1 
ATOM   903  C CG  . ASP A 1 115 ? -5.453  -1.283  -16.252 1.00 23.32 ? 114 ASP A CG  1 
ATOM   904  O OD1 . ASP A 1 115 ? -4.797  -1.191  -17.302 1.00 26.09 ? 114 ASP A OD1 1 
ATOM   905  O OD2 . ASP A 1 115 ? -6.691  -1.154  -16.202 1.00 28.51 ? 114 ASP A OD2 1 
ATOM   906  N N   . CYS A 1 116 ? -1.597  -0.549  -16.554 1.00 17.16 ? 115 CYS A N   1 
ATOM   907  C CA  . CYS A 1 116 ? -0.882  0.533   -17.223 1.00 17.25 ? 115 CYS A CA  1 
ATOM   908  C C   . CYS A 1 116 ? -1.547  1.126   -18.436 1.00 19.70 ? 115 CYS A C   1 
ATOM   909  O O   . CYS A 1 116 ? -1.019  2.127   -18.958 1.00 21.49 ? 115 CYS A O   1 
ATOM   910  C CB  . CYS A 1 116 ? 0.533   0.097   -17.565 1.00 17.88 ? 115 CYS A CB  1 
ATOM   911  S SG  . CYS A 1 116 ? 1.458   -0.263  -16.013 1.00 18.44 ? 115 CYS A SG  1 
ATOM   912  N N   . ALA A 1 117 ? -2.614  0.483   -18.901 1.00 21.02 ? 116 ALA A N   1 
ATOM   913  C CA  . ALA A 1 117 ? -3.399  1.030   -20.044 1.00 21.75 ? 116 ALA A CA  1 
ATOM   914  C C   . ALA A 1 117 ? -4.314  2.171   -19.612 1.00 22.32 ? 116 ALA A C   1 
ATOM   915  O O   . ALA A 1 117 ? -4.688  3.047   -20.416 1.00 23.96 ? 116 ALA A O   1 
ATOM   916  C CB  . ALA A 1 117 ? -4.163  -0.083  -20.719 1.00 21.76 ? 116 ALA A CB  1 
ATOM   917  N N   . CYS A 1 118 ? -4.689  2.172   -18.339 1.00 21.38 ? 117 CYS A N   1 
ATOM   918  C CA  . CYS A 1 118 ? -5.568  3.185   -17.766 1.00 20.69 ? 117 CYS A CA  1 
ATOM   919  C C   . CYS A 1 118 ? -4.764  4.365   -17.218 1.00 20.89 ? 117 CYS A C   1 
ATOM   920  O O   . CYS A 1 118 ? -3.732  4.156   -16.526 1.00 18.59 ? 117 CYS A O   1 
ATOM   921  C CB  . CYS A 1 118 ? -6.337  2.511   -16.628 1.00 22.23 ? 117 CYS A CB  1 
ATOM   922  S SG  . CYS A 1 118 ? -7.346  3.588   -15.646 1.00 24.22 ? 117 CYS A SG  1 
ATOM   923  N N   . SER A 1 119 ? -5.186  5.590   -17.540 1.00 20.09 ? 118 SER A N   1 
ATOM   924  C CA  . SER A 1 119 ? -4.498  6.792   -17.089 1.00 21.22 ? 118 SER A CA  1 
ATOM   925  C C   . SER A 1 119 ? -4.467  6.956   -15.556 1.00 20.43 ? 118 SER A C   1 
ATOM   926  O O   . SER A 1 119 ? -3.662  7.752   -15.032 1.00 20.98 ? 118 SER A O   1 
ATOM   927  C CB  . SER A 1 119 ? -5.028  8.045   -17.809 1.00 23.33 ? 118 SER A CB  1 
ATOM   928  O OG  . SER A 1 119 ? -6.414  8.166   -17.606 1.00 26.04 ? 118 SER A OG  1 
ATOM   929  N N   . ASP A 1 120 ? -5.286  6.182   -14.826 1.00 19.71 ? 119 ASP A N   1 
ATOM   930  C CA  . ASP A 1 120 ? -5.186  6.153   -13.350 1.00 19.29 ? 119 ASP A CA  1 
ATOM   931  C C   . ASP A 1 120 ? -3.809  5.710   -12.874 1.00 18.15 ? 119 ASP A C   1 
ATOM   932  O O   . ASP A 1 120 ? -3.456  5.944   -11.718 1.00 19.52 ? 119 ASP A O   1 
ATOM   933  C CB  . ASP A 1 120 ? -6.162  5.152   -12.745 1.00 20.49 ? 119 ASP A CB  1 
ATOM   934  C CG  . ASP A 1 120 ? -7.603  5.596   -12.793 1.00 25.61 ? 119 ASP A CG  1 
ATOM   935  O OD1 . ASP A 1 120 ? -7.868  6.814   -12.957 1.00 29.19 ? 119 ASP A OD1 1 
ATOM   936  O OD2 . ASP A 1 120 ? -8.455  4.709   -12.598 1.00 32.85 ? 119 ASP A OD2 1 
ATOM   937  N N   . ILE A 1 121 ? -3.038  5.063   -13.754 1.00 15.44 ? 120 ILE A N   1 
ATOM   938  C CA  . ILE A 1 121 ? -1.676  4.587   -13.353 1.00 14.52 ? 120 ILE A CA  1 
ATOM   939  C C   . ILE A 1 121 ? -0.683  5.741   -13.301 1.00 14.30 ? 120 ILE A C   1 
ATOM   940  O O   . ILE A 1 121 ? 0.422   5.603   -12.710 1.00 14.71 ? 120 ILE A O   1 
ATOM   941  C CB  . ILE A 1 121 ? -1.123  3.531   -14.340 1.00 14.95 ? 120 ILE A CB  1 
ATOM   942  C CG1 . ILE A 1 121 ? -0.002  2.690   -13.719 1.00 13.98 ? 120 ILE A CG1 1 
ATOM   943  C CG2 . ILE A 1 121 ? -0.628  4.208   -15.672 1.00 14.50 ? 120 ILE A CG2 1 
ATOM   944  C CD1 . ILE A 1 121 ? -0.471  1.868   -12.585 1.00 16.76 ? 120 ILE A CD1 1 
ATOM   945  N N   . LEU A 1 122 ? -1.022  6.880   -13.900 1.00 14.50 ? 121 LEU A N   1 
ATOM   946  C CA  . LEU A 1 122 ? 0.023   7.922   -14.014 1.00 14.86 ? 121 LEU A CA  1 
ATOM   947  C C   . LEU A 1 122 ? 0.563   8.422   -12.681 1.00 13.82 ? 121 LEU A C   1 
ATOM   948  O O   . LEU A 1 122 ? 1.793   8.745   -12.549 1.00 14.83 ? 121 LEU A O   1 
ATOM   949  C CB  . LEU A 1 122 ? -0.434  9.108   -14.893 1.00 16.03 ? 121 LEU A CB  1 
ATOM   950  C CG  . LEU A 1 122 ? -0.644  8.714   -16.344 1.00 19.28 ? 121 LEU A CG  1 
ATOM   951  C CD1 . LEU A 1 122 ? -1.278  9.886   -17.108 1.00 26.91 ? 121 LEU A CD1 1 
ATOM   952  C CD2 . LEU A 1 122 ? 0.609   8.205   -17.023 1.00 25.07 ? 121 LEU A CD2 1 
ATOM   953  N N   . TYR A 1 123 ? -0.307  8.530   -11.666 1.00 13.95 ? 122 TYR A N   1 
ATOM   954  C CA  . TYR A 1 123 ? 0.180   8.907   -10.371 1.00 13.09 ? 122 TYR A CA  1 
ATOM   955  C C   . TYR A 1 123 ? 1.310   7.983   -9.869  1.00 13.57 ? 122 TYR A C   1 
ATOM   956  O O   . TYR A 1 123 ? 2.418   8.436   -9.479  1.00 14.31 ? 122 TYR A O   1 
ATOM   957  C CB  . TYR A 1 123 ? -0.939  9.074   -9.334  1.00 14.06 ? 122 TYR A CB  1 
ATOM   958  C CG  . TYR A 1 123 ? -0.360  9.382   -7.965  1.00 12.02 ? 122 TYR A CG  1 
ATOM   959  C CD1 . TYR A 1 123 ? 0.163   10.643  -7.629  1.00 14.21 ? 122 TYR A CD1 1 
ATOM   960  C CD2 . TYR A 1 123 ? -0.305  8.396   -6.989  1.00 12.47 ? 122 TYR A CD2 1 
ATOM   961  C CE1 . TYR A 1 123 ? 0.701   10.871  -6.387  1.00 14.03 ? 122 TYR A CE1 1 
ATOM   962  C CE2 . TYR A 1 123 ? 0.211   8.602   -5.755  1.00 12.91 ? 122 TYR A CE2 1 
ATOM   963  C CZ  . TYR A 1 123 ? 0.726   9.841   -5.405  1.00 15.83 ? 122 TYR A CZ  1 
ATOM   964  O OH  . TYR A 1 123 ? 1.264   10.032  -4.154  1.00 17.91 ? 122 TYR A OH  1 
ATOM   965  N N   . LEU A 1 124 ? 1.003   6.689   -9.868  1.00 13.16 ? 123 LEU A N   1 
ATOM   966  C CA  . LEU A 1 124 ? 1.972   5.733   -9.340  1.00 12.67 ? 123 LEU A CA  1 
ATOM   967  C C   . LEU A 1 124 ? 3.246   5.747   -10.240 1.00 11.73 ? 123 LEU A C   1 
ATOM   968  O O   . LEU A 1 124 ? 4.370   5.731   -9.686  1.00 12.60 ? 123 LEU A O   1 
ATOM   969  C CB  . LEU A 1 124 ? 1.369   4.315   -9.305  1.00 13.15 ? 123 LEU A CB  1 
ATOM   970  C CG  . LEU A 1 124 ? 2.347   3.267   -8.796  1.00 12.22 ? 123 LEU A CG  1 
ATOM   971  C CD1 . LEU A 1 124 ? 2.855   3.549   -7.361  1.00 13.65 ? 123 LEU A CD1 1 
ATOM   972  C CD2 . LEU A 1 124 ? 1.689   1.854   -8.905  1.00 13.37 ? 123 LEU A CD2 1 
ATOM   973  N N   . SER A 1 125 ? 3.077   5.750   -11.580 1.00 12.52 ? 124 SER A N   1 
ATOM   974  C CA  . SER A 1 125 ? 4.247   5.754   -12.429 1.00 13.03 ? 124 SER A CA  1 
ATOM   975  C C   . SER A 1 125 ? 5.175   6.953   -12.138 1.00 13.53 ? 124 SER A C   1 
ATOM   976  O O   . SER A 1 125 ? 6.403   6.812   -11.964 1.00 13.95 ? 124 SER A O   1 
ATOM   977  C CB  . SER A 1 125 ? 3.784   5.831   -13.880 1.00 15.00 ? 124 SER A CB  1 
ATOM   978  O OG  . SER A 1 125 ? 4.900   5.917   -14.714 1.00 16.73 ? 124 SER A OG  1 
ATOM   979  N N   . ARG A 1 126 ? 4.575   8.140   -12.072 1.00 12.30 ? 125 ARG A N   1 
ATOM   980  C CA  . ARG A 1 126 ? 5.360   9.366   -11.784 1.00 12.77 ? 125 ARG A CA  1 
ATOM   981  C C   . ARG A 1 126 ? 5.976   9.281   -10.354 1.00 12.44 ? 125 ARG A C   1 
ATOM   982  O O   . ARG A 1 126 ? 7.136   9.694   -10.079 1.00 14.49 ? 125 ARG A O   1 
ATOM   983  C CB  . ARG A 1 126 ? 4.462   10.574  -11.994 1.00 13.52 ? 125 ARG A CB  1 
ATOM   984  C CG  . ARG A 1 126 ? 4.073   10.736  -13.427 1.00 16.25 ? 125 ARG A CG  1 
ATOM   985  C CD  . ARG A 1 126 ? 3.059   11.884  -13.621 1.00 14.98 ? 125 ARG A CD  1 
ATOM   986  N NE  . ARG A 1 126 ? 2.727   11.956  -15.035 1.00 16.09 ? 125 ARG A NE  1 
ATOM   987  C CZ  . ARG A 1 126 ? 1.694   12.657  -15.494 1.00 19.63 ? 125 ARG A CZ  1 
ATOM   988  N NH1 . ARG A 1 126 ? 0.936   13.353  -14.651 1.00 22.28 ? 125 ARG A NH1 1 
ATOM   989  N NH2 . ARG A 1 126 ? 1.457   12.651  -16.805 1.00 21.38 ? 125 ARG A NH2 1 
ATOM   990  N N   . TRP A 1 127 ? 5.205   8.783   -9.379  1.00 12.35 ? 126 TRP A N   1 
ATOM   991  C CA  . TRP A 1 127 ? 5.729   8.702   -8.044  1.00 12.21 ? 126 TRP A CA  1 
ATOM   992  C C   . TRP A 1 127 ? 6.964   7.771   -7.958  1.00 12.19 ? 126 TRP A C   1 
ATOM   993  O O   . TRP A 1 127 ? 7.980   8.148   -7.397  1.00 12.96 ? 126 TRP A O   1 
ATOM   994  C CB  . TRP A 1 127 ? 4.616   8.257   -7.054  1.00 12.47 ? 126 TRP A CB  1 
ATOM   995  C CG  . TRP A 1 127 ? 5.056   8.356   -5.618  1.00 13.38 ? 126 TRP A CG  1 
ATOM   996  C CD1 . TRP A 1 127 ? 4.945   9.468   -4.780  1.00 12.58 ? 126 TRP A CD1 1 
ATOM   997  C CD2 . TRP A 1 127 ? 5.774   7.369   -4.862  1.00 12.62 ? 126 TRP A CD2 1 
ATOM   998  N NE1 . TRP A 1 127 ? 5.518   9.192   -3.543  1.00 12.50 ? 126 TRP A NE1 1 
ATOM   999  C CE2 . TRP A 1 127 ? 6.006   7.893   -3.558  1.00 11.27 ? 126 TRP A CE2 1 
ATOM   1000 C CE3 . TRP A 1 127 ? 6.196   6.055   -5.146  1.00 12.79 ? 126 TRP A CE3 1 
ATOM   1001 C CZ2 . TRP A 1 127 ? 6.726   7.160   -2.567  1.00 13.45 ? 126 TRP A CZ2 1 
ATOM   1002 C CZ3 . TRP A 1 127 ? 6.911   5.353   -4.175  1.00 13.27 ? 126 TRP A CZ3 1 
ATOM   1003 C CH2 . TRP A 1 127 ? 7.164   5.883   -2.918  1.00 13.31 ? 126 TRP A CH2 1 
ATOM   1004 N N   . ILE A 1 128 ? 6.864   6.586   -8.567  1.00 12.48 ? 127 ILE A N   1 
ATOM   1005 C CA  . ILE A 1 128 ? 8.002   5.666   -8.547  1.00 12.90 ? 127 ILE A CA  1 
ATOM   1006 C C   . ILE A 1 128 ? 9.202   6.316   -9.250  1.00 12.38 ? 127 ILE A C   1 
ATOM   1007 O O   . ILE A 1 128 ? 10.333  6.203   -8.787  1.00 15.15 ? 127 ILE A O   1 
ATOM   1008 C CB  . ILE A 1 128 ? 7.691   4.318   -9.199  1.00 12.84 ? 127 ILE A CB  1 
ATOM   1009 C CG1 . ILE A 1 128 ? 6.643   3.580   -8.336  1.00 13.97 ? 127 ILE A CG1 1 
ATOM   1010 C CG2 . ILE A 1 128 ? 8.986   3.489   -9.219  1.00 13.72 ? 127 ILE A CG2 1 
ATOM   1011 C CD1 . ILE A 1 128 ? 6.046   2.386   -9.055  1.00 15.86 ? 127 ILE A CD1 1 
ATOM   1012 N N   . SER A 1 129 ? 8.920   7.035   -10.343 1.00 12.95 ? 128 SER A N   1 
ATOM   1013 C CA  . SER A 1 129 ? 10.011  7.708   -11.055 1.00 13.56 ? 128 SER A CA  1 
ATOM   1014 C C   . SER A 1 129 ? 10.770  8.692   -10.203 1.00 14.60 ? 128 SER A C   1 
ATOM   1015 O O   . SER A 1 129 ? 12.004  8.908   -10.407 1.00 16.02 ? 128 SER A O   1 
ATOM   1016 C CB  A SER A 1 129 ? 9.488   8.364   -12.338 0.65 13.86 ? 128 SER A CB  1 
ATOM   1017 C CB  B SER A 1 129 ? 9.458   8.432   -12.281 0.35 14.12 ? 128 SER A CB  1 
ATOM   1018 O OG  A SER A 1 129 ? 9.034   9.659   -12.059 0.65 13.68 ? 128 SER A OG  1 
ATOM   1019 O OG  B SER A 1 129 ? 9.058   7.482   -13.236 0.35 17.45 ? 128 SER A OG  1 
ATOM   1020 N N   . GLN A 1 130 ? 10.090  9.289   -9.210  1.00 14.98 ? 129 GLN A N   1 
ATOM   1021 C CA  . GLN A 1 130 ? 10.712  10.280  -8.342  1.00 15.72 ? 129 GLN A CA  1 
ATOM   1022 C C   . GLN A 1 130 ? 11.289  9.722   -7.051  1.00 15.22 ? 129 GLN A C   1 
ATOM   1023 O O   . GLN A 1 130 ? 12.023  10.409  -6.325  1.00 17.86 ? 129 GLN A O   1 
ATOM   1024 C CB  . GLN A 1 130 ? 9.693   11.394  -8.051  1.00 18.15 ? 129 GLN A CB  1 
ATOM   1025 C CG  . GLN A 1 130 ? 9.180   12.008  -9.310  1.00 18.95 ? 129 GLN A CG  1 
ATOM   1026 C CD  . GLN A 1 130 ? 10.321  12.637  -10.128 1.00 20.15 ? 129 GLN A CD  1 
ATOM   1027 O OE1 . GLN A 1 130 ? 10.979  13.581  -9.668  1.00 23.77 ? 129 GLN A OE1 1 
ATOM   1028 N NE2 . GLN A 1 130 ? 10.557  12.107  -11.280 1.00 20.92 ? 129 GLN A NE2 1 
ATOM   1029 N N   . HIS A 1 131 ? 10.973  8.446   -6.751  1.00 14.24 ? 130 HIS A N   1 
ATOM   1030 C CA  . HIS A 1 131 ? 11.390  7.862   -5.501  1.00 15.29 ? 130 HIS A CA  1 
ATOM   1031 C C   . HIS A 1 131 ? 11.915  6.447   -5.672  1.00 16.09 ? 130 HIS A C   1 
ATOM   1032 O O   . HIS A 1 131 ? 11.541  5.523   -4.901  1.00 14.99 ? 130 HIS A O   1 
ATOM   1033 C CB  . HIS A 1 131 ? 10.205  7.819   -4.526  1.00 15.31 ? 130 HIS A CB  1 
ATOM   1034 C CG  . HIS A 1 131 ? 9.650   9.170   -4.205  1.00 15.54 ? 130 HIS A CG  1 
ATOM   1035 N ND1 . HIS A 1 131 ? 8.587   9.733   -4.885  1.00 20.65 ? 130 HIS A ND1 1 
ATOM   1036 C CD2 . HIS A 1 131 ? 10.088  10.119  -3.341  1.00 20.58 ? 130 HIS A CD2 1 
ATOM   1037 C CE1 . HIS A 1 131 ? 8.336   10.934  -4.393  1.00 21.62 ? 130 HIS A CE1 1 
ATOM   1038 N NE2 . HIS A 1 131 ? 9.206   11.174  -3.433  1.00 21.88 ? 130 HIS A NE2 1 
ATOM   1039 N N   . PRO A 1 132 ? 12.802  6.235   -6.639  1.00 16.08 ? 131 PRO A N   1 
ATOM   1040 C CA  . PRO A 1 132 ? 13.260  4.891   -6.901  1.00 16.91 ? 131 PRO A CA  1 
ATOM   1041 C C   . PRO A 1 132 ? 14.007  4.319   -5.692  1.00 16.07 ? 131 PRO A C   1 
ATOM   1042 O O   . PRO A 1 132 ? 13.935  3.090   -5.514  1.00 17.71 ? 131 PRO A O   1 
ATOM   1043 C CB  . PRO A 1 132 ? 14.189  5.061   -8.115  1.00 17.65 ? 131 PRO A CB  1 
ATOM   1044 C CG  . PRO A 1 132 ? 14.722  6.437   -7.977  1.00 16.99 ? 131 PRO A CG  1 
ATOM   1045 C CD  . PRO A 1 132 ? 13.478  7.220   -7.516  1.00 16.63 ? 131 PRO A CD  1 
ATOM   1046 N N   . GLY A 1 133 ? 14.634  5.174   -4.882  1.00 15.02 ? 132 GLY A N   1 
ATOM   1047 C CA  . GLY A 1 133 ? 15.413  4.719   -3.733  1.00 14.72 ? 132 GLY A CA  1 
ATOM   1048 C C   . GLY A 1 133 ? 14.561  4.266   -2.583  1.00 15.25 ? 132 GLY A C   1 
ATOM   1049 O O   . GLY A 1 133 ? 15.136  3.867   -1.534  1.00 16.72 ? 132 GLY A O   1 
ATOM   1050 N N   . LEU A 1 134 ? 13.235  4.399   -2.727  1.00 13.13 ? 133 LEU A N   1 
ATOM   1051 C CA  . LEU A 1 134 ? 12.334  3.943   -1.645  1.00 13.03 ? 133 LEU A CA  1 
ATOM   1052 C C   . LEU A 1 134 ? 11.670  2.617   -1.983  1.00 13.31 ? 133 LEU A C   1 
ATOM   1053 O O   . LEU A 1 134 ? 10.964  2.082   -1.110  1.00 13.31 ? 133 LEU A O   1 
ATOM   1054 C CB  . LEU A 1 134 ? 11.226  4.984   -1.392  1.00 13.97 ? 133 LEU A CB  1 
ATOM   1055 C CG  . LEU A 1 134 ? 11.732  6.419   -1.123  1.00 14.60 ? 133 LEU A CG  1 
ATOM   1056 C CD1 . LEU A 1 134 ? 10.450  7.191   -0.738  1.00 17.58 ? 133 LEU A CD1 1 
ATOM   1057 C CD2 . LEU A 1 134 ? 12.778  6.392   -0.029  1.00 16.21 ? 133 LEU A CD2 1 
ATOM   1058 N N   . VAL A 1 135 ? 11.802  2.117   -3.216  1.00 11.72 ? 134 VAL A N   1 
ATOM   1059 C CA  . VAL A 1 135 ? 10.928  1.001   -3.663  1.00 12.85 ? 134 VAL A CA  1 
ATOM   1060 C C   . VAL A 1 135 ? 11.706  -0.296  -3.629  1.00 13.15 ? 134 VAL A C   1 
ATOM   1061 O O   . VAL A 1 135 ? 12.730  -0.441  -4.331  1.00 13.61 ? 134 VAL A O   1 
ATOM   1062 C CB  . VAL A 1 135 ? 10.395  1.302   -5.056  1.00 13.39 ? 134 VAL A CB  1 
ATOM   1063 C CG1 . VAL A 1 135 ? 9.544   0.112   -5.516  1.00 13.77 ? 134 VAL A CG1 1 
ATOM   1064 C CG2 . VAL A 1 135 ? 9.563   2.573   -5.054  1.00 11.87 ? 134 VAL A CG2 1 
ATOM   1065 N N   . PHE A 1 136 ? 11.257  -1.240  -2.795  1.00 12.06 ? 135 PHE A N   1 
ATOM   1066 C CA  . PHE A 1 136 ? 11.990  -2.483  -2.548  1.00 12.14 ? 135 PHE A CA  1 
ATOM   1067 C C   . PHE A 1 136 ? 11.286  -3.701  -3.150  1.00 12.12 ? 135 PHE A C   1 
ATOM   1068 O O   . PHE A 1 136 ? 10.023  -3.766  -3.221  1.00 13.14 ? 135 PHE A O   1 
ATOM   1069 C CB  . PHE A 1 136 ? 12.118  -2.675  -1.025  1.00 13.87 ? 135 PHE A CB  1 
ATOM   1070 C CG  . PHE A 1 136 ? 13.121  -1.792  -0.419  1.00 12.01 ? 135 PHE A CG  1 
ATOM   1071 C CD1 . PHE A 1 136 ? 14.384  -2.273  -0.140  1.00 14.37 ? 135 PHE A CD1 1 
ATOM   1072 C CD2 . PHE A 1 136 ? 12.866  -0.424  -0.219  1.00 15.76 ? 135 PHE A CD2 1 
ATOM   1073 C CE1 . PHE A 1 136 ? 15.390  -1.442  0.382   1.00 16.95 ? 135 PHE A CE1 1 
ATOM   1074 C CE2 . PHE A 1 136 ? 13.844  0.434   0.319   1.00 17.98 ? 135 PHE A CE2 1 
ATOM   1075 C CZ  . PHE A 1 136 ? 15.132  -0.065  0.589   1.00 18.03 ? 135 PHE A CZ  1 
ATOM   1076 N N   . GLY A 1 137 ? 12.106  -4.664  -3.586  1.00 12.91 ? 136 GLY A N   1 
ATOM   1077 C CA  . GLY A 1 137 ? 11.581  -5.993  -3.922  1.00 14.04 ? 136 GLY A CA  1 
ATOM   1078 C C   . GLY A 1 137 ? 11.617  -6.897  -2.711  1.00 15.00 ? 136 GLY A C   1 
ATOM   1079 O O   . GLY A 1 137 ? 11.665  -6.443  -1.527  1.00 16.22 ? 136 GLY A O   1 
ATOM   1080 N N   . TYR A 1 138 ? 11.625  -8.217  -2.932  1.00 16.60 ? 137 TYR A N   1 
ATOM   1081 C CA  . TYR A 1 138 ? 11.636  -9.146  -1.798  1.00 18.71 ? 137 TYR A CA  1 
ATOM   1082 C C   . TYR A 1 138 ? 12.969  -9.104  -1.064  1.00 17.81 ? 137 TYR A C   1 
ATOM   1083 O O   . TYR A 1 138 ? 12.997  -9.372  0.157   1.00 19.22 ? 137 TYR A O   1 
ATOM   1084 C CB  . TYR A 1 138 ? 11.303  -10.615 -2.228  1.00 19.21 ? 137 TYR A CB  1 
ATOM   1085 C CG  . TYR A 1 138 ? 9.907   -10.714 -2.816  1.00 19.56 ? 137 TYR A CG  1 
ATOM   1086 C CD1 . TYR A 1 138 ? 8.754   -10.490 -2.012  1.00 21.34 ? 137 TYR A CD1 1 
ATOM   1087 C CD2 . TYR A 1 138 ? 9.728   -10.978 -4.174  1.00 19.20 ? 137 TYR A CD2 1 
ATOM   1088 C CE1 . TYR A 1 138 ? 7.433   -10.563 -2.579  1.00 22.74 ? 137 TYR A CE1 1 
ATOM   1089 C CE2 . TYR A 1 138 ? 8.443   -11.046 -4.742  1.00 23.20 ? 137 TYR A CE2 1 
ATOM   1090 C CZ  . TYR A 1 138 ? 7.313   -10.818 -3.934  1.00 24.46 ? 137 TYR A CZ  1 
ATOM   1091 O OH  . TYR A 1 138 ? 6.075   -10.861 -4.520  1.00 24.64 ? 137 TYR A OH  1 
ATOM   1092 N N   . LEU A 1 139 ? 14.053  -8.715  -1.753  1.00 16.55 ? 138 LEU A N   1 
ATOM   1093 C CA  . LEU A 1 139 ? 15.385  -8.819  -1.173  1.00 15.89 ? 138 LEU A CA  1 
ATOM   1094 C C   . LEU A 1 139 ? 16.051  -7.474  -0.934  1.00 17.10 ? 138 LEU A C   1 
ATOM   1095 O O   . LEU A 1 139 ? 16.744  -7.297  0.083   1.00 19.15 ? 138 LEU A O   1 
ATOM   1096 C CB  . LEU A 1 139 ? 16.312  -9.665  -2.068  1.00 16.21 ? 138 LEU A CB  1 
ATOM   1097 C CG  . LEU A 1 139 ? 15.796  -11.070 -2.396  1.00 16.22 ? 138 LEU A CG  1 
ATOM   1098 C CD1 . LEU A 1 139 ? 16.848  -11.689 -3.302  1.00 18.13 ? 138 LEU A CD1 1 
ATOM   1099 C CD2 . LEU A 1 139 ? 15.591  -11.940 -1.084  1.00 17.29 ? 138 LEU A CD2 1 
ATOM   1100 N N   . ASN A 1 140 ? 15.904  -6.547  -1.877  1.00 15.24 ? 139 ASN A N   1 
ATOM   1101 C CA  . ASN A 1 140 ? 16.605  -5.272  -1.787  1.00 15.99 ? 139 ASN A CA  1 
ATOM   1102 C C   . ASN A 1 140 ? 15.916  -4.260  -2.709  1.00 15.69 ? 139 ASN A C   1 
ATOM   1103 O O   . ASN A 1 140 ? 14.882  -4.539  -3.263  1.00 15.78 ? 139 ASN A O   1 
ATOM   1104 C CB  . ASN A 1 140 ? 18.057  -5.450  -2.215  1.00 16.79 ? 139 ASN A CB  1 
ATOM   1105 C CG  . ASN A 1 140 ? 19.019  -4.622  -1.378  1.00 22.54 ? 139 ASN A CG  1 
ATOM   1106 O OD1 . ASN A 1 140 ? 18.798  -3.435  -1.174  1.00 23.16 ? 139 ASN A OD1 1 
ATOM   1107 N ND2 . ASN A 1 140 ? 20.126  -5.258  -0.920  1.00 26.74 ? 139 ASN A ND2 1 
ATOM   1108 N N   . LEU A 1 141 ? 16.545  -3.107  -2.898  1.00 16.47 ? 140 LEU A N   1 
ATOM   1109 C CA  . LEU A 1 141 ? 16.000  -2.040  -3.712  1.00 18.40 ? 140 LEU A CA  1 
ATOM   1110 C C   . LEU A 1 141 ? 15.661  -2.622  -5.085  1.00 19.50 ? 140 LEU A C   1 
ATOM   1111 O O   . LEU A 1 141 ? 16.426  -3.436  -5.658  1.00 19.86 ? 140 LEU A O   1 
ATOM   1112 C CB  . LEU A 1 141 ? 17.077  -0.950  -3.838  1.00 20.60 ? 140 LEU A CB  1 
ATOM   1113 C CG  . LEU A 1 141 ? 16.813  0.549   -3.723  1.00 26.37 ? 140 LEU A CG  1 
ATOM   1114 C CD1 . LEU A 1 141 ? 15.615  0.952   -2.869  1.00 22.10 ? 140 LEU A CD1 1 
ATOM   1115 C CD2 . LEU A 1 141 ? 18.114  1.246   -3.217  1.00 22.99 ? 140 LEU A CD2 1 
ATOM   1116 N N   . ASP A 1 142 ? 14.505  -2.236  -5.619  1.00 18.49 ? 141 ASP A N   1 
ATOM   1117 C CA  . ASP A 1 142 ? 14.096  -2.712  -6.945  1.00 19.96 ? 141 ASP A CA  1 
ATOM   1118 C C   . ASP A 1 142 ? 12.899  -1.911  -7.456  1.00 18.12 ? 141 ASP A C   1 
ATOM   1119 O O   . ASP A 1 142 ? 11.776  -2.423  -7.462  1.00 18.51 ? 141 ASP A O   1 
ATOM   1120 C CB  . ASP A 1 142 ? 13.762  -4.201  -6.930  1.00 20.93 ? 141 ASP A CB  1 
ATOM   1121 C CG  . ASP A 1 142 ? 13.674  -4.814  -8.354  1.00 25.65 ? 141 ASP A CG  1 
ATOM   1122 O OD1 . ASP A 1 142 ? 13.804  -4.050  -9.336  1.00 28.63 ? 141 ASP A OD1 1 
ATOM   1123 O OD2 . ASP A 1 142 ? 13.478  -6.054  -8.434  1.00 29.13 ? 141 ASP A OD2 1 
ATOM   1124 N N   . PRO A 1 143 ? 13.154  -0.672  -7.897  1.00 18.71 ? 142 PRO A N   1 
ATOM   1125 C CA  . PRO A 1 143 ? 12.021  0.126   -8.348  1.00 18.75 ? 142 PRO A CA  1 
ATOM   1126 C C   . PRO A 1 143 ? 11.373  -0.410  -9.602  1.00 18.86 ? 142 PRO A C   1 
ATOM   1127 O O   . PRO A 1 143 ? 10.239  -0.031  -9.875  1.00 19.91 ? 142 PRO A O   1 
ATOM   1128 C CB  . PRO A 1 143 ? 12.607  1.516   -8.545  1.00 20.25 ? 142 PRO A CB  1 
ATOM   1129 C CG  . PRO A 1 143 ? 14.075  1.273   -8.769  1.00 21.02 ? 142 PRO A CG  1 
ATOM   1130 C CD  . PRO A 1 143 ? 14.406  0.095   -7.875  1.00 19.14 ? 142 PRO A CD  1 
ATOM   1131 N N   . ASP A 1 144 ? 12.047  -1.278  -10.370 1.00 17.89 ? 143 ASP A N   1 
ATOM   1132 C CA  . ASP A 1 144 ? 11.399  -1.888  -11.540 1.00 17.50 ? 143 ASP A CA  1 
ATOM   1133 C C   . ASP A 1 144 ? 10.506  -3.088  -11.201 1.00 18.68 ? 143 ASP A C   1 
ATOM   1134 O O   . ASP A 1 144 ? 9.855   -3.695  -12.069 1.00 19.20 ? 143 ASP A O   1 
ATOM   1135 C CB  . ASP A 1 144 ? 12.459  -2.294  -12.580 1.00 18.43 ? 143 ASP A CB  1 
ATOM   1136 C CG  . ASP A 1 144 ? 13.125  -1.093  -13.204 1.00 21.80 ? 143 ASP A CG  1 
ATOM   1137 O OD1 . ASP A 1 144 ? 12.430  -0.091  -13.501 1.00 24.47 ? 143 ASP A OD1 1 
ATOM   1138 O OD2 . ASP A 1 144 ? 14.382  -1.127  -13.378 1.00 27.59 ? 143 ASP A OD2 1 
ATOM   1139 N N   . SER A 1 145 ? 10.450  -3.436  -9.920  1.00 18.11 ? 144 SER A N   1 
ATOM   1140 C CA  . SER A 1 145 ? 9.665   -4.615  -9.528  1.00 17.99 ? 144 SER A CA  1 
ATOM   1141 C C   . SER A 1 145 ? 8.148   -4.393  -9.577  1.00 16.68 ? 144 SER A C   1 
ATOM   1142 O O   . SER A 1 145 ? 7.400   -5.369  -9.592  1.00 19.31 ? 144 SER A O   1 
ATOM   1143 C CB  . SER A 1 145 ? 10.060  -5.111  -8.117  1.00 19.76 ? 144 SER A CB  1 
ATOM   1144 O OG  . SER A 1 145 ? 9.721   -4.120  -7.162  1.00 18.40 ? 144 SER A OG  1 
ATOM   1145 N N   . ALA A 1 146 ? 7.695   -3.120  -9.569  1.00 14.33 ? 145 ALA A N   1 
ATOM   1146 C CA  . ALA A 1 146 ? 6.282   -2.847  -9.854  1.00 13.61 ? 145 ALA A CA  1 
ATOM   1147 C C   . ALA A 1 146 ? 6.122   -2.865  -11.358 1.00 13.92 ? 145 ALA A C   1 
ATOM   1148 O O   . ALA A 1 146 ? 6.694   -2.015  -12.017 1.00 13.99 ? 145 ALA A O   1 
ATOM   1149 C CB  . ALA A 1 146 ? 5.841   -1.506  -9.240  1.00 14.80 ? 145 ALA A CB  1 
ATOM   1150 N N   . ARG A 1 147 ? 5.382   -3.838  -11.889 1.00 14.20 ? 146 ARG A N   1 
ATOM   1151 C CA  . ARG A 1 147 ? 5.312   -4.114  -13.324 1.00 14.44 ? 146 ARG A CA  1 
ATOM   1152 C C   . ARG A 1 147 ? 3.895   -4.058  -13.816 1.00 15.63 ? 146 ARG A C   1 
ATOM   1153 O O   . ARG A 1 147 ? 2.965   -4.430  -13.119 1.00 14.97 ? 146 ARG A O   1 
ATOM   1154 C CB  . ARG A 1 147 ? 5.859   -5.530  -13.581 1.00 17.15 ? 146 ARG A CB  1 
ATOM   1155 C CG  . ARG A 1 147 ? 7.321   -5.616  -13.257 1.00 22.70 ? 146 ARG A CG  1 
ATOM   1156 C CD  . ARG A 1 147 ? 7.834   -6.955  -13.564 1.00 30.37 ? 146 ARG A CD  1 
ATOM   1157 N NE  . ARG A 1 147 ? 9.293   -6.915  -13.457 1.00 35.05 ? 146 ARG A NE  1 
ATOM   1158 C CZ  . ARG A 1 147 ? 10.093  -7.865  -13.929 1.00 38.21 ? 146 ARG A CZ  1 
ATOM   1159 N NH1 . ARG A 1 147 ? 9.556   -8.923  -14.548 1.00 36.32 ? 146 ARG A NH1 1 
ATOM   1160 N NH2 . ARG A 1 147 ? 11.412  -7.742  -13.789 1.00 36.93 ? 146 ARG A NH2 1 
ATOM   1161 N N   . CYS A 1 148 ? 3.749   -3.582  -15.037 1.00 16.43 ? 147 CYS A N   1 
ATOM   1162 C CA  . CYS A 1 148 ? 2.447   -3.533  -15.685 1.00 18.35 ? 147 CYS A CA  1 
ATOM   1163 C C   . CYS A 1 148 ? 1.935   -4.944  -15.923 1.00 19.57 ? 147 CYS A C   1 
ATOM   1164 O O   . CYS A 1 148 ? 2.665   -5.826  -16.390 1.00 20.43 ? 147 CYS A O   1 
ATOM   1165 C CB  . CYS A 1 148 ? 2.596   -2.786  -17.008 1.00 18.48 ? 147 CYS A CB  1 
ATOM   1166 S SG  . CYS A 1 148 ? 3.154   -1.065  -16.793 1.00 19.90 ? 147 CYS A SG  1 
ATOM   1167 N N   . SER A 1 149 ? 0.673   -5.176  -15.602 1.00 21.36 ? 148 SER A N   1 
ATOM   1168 C CA  . SER A 1 149 ? 0.008   -6.396  -16.077 1.00 26.20 ? 148 SER A CA  1 
ATOM   1169 C C   . SER A 1 149 ? 0.094   -6.529  -17.629 1.00 27.65 ? 148 SER A C   1 
ATOM   1170 O O   . SER A 1 149 ? 0.006   -5.548  -18.400 1.00 27.92 ? 148 SER A O   1 
ATOM   1171 C CB  . SER A 1 149 ? -1.439  -6.372  -15.593 1.00 26.58 ? 148 SER A CB  1 
ATOM   1172 O OG  . SER A 1 149 ? -2.234  -7.316  -16.276 1.00 33.64 ? 148 SER A OG  1 
ATOM   1173 N N   . GLY A 1 150 ? 0.307   -7.747  -18.096 1.00 29.80 ? 149 GLY A N   1 
ATOM   1174 C CA  . GLY A 1 150 ? 0.277   -8.013  -19.527 1.00 30.74 ? 149 GLY A CA  1 
ATOM   1175 C C   . GLY A 1 150 ? 1.566   -7.675  -20.245 1.00 32.75 ? 149 GLY A C   1 
ATOM   1176 O O   . GLY A 1 150 ? 2.038   -8.492  -21.043 1.00 34.13 ? 149 GLY A O   1 
ATOM   1177 N N   . ASN A 1 152 ? 4.939   -6.941  -19.224 1.00 15.00 ? 151 ASN A N   1 
ATOM   1178 C CA  . ASN A 1 152 ? 5.149   -6.451  -17.867 1.00 15.00 ? 151 ASN A CA  1 
ATOM   1179 C C   . ASN A 1 152 ? 6.324   -5.479  -17.814 1.00 15.00 ? 151 ASN A C   1 
ATOM   1180 O O   . ASN A 1 152 ? 7.313   -5.601  -17.081 1.00 30.76 ? 151 ASN A O   1 
ATOM   1181 C CB  . ASN A 1 152 ? 5.399   -7.621  -16.912 1.00 15.00 ? 151 ASN A CB  1 
ATOM   1182 C CG  . ASN A 1 152 ? 4.260   -8.620  -16.905 1.00 15.00 ? 151 ASN A CG  1 
ATOM   1183 O OD1 . ASN A 1 152 ? 3.122   -8.280  -16.579 1.00 15.00 ? 151 ASN A OD1 1 
ATOM   1184 N ND2 . ASN A 1 152 ? 4.560   -9.863  -17.260 1.00 15.00 ? 151 ASN A ND2 1 
ATOM   1185 N N   . THR A 1 153 ? 6.230   -4.353  -18.595 1.00 26.72 ? 152 THR A N   1 
ATOM   1186 C CA  . THR A 1 153 ? 7.150   -3.210  -18.455 1.00 23.69 ? 152 THR A CA  1 
ATOM   1187 C C   . THR A 1 153 ? 7.002   -2.605  -17.028 1.00 19.58 ? 152 THR A C   1 
ATOM   1188 O O   . THR A 1 153 ? 5.896   -2.607  -16.435 1.00 18.49 ? 152 THR A O   1 
ATOM   1189 C CB  . THR A 1 153 ? 7.032   -2.140  -19.624 1.00 25.89 ? 152 THR A CB  1 
ATOM   1190 O OG1 . THR A 1 153 ? 6.654   -0.798  -19.215 1.00 27.87 ? 152 THR A OG1 1 
ATOM   1191 C CG2 . THR A 1 153 ? 6.188   -2.620  -20.740 1.00 22.43 ? 152 THR A CG2 1 
ATOM   1192 N N   . PRO A 1 154 ? 8.113   -2.103  -16.467 1.00 17.15 ? 153 PRO A N   1 
ATOM   1193 C CA  . PRO A 1 154 ? 8.007   -1.473  -15.147 1.00 15.58 ? 153 PRO A CA  1 
ATOM   1194 C C   . PRO A 1 154 ? 7.046   -0.301  -15.172 1.00 14.39 ? 153 PRO A C   1 
ATOM   1195 O O   . PRO A 1 154 ? 6.973   0.426   -16.157 1.00 15.45 ? 153 PRO A O   1 
ATOM   1196 C CB  . PRO A 1 154 ? 9.417   -0.939  -14.900 1.00 16.36 ? 153 PRO A CB  1 
ATOM   1197 C CG  . PRO A 1 154 ? 10.313  -1.931  -15.677 1.00 19.19 ? 153 PRO A CG  1 
ATOM   1198 C CD  . PRO A 1 154 ? 9.524   -2.146  -16.933 1.00 18.48 ? 153 PRO A CD  1 
ATOM   1199 N N   . VAL A 1 155 ? 6.281   -0.135  -14.094 1.00 14.13 ? 154 VAL A N   1 
ATOM   1200 C CA  . VAL A 1 155 ? 5.305   0.942   -14.051 1.00 13.86 ? 154 VAL A CA  1 
ATOM   1201 C C   . VAL A 1 155 ? 6.010   2.282   -14.202 1.00 14.65 ? 154 VAL A C   1 
ATOM   1202 O O   . VAL A 1 155 ? 5.474   3.186   -14.841 1.00 14.40 ? 154 VAL A O   1 
ATOM   1203 C CB  . VAL A 1 155 ? 4.551   0.829   -12.706 1.00 13.60 ? 154 VAL A CB  1 
ATOM   1204 C CG1 . VAL A 1 155 ? 3.667   2.044   -12.458 1.00 14.78 ? 154 VAL A CG1 1 
ATOM   1205 C CG2 . VAL A 1 155 ? 3.671   -0.439  -12.713 1.00 14.31 ? 154 VAL A CG2 1 
ATOM   1206 N N   . ARG A 1 156 ? 7.203   2.429   -13.624 1.00 14.21 ? 155 ARG A N   1 
ATOM   1207 C CA  . ARG A 1 156 ? 7.884   3.752   -13.741 1.00 15.12 ? 155 ARG A CA  1 
ATOM   1208 C C   . ARG A 1 156 ? 8.312   4.079   -15.165 1.00 16.09 ? 155 ARG A C   1 
ATOM   1209 O O   . ARG A 1 156 ? 8.550   5.266   -15.451 1.00 15.52 ? 155 ARG A O   1 
ATOM   1210 C CB  . ARG A 1 156 ? 9.104   3.810   -12.859 1.00 16.14 ? 155 ARG A CB  1 
ATOM   1211 C CG  . ARG A 1 156 ? 10.219  2.935   -13.251 1.00 18.63 ? 155 ARG A CG  1 
ATOM   1212 C CD  . ARG A 1 156 ? 11.478  3.442   -12.504 1.00 19.43 ? 155 ARG A CD  1 
ATOM   1213 N NE  . ARG A 1 156 ? 12.588  2.512   -12.720 1.00 19.92 ? 155 ARG A NE  1 
ATOM   1214 C CZ  . ARG A 1 156 ? 13.828  2.732   -12.264 1.00 21.52 ? 155 ARG A CZ  1 
ATOM   1215 N NH1 . ARG A 1 156 ? 14.131  3.886   -11.621 1.00 19.56 ? 155 ARG A NH1 1 
ATOM   1216 N NH2 . ARG A 1 156 ? 14.777  1.827   -12.506 1.00 24.97 ? 155 ARG A NH2 1 
ATOM   1217 N N   . ALA A 1 157 ? 8.351   3.070   -16.031 1.00 16.44 ? 156 ALA A N   1 
ATOM   1218 C CA  . ALA A 1 157 ? 8.843   3.250   -17.418 1.00 19.02 ? 156 ALA A CA  1 
ATOM   1219 C C   . ALA A 1 157 ? 7.685   3.475   -18.392 1.00 20.01 ? 156 ALA A C   1 
ATOM   1220 O O   . ALA A 1 157 ? 7.890   3.599   -19.611 1.00 22.11 ? 156 ALA A O   1 
ATOM   1221 C CB  . ALA A 1 157 ? 9.654   1.967   -17.833 1.00 16.35 ? 156 ALA A CB  1 
ATOM   1222 N N   . VAL A 1 158 ? 6.451   3.452   -17.897 1.00 20.56 ? 157 VAL A N   1 
ATOM   1223 C CA  . VAL A 1 158 ? 5.277   3.741   -18.726 1.00 22.67 ? 157 VAL A CA  1 
ATOM   1224 C C   . VAL A 1 158 ? 5.533   5.061   -19.431 1.00 23.03 ? 157 VAL A C   1 
ATOM   1225 O O   . VAL A 1 158 ? 5.830   6.081   -18.777 1.00 22.65 ? 157 VAL A O   1 
ATOM   1226 C CB  . VAL A 1 158 ? 3.986   3.727   -17.870 1.00 22.45 ? 157 VAL A CB  1 
ATOM   1227 C CG1 . VAL A 1 158 ? 2.796   4.318   -18.620 1.00 23.69 ? 157 VAL A CG1 1 
ATOM   1228 C CG2 . VAL A 1 158 ? 3.730   2.295   -17.425 1.00 22.11 ? 157 VAL A CG2 1 
ATOM   1229 N N   . THR A 1 159 ? 5.564   5.045   -20.780 1.00 25.75 ? 158 THR A N   1 
ATOM   1230 C CA  . THR A 1 159 ? 5.970   6.220   -21.562 1.00 27.18 ? 158 THR A CA  1 
ATOM   1231 C C   . THR A 1 159 ? 4.973   7.379   -21.465 1.00 27.18 ? 158 THR A C   1 
ATOM   1232 O O   . THR A 1 159 ? 5.459   8.518   -21.326 1.00 26.98 ? 158 THR A O   1 
ATOM   1233 C CB  . THR A 1 159 ? 6.372   5.932   -22.997 1.00 27.43 ? 158 THR A CB  1 
ATOM   1234 O OG1 . THR A 1 159 ? 5.307   5.456   -23.804 1.00 30.56 ? 158 THR A OG1 1 
ATOM   1235 C CG2 . THR A 1 159 ? 7.553   4.973   -23.107 1.00 28.48 ? 158 THR A CG2 1 
ATOM   1236 N N   . GLU A 1 160 ? 3.719   7.040   -21.423 1.00 26.66 ? 159 GLU A N   1 
ATOM   1237 C CA  . GLU A 1 160 ? 2.530   7.770   -21.136 1.00 28.16 ? 159 GLU A CA  1 
ATOM   1238 C C   . GLU A 1 160 ? 1.636   8.111   -22.298 1.00 31.19 ? 159 GLU A C   1 
ATOM   1239 O O   . GLU A 1 160 ? 0.397   8.167   -22.077 1.00 32.86 ? 159 GLU A O   1 
ATOM   1240 C CB  . GLU A 1 160 ? 2.678   8.959   -20.218 1.00 27.54 ? 159 GLU A CB  1 
ATOM   1241 C CG  . GLU A 1 160 ? 3.255   8.736   -18.848 1.00 25.98 ? 159 GLU A CG  1 
ATOM   1242 C CD  . GLU A 1 160 ? 3.396   10.046  -18.076 1.00 27.76 ? 159 GLU A CD  1 
ATOM   1243 O OE1 . GLU A 1 160 ? 4.089   10.060  -17.042 1.00 26.05 ? 159 GLU A OE1 1 
ATOM   1244 O OE2 . GLU A 1 160 ? 2.797   11.054  -18.519 1.00 29.46 ? 159 GLU A OE2 1 
ATOM   1245 N N   . ALA A 1 161 ? 2.116   7.986   -23.502 1.00 32.94 ? 160 ALA A N   1 
ATOM   1246 C CA  . ALA A 1 161 ? 1.163   8.017   -24.669 1.00 33.01 ? 160 ALA A CA  1 
ATOM   1247 C C   . ALA A 1 161 ? 0.432   6.664   -24.807 1.00 32.53 ? 160 ALA A C   1 
ATOM   1248 O O   . ALA A 1 161 ? -0.450  6.495   -25.638 1.00 33.05 ? 160 ALA A O   1 
ATOM   1249 C CB  . ALA A 1 161 ? 2.022   8.266   -25.923 1.00 34.18 ? 160 ALA A CB  1 
ATOM   1250 N N   . SER A 1 162 ? 0.765   5.700   -23.944 1.00 31.77 ? 161 SER A N   1 
ATOM   1251 C CA  . SER A 1 162 ? 0.263   4.345   -23.855 1.00 31.97 ? 161 SER A CA  1 
ATOM   1252 C C   . SER A 1 162 ? -1.084  4.287   -23.132 1.00 30.90 ? 161 SER A C   1 
ATOM   1253 O O   . SER A 1 162 ? -1.824  3.292   -23.219 1.00 32.30 ? 161 SER A O   1 
ATOM   1254 C CB  . SER A 1 162 ? 1.314   3.534   -23.042 1.00 32.73 ? 161 SER A CB  1 
ATOM   1255 O OG  . SER A 1 162 ? 1.999   4.384   -22.087 1.00 32.78 ? 161 SER A OG  1 
ATOM   1256 N N   . THR A 1 163 ? -1.404  5.345   -22.401 1.00 29.51 ? 162 THR A N   1 
ATOM   1257 C CA  . THR A 1 163 ? -2.503  5.250   -21.457 1.00 30.28 ? 162 THR A CA  1 
ATOM   1258 C C   . THR A 1 163 ? -3.706  6.028   -21.980 1.00 30.73 ? 162 THR A C   1 
ATOM   1259 O O   . THR A 1 163 ? -3.579  6.807   -22.920 1.00 31.50 ? 162 THR A O   1 
ATOM   1260 C CB  . THR A 1 163 ? -2.125  5.781   -20.092 1.00 29.95 ? 162 THR A CB  1 
ATOM   1261 O OG1 . THR A 1 163 ? -2.012  7.200   -20.166 1.00 32.06 ? 162 THR A OG1 1 
ATOM   1262 C CG2 . THR A 1 163 ? -0.812  5.176   -19.593 1.00 28.96 ? 162 THR A CG2 1 
ATOM   1263 N N   . SER A 1 164 ? -4.871  5.806   -21.381 1.00 29.89 ? 163 SER A N   1 
ATOM   1264 C CA  . SER A 1 164 ? -6.079  6.481   -21.821 1.00 30.79 ? 163 SER A CA  1 
ATOM   1265 C C   . SER A 1 164 ? -7.036  6.502   -20.649 1.00 31.67 ? 163 SER A C   1 
ATOM   1266 O O   . SER A 1 164 ? -7.132  5.522   -19.935 1.00 29.91 ? 163 SER A O   1 
ATOM   1267 C CB  . SER A 1 164 ? -6.730  5.720   -22.987 1.00 30.65 ? 163 SER A CB  1 
ATOM   1268 O OG  . SER A 1 164 ? -7.979  6.324   -23.322 1.00 33.02 ? 163 SER A OG  1 
ATOM   1269 N N   . PRO A 1 165 ? -7.765  7.614   -20.463 1.00 33.43 ? 164 PRO A N   1 
ATOM   1270 C CA  . PRO A 1 165 ? -8.885  7.579   -19.514 1.00 34.48 ? 164 PRO A CA  1 
ATOM   1271 C C   . PRO A 1 165 ? -10.001 6.596   -19.938 1.00 36.01 ? 164 PRO A C   1 
ATOM   1272 O O   . PRO A 1 165 ? -10.765 6.136   -19.088 1.00 36.48 ? 164 PRO A O   1 
ATOM   1273 C CB  . PRO A 1 165 ? -9.379  9.043   -19.465 1.00 34.12 ? 164 PRO A CB  1 
ATOM   1274 C CG  . PRO A 1 165 ? -8.821  9.695   -20.699 1.00 35.12 ? 164 PRO A CG  1 
ATOM   1275 C CD  . PRO A 1 165 ? -7.575  8.946   -21.082 1.00 33.52 ? 164 PRO A CD  1 
ATOM   1276 N N   . SER A 1 166 ? -10.053 6.246   -21.230 1.00 37.11 ? 165 SER A N   1 
ATOM   1277 C CA  . SER A 1 166 ? -11.073 5.338   -21.767 1.00 39.14 ? 165 SER A CA  1 
ATOM   1278 C C   . SER A 1 166 ? -10.838 3.856   -21.459 1.00 40.50 ? 165 SER A C   1 
ATOM   1279 O O   . SER A 1 166 ? -11.751 3.044   -21.625 1.00 41.47 ? 165 SER A O   1 
ATOM   1280 C CB  . SER A 1 166 ? -11.190 5.500   -23.286 1.00 39.48 ? 165 SER A CB  1 
ATOM   1281 O OG  . SER A 1 166 ? -10.190 4.719   -23.942 1.00 40.54 ? 165 SER A OG  1 
ATOM   1282 N N   . LYS A 1 167 ? -9.623  3.490   -21.049 1.00 41.20 ? 166 LYS A N   1 
ATOM   1283 C CA  . LYS A 1 167 ? -9.288  2.068   -20.844 1.00 41.99 ? 166 LYS A CA  1 
ATOM   1284 C C   . LYS A 1 167 ? -9.239  1.743   -19.365 1.00 41.89 ? 166 LYS A C   1 
ATOM   1285 O O   . LYS A 1 167 ? -8.366  0.985   -18.904 1.00 42.76 ? 166 LYS A O   1 
ATOM   1286 C CB  . LYS A 1 167 ? -7.966  1.701   -21.516 1.00 42.11 ? 166 LYS A CB  1 
ATOM   1287 C CG  . LYS A 1 167 ? -8.026  1.679   -23.027 1.00 44.02 ? 166 LYS A CG  1 
ATOM   1288 C CD  . LYS A 1 167 ? -6.638  1.500   -23.623 1.00 47.58 ? 166 LYS A CD  1 
ATOM   1289 C CE  . LYS A 1 167 ? -6.435  2.389   -24.857 1.00 48.82 ? 166 LYS A CE  1 
ATOM   1290 N NZ  . LYS A 1 167 ? -5.032  2.907   -24.931 1.00 49.89 ? 166 LYS A NZ  1 
ATOM   1291 N N   . CYS A 1 168 ? -10.201 2.305   -18.632 1.00 41.36 ? 167 CYS A N   1 
ATOM   1292 C CA  . CYS A 1 168 ? -10.266 2.173   -17.188 1.00 40.52 ? 167 CYS A CA  1 
ATOM   1293 C C   . CYS A 1 168 ? -11.492 1.367   -16.708 1.00 41.39 ? 167 CYS A C   1 
ATOM   1294 O O   . CYS A 1 168 ? -12.630 1.855   -16.727 1.00 41.87 ? 167 CYS A O   1 
ATOM   1295 C CB  . CYS A 1 168 ? -10.222 3.571   -16.571 1.00 39.68 ? 167 CYS A CB  1 
ATOM   1296 S SG  . CYS A 1 168 ? -8.646  4.428   -16.975 1.00 36.65 ? 167 CYS A SG  1 
HETATM 1297 O O   . HOH B 2 .   ? 8.133   -3.247  -4.981  1.00 14.43 ? 170 HOH A O   1 
HETATM 1298 O O   . HOH B 2 .   ? -1.757  5.515   -9.699  1.00 15.69 ? 171 HOH A O   1 
HETATM 1299 O O   . HOH B 2 .   ? -1.003  -3.034  -18.086 1.00 24.40 ? 172 HOH A O   1 
HETATM 1300 O O   . HOH B 2 .   ? -2.305  -10.527 -8.577  1.00 26.89 ? 173 HOH A O   1 
HETATM 1301 O O   . HOH B 2 .   ? 14.854  8.264   -4.016  1.00 34.76 ? 174 HOH A O   1 
HETATM 1302 O O   . HOH B 2 .   ? 2.252   7.918   10.976  1.00 15.88 ? 175 HOH A O   1 
HETATM 1303 O O   . HOH B 2 .   ? -1.068  5.416   15.716  1.00 17.16 ? 176 HOH A O   1 
HETATM 1304 O O   . HOH B 2 .   ? 5.548   9.072   6.317   1.00 19.02 ? 177 HOH A O   1 
HETATM 1305 O O   . HOH B 2 .   ? 8.275   0.342   -11.678 1.00 14.89 ? 178 HOH A O   1 
HETATM 1306 O O   . HOH B 2 .   ? -7.346  5.820   6.564   1.00 15.17 ? 179 HOH A O   1 
HETATM 1307 O O   . HOH B 2 .   ? 5.506   -1.026  18.036  1.00 24.27 ? 180 HOH A O   1 
HETATM 1308 O O   . HOH B 2 .   ? -3.544  8.638   1.221   1.00 19.28 ? 181 HOH A O   1 
HETATM 1309 O O   . HOH B 2 .   ? -4.477  -15.995 6.883   1.00 24.14 ? 182 HOH A O   1 
HETATM 1310 O O   . HOH B 2 .   ? 3.723   -5.542  -9.938  1.00 16.39 ? 183 HOH A O   1 
HETATM 1311 O O   . HOH B 2 .   ? -7.004  -0.671  -7.809  1.00 16.07 ? 184 HOH A O   1 
HETATM 1312 O O   . HOH B 2 .   ? 15.215  3.948   1.295   1.00 21.77 ? 185 HOH A O   1 
HETATM 1313 O O   . HOH B 2 .   ? -6.434  1.859   -5.581  1.00 17.80 ? 186 HOH A O   1 
HETATM 1314 O O   . HOH B 2 .   ? -11.285 -1.589  6.984   1.00 19.46 ? 187 HOH A O   1 
HETATM 1315 O O   . HOH B 2 .   ? 1.684   -6.986  -13.158 1.00 23.09 ? 188 HOH A O   1 
HETATM 1316 O O   . HOH B 2 .   ? -0.503  10.666  1.852   1.00 24.51 ? 189 HOH A O   1 
HETATM 1317 O O   . HOH B 2 .   ? -11.436 -4.044  5.978   1.00 19.52 ? 190 HOH A O   1 
HETATM 1318 O O   . HOH B 2 .   ? -12.397 -10.502 1.243   1.00 20.80 ? 191 HOH A O   1 
HETATM 1319 O O   . HOH B 2 .   ? 5.471   -7.725  -9.939  1.00 24.06 ? 192 HOH A O   1 
HETATM 1320 O O   . HOH B 2 .   ? -9.498  7.198   3.453   1.00 23.68 ? 193 HOH A O   1 
HETATM 1321 O O   . HOH B 2 .   ? -12.426 -7.190  2.787   1.00 21.85 ? 194 HOH A O   1 
HETATM 1322 O O   . HOH B 2 .   ? -1.131  0.069   19.916  1.00 20.83 ? 195 HOH A O   1 
HETATM 1323 O O   . HOH B 2 .   ? -9.363  -0.223  13.607  1.00 25.04 ? 196 HOH A O   1 
HETATM 1324 O O   . HOH B 2 .   ? -10.414 -0.607  -0.243  1.00 18.90 ? 197 HOH A O   1 
HETATM 1325 O O   . HOH B 2 .   ? -4.705  8.170   7.098   1.00 18.59 ? 198 HOH A O   1 
HETATM 1326 O O   . HOH B 2 .   ? 1.554   -15.462 8.407   1.00 30.23 ? 199 HOH A O   1 
HETATM 1327 O O   . HOH B 2 .   ? 5.606   6.602   16.234  1.00 23.56 ? 200 HOH A O   1 
HETATM 1328 O O   . HOH B 2 .   ? -1.313  13.035  11.413  1.00 27.53 ? 201 HOH A O   1 
HETATM 1329 O O   . HOH B 2 .   ? 6.305   -4.263  20.159  1.00 25.83 ? 202 HOH A O   1 
HETATM 1330 O O   . HOH B 2 .   ? -11.463 -9.014  11.085  1.00 39.62 ? 203 HOH A O   1 
HETATM 1331 O O   . HOH B 2 .   ? -12.877 -11.336 9.120   1.00 30.92 ? 204 HOH A O   1 
HETATM 1332 O O   . HOH B 2 .   ? -3.170  8.816   -11.718 1.00 28.58 ? 205 HOH A O   1 
HETATM 1333 O O   . HOH B 2 .   ? 1.669   11.777  12.598  1.00 30.31 ? 206 HOH A O   1 
HETATM 1334 O O   . HOH B 2 .   ? -8.517  3.113   15.176  1.00 30.28 ? 207 HOH A O   1 
HETATM 1335 O O   . HOH B 2 .   ? -8.231  4.980   12.571  1.00 26.28 ? 208 HOH A O   1 
HETATM 1336 O O   . HOH B 2 .   ? 7.486   9.831   0.316   1.00 31.97 ? 209 HOH A O   1 
HETATM 1337 O O   . HOH B 2 .   ? -5.099  -0.590  23.658  1.00 22.59 ? 210 HOH A O   1 
HETATM 1338 O O   . HOH B 2 .   ? 12.172  8.448   8.132   1.00 29.98 ? 211 HOH A O   1 
HETATM 1339 O O   . HOH B 2 .   ? -7.325  8.989   -8.471  1.00 33.18 ? 212 HOH A O   1 
HETATM 1340 O O   . HOH B 2 .   ? -4.795  -5.333  -14.222 1.00 35.28 ? 213 HOH A O   1 
HETATM 1341 O O   . HOH B 2 .   ? -12.413 -1.782  9.564   1.00 24.27 ? 214 HOH A O   1 
HETATM 1342 O O   . HOH B 2 .   ? 16.772  -6.311  -5.229  1.00 27.29 ? 215 HOH A O   1 
HETATM 1343 O O   . HOH B 2 .   ? -7.615  10.329  5.666   1.00 47.68 ? 216 HOH A O   1 
HETATM 1344 O O   . HOH B 2 .   ? 12.992  9.793   -2.241  1.00 27.98 ? 217 HOH A O   1 
HETATM 1345 O O   . HOH B 2 .   ? -5.460  9.810   16.836  1.00 26.58 ? 218 HOH A O   1 
HETATM 1346 O O   . HOH B 2 .   ? -7.567  13.401  3.560   1.00 27.98 ? 219 HOH A O   1 
HETATM 1347 O O   . HOH B 2 .   ? 5.663   10.910  -1.284  1.00 22.58 ? 220 HOH A O   1 
HETATM 1348 O O   . HOH B 2 .   ? 17.835  4.217   -1.365  1.00 33.43 ? 221 HOH A O   1 
HETATM 1349 O O   . HOH B 2 .   ? -3.348  -9.658  22.663  1.00 34.18 ? 222 HOH A O   1 
HETATM 1350 O O   . HOH B 2 .   ? -9.808  4.554   -4.867  1.00 33.21 ? 223 HOH A O   1 
HETATM 1351 O O   . HOH B 2 .   ? 16.832  3.675   -10.285 1.00 30.28 ? 224 HOH A O   1 
HETATM 1352 O O   . HOH B 2 .   ? -0.646  14.232  -6.341  1.00 26.72 ? 225 HOH A O   1 
HETATM 1353 O O   . HOH B 2 .   ? -3.607  14.060  12.281  1.00 35.32 ? 226 HOH A O   1 
HETATM 1354 O O   . HOH B 2 .   ? -4.613  7.720   -9.816  1.00 39.70 ? 227 HOH A O   1 
HETATM 1355 O O   . HOH B 2 .   ? 15.685  6.417   2.409   1.00 31.91 ? 228 HOH A O   1 
HETATM 1356 O O   . HOH B 2 .   ? -10.399 1.642   11.908  1.00 31.52 ? 229 HOH A O   1 
HETATM 1357 O O   . HOH B 2 .   ? -8.611  -4.413  -8.880  1.00 39.18 ? 230 HOH A O   1 
HETATM 1358 O O   . HOH B 2 .   ? -5.118  10.691  -12.927 1.00 50.07 ? 231 HOH A O   1 
HETATM 1359 O O   . HOH B 2 .   ? -0.725  -16.311 12.349  1.00 39.45 ? 232 HOH A O   1 
HETATM 1360 O O   . HOH B 2 .   ? 2.220   -8.763  19.082  1.00 37.73 ? 233 HOH A O   1 
HETATM 1361 O O   . HOH B 2 .   ? 1.491   -14.176 -3.762  1.00 28.50 ? 234 HOH A O   1 
HETATM 1362 O O   . HOH B 2 .   ? 13.125  10.337  0.403   1.00 37.98 ? 235 HOH A O   1 
HETATM 1363 O O   . HOH B 2 .   ? -2.156  -17.929 7.062   1.00 35.54 ? 236 HOH A O   1 
HETATM 1364 O O   . HOH B 2 .   ? -5.976  -16.172 4.726   1.00 40.30 ? 237 HOH A O   1 
HETATM 1365 O O   . HOH B 2 .   ? 7.733   0.124   17.553  1.00 26.44 ? 238 HOH A O   1 
HETATM 1366 O O   . HOH B 2 .   ? -4.435  1.819   -13.559 1.00 21.91 ? 239 HOH A O   1 
HETATM 1367 O O   . HOH B 2 .   ? -0.743  -10.644 -6.492  1.00 22.97 ? 240 HOH A O   1 
HETATM 1368 O O   . HOH B 2 .   ? -5.301  9.893   -2.103  1.00 23.23 ? 241 HOH A O   1 
HETATM 1369 O O   . HOH B 2 .   ? -11.985 6.354   -2.474  1.00 26.78 ? 242 HOH A O   1 
HETATM 1370 O O   . HOH B 2 .   ? 7.737   -10.424 -8.464  1.00 28.21 ? 243 HOH A O   1 
HETATM 1371 O O   . HOH B 2 .   ? 0.926   7.670   21.311  1.00 27.27 ? 244 HOH A O   1 
HETATM 1372 O O   . HOH B 2 .   ? -7.126  8.916   -13.214 1.00 33.91 ? 245 HOH A O   1 
HETATM 1373 O O   . HOH B 2 .   ? -16.327 2.996   8.288   1.00 35.56 ? 246 HOH A O   1 
HETATM 1374 O O   . HOH B 2 .   ? -1.351  -2.333  21.141  1.00 32.25 ? 247 HOH A O   1 
HETATM 1375 O O   . HOH B 2 .   ? 15.046  -1.483  -10.536 1.00 35.40 ? 248 HOH A O   1 
HETATM 1376 O O   . HOH B 2 .   ? -1.505  8.526   19.831  1.00 30.59 ? 249 HOH A O   1 
HETATM 1377 O O   . HOH B 2 .   ? 8.855   7.603   12.236  1.00 26.49 ? 250 HOH A O   1 
HETATM 1378 O O   . HOH B 2 .   ? -11.727 1.793   15.285  1.00 34.86 ? 251 HOH A O   1 
HETATM 1379 O O   . HOH B 2 .   ? -4.409  -8.021  -15.179 1.00 39.16 ? 252 HOH A O   1 
HETATM 1380 O O   . HOH B 2 .   ? 2.993   5.463   20.231  1.00 31.80 ? 253 HOH A O   1 
HETATM 1381 O O   . HOH B 2 .   ? -8.799  0.061   21.231  1.00 29.94 ? 254 HOH A O   1 
HETATM 1382 O O   . HOH B 2 .   ? -11.071 -5.636  21.726  1.00 38.17 ? 255 HOH A O   1 
HETATM 1383 O O   . HOH B 2 .   ? -8.496  -8.709  23.112  1.00 36.63 ? 256 HOH A O   1 
HETATM 1384 O O   . HOH B 2 .   ? -3.543  -14.867 2.751   1.00 29.99 ? 257 HOH A O   1 
HETATM 1385 O O   . HOH B 2 .   ? -11.884 -5.608  17.257  1.00 36.37 ? 258 HOH A O   1 
HETATM 1386 O O   . HOH B 2 .   ? -13.204 -6.094  14.565  1.00 38.72 ? 259 HOH A O   1 
HETATM 1387 O O   . HOH B 2 .   ? 19.294  -3.813  -5.312  1.00 40.69 ? 260 HOH A O   1 
HETATM 1388 O O   . HOH B 2 .   ? 1.788   -14.391 10.806  1.00 32.51 ? 261 HOH A O   1 
HETATM 1389 O O   . HOH B 2 .   ? -5.472  -18.385 9.793   1.00 34.90 ? 262 HOH A O   1 
HETATM 1390 O O   . HOH B 2 .   ? -12.913 0.136   11.234  1.00 44.69 ? 263 HOH A O   1 
HETATM 1391 O O   . HOH B 2 .   ? 17.402  0.968   -10.932 1.00 35.07 ? 264 HOH A O   1 
HETATM 1392 O O   . HOH B 2 .   ? 10.405  2.860   11.821  1.00 29.71 ? 265 HOH A O   1 
HETATM 1393 O O   . HOH B 2 .   ? -5.797  14.859  1.093   1.00 28.95 ? 266 HOH A O   1 
HETATM 1394 O O   . HOH B 2 .   ? -8.916  9.724   17.280  1.00 43.62 ? 267 HOH A O   1 
HETATM 1395 O O   . HOH B 2 .   ? -10.593 7.190   21.495  1.00 50.53 ? 268 HOH A O   1 
HETATM 1396 O O   . HOH B 2 .   ? -10.546 -9.809  -3.861  1.00 37.24 ? 269 HOH A O   1 
HETATM 1397 O O   . HOH B 2 .   ? 12.808  1.079   -15.955 1.00 34.81 ? 270 HOH A O   1 
HETATM 1398 O O   . HOH B 2 .   ? -7.318  -7.059  -9.726  1.00 32.37 ? 271 HOH A O   1 
HETATM 1399 O O   . HOH B 2 .   ? -6.640  -7.082  -12.675 1.00 34.59 ? 272 HOH A O   1 
HETATM 1400 O O   . HOH B 2 .   ? -7.705  3.598   -7.278  1.00 33.63 ? 273 HOH A O   1 
HETATM 1401 O O   . HOH B 2 .   ? -8.428  0.823   -9.487  1.00 35.49 ? 274 HOH A O   1 
HETATM 1402 O O   . HOH B 2 .   ? 4.130   13.057  -4.556  1.00 34.01 ? 275 HOH A O   1 
HETATM 1403 O O   . HOH B 2 .   ? 6.050   14.426  -5.443  1.00 41.14 ? 276 HOH A O   1 
HETATM 1404 O O   . HOH B 2 .   ? 3.243   15.201  5.633   1.00 36.89 ? 277 HOH A O   1 
HETATM 1405 O O   . HOH B 2 .   ? 3.358   16.348  2.327   1.00 34.94 ? 278 HOH A O   1 
HETATM 1406 O O   . HOH B 2 .   ? 13.248  8.676   2.630   1.00 34.27 ? 279 HOH A O   1 
HETATM 1407 O O   . HOH B 2 .   ? 13.086  -5.881  0.647   1.00 28.06 ? 280 HOH A O   1 
HETATM 1408 O O   . HOH B 2 .   ? 14.599  -6.306  3.609   1.00 53.12 ? 281 HOH A O   1 
HETATM 1409 O O   . HOH B 2 .   ? 14.560  -3.756  3.610   1.00 35.36 ? 282 HOH A O   1 
HETATM 1410 O O   . HOH B 2 .   ? 16.750  -1.001  4.848   1.00 30.19 ? 283 HOH A O   1 
HETATM 1411 O O   . HOH B 2 .   ? 10.775  -9.849  1.842   1.00 28.60 ? 284 HOH A O   1 
HETATM 1412 O O   . HOH B 2 .   ? 10.125  -9.946  4.322   1.00 40.40 ? 285 HOH A O   1 
HETATM 1413 O O   . HOH B 2 .   ? -7.306  0.743   -13.394 1.00 40.12 ? 286 HOH A O   1 
HETATM 1414 O O   . HOH B 2 .   ? -7.473  -1.362  -18.884 1.00 33.78 ? 287 HOH A O   1 
HETATM 1415 O O   . HOH B 2 .   ? -7.158  9.377   -15.514 1.00 37.51 ? 288 HOH A O   1 
HETATM 1416 O O   . HOH B 2 .   ? 4.946   2.631   -22.054 1.00 34.12 ? 289 HOH A O   1 
# 
